data_8ZD3
#
_entry.id   8ZD3
#
_cell.length_a   62.787
_cell.length_b   65.944
_cell.length_c   108.679
_cell.angle_alpha   89.619
_cell.angle_beta   107.771
_cell.angle_gamma   111.122
#
_symmetry.space_group_name_H-M   'P 1'
#
loop_
_entity.id
_entity.type
_entity.pdbx_description
1 polymer 'Alpha-protein kinase 1'
2 polymer 'Alpha-protein kinase 1'
3 non-polymer "CYTIDINE-5'-DIPHOSPHATE"
4 non-polymer (2R,3S,4S,5S,6R)-6-[(1S)-1,2-bis(oxidanyl)ethyl]oxane-2,3,4,5-tetrol
5 non-polymer 'ZINC ION'
6 water water
#
loop_
_entity_poly.entity_id
_entity_poly.type
_entity_poly.pdbx_seq_one_letter_code
_entity_poly.pdbx_strand_id
1 'polypeptide(L)'
;MNNQKVVAVLLQECKQVLDQLLLEAPDVSEEDKSEDQRCRALLPSELRTLIQEAKEMKWPFVPEKWQYKQAVGPEDKTNL
KDVIGAGLQQLLASLRASILARDCAAAAAIVFLVDRFLYGLDVSGKLLQVAKGLHKLQPATPIAPQVVIRQARISVNSGK
LLKAEYILSSLISNNGATGTWLYRNESDKVLVQSVCIQIRGQILQKLGMWYEAAELIWASIVGYLALPQPDKKGLSTSLG
ILADIFVSMSKNDYEKFKNNPQINLSLLKEFDHHLLSAAEACKLAAAFSAYTPLFVLTAVNIRGTCLLSYSSSNDCPPEL
KNLHLCEAKEAFEIGLLTKRDDEPVTGKQELHSFVKAAFGLTTVHRRLHGETGTVHAASQLCKEAMGKLYNFSTSSRSQD
REALSQEVMSVIAQVKEHLQVQSFSNVDDRSYVPESFECRLDKLILHGQGDFQKIL
;
A,C
2 'polypeptide(L)'
;VSLPGKMRKEILEARTLQPDDFEKLLAGVRHDWLFQRLENTGVFKPSQLHRAHSALLLKYSKKSELWTAQETIVYLGDYL
TVKKKGRQRNAFWVHHLHQEEILGRYVGKDYKEQKGLWHHFTDVERQMTAQHYVTEFNKRLYEQNIPTQIFYIPSTILLI
LEDKTIKGCISVEPYILGEFVKLSNNTKVVKTEYKATEYGLAYGHFSYEFSNHRDVVVDLQGWVTGNGKGLIYLTDPQIH
SVDQKVFTTNFGKRGIFYFFNNQHVECNEICHRLSLTRPSMEKPCT
;
B,D
#
loop_
_chem_comp.id
_chem_comp.type
_chem_comp.name
_chem_comp.formula
A1L1P D-saccharide, beta linking (2R,3S,4S,5S,6R)-6-[(1S)-1,2-bis(oxidanyl)ethyl]oxane-2,3,4,5-tetrol 'C7 H14 O7'
CDP non-polymer CYTIDINE-5'-DIPHOSPHATE 'C9 H15 N3 O11 P2'
ZN non-polymer 'ZINC ION' 'Zn 2'
#
# COMPACT_ATOMS: atom_id res chain seq x y z
N ASN A 2 10.35 26.25 27.62
CA ASN A 2 10.44 24.76 27.46
C ASN A 2 9.03 24.21 27.66
N ASN A 3 8.03 25.03 27.37
CA ASN A 3 6.63 24.60 27.48
C ASN A 3 6.20 24.08 26.11
N GLN A 4 5.42 23.00 26.12
CA GLN A 4 5.00 22.40 24.85
C GLN A 4 4.57 23.46 23.85
N LYS A 5 3.87 24.51 24.32
CA LYS A 5 3.24 25.44 23.38
C LYS A 5 4.28 26.35 22.72
N VAL A 6 5.19 26.92 23.51
CA VAL A 6 6.19 27.81 22.92
C VAL A 6 7.11 27.03 21.99
N VAL A 7 7.47 25.80 22.37
CA VAL A 7 8.32 24.99 21.53
C VAL A 7 7.59 24.61 20.25
N ALA A 8 6.28 24.34 20.34
CA ALA A 8 5.50 24.05 19.15
C ALA A 8 5.46 25.25 18.23
N VAL A 9 5.31 26.45 18.79
CA VAL A 9 5.31 27.66 17.96
C VAL A 9 6.67 27.84 17.30
N LEU A 10 7.76 27.61 18.03
CA LEU A 10 9.09 27.75 17.45
C LEU A 10 9.32 26.75 16.33
N LEU A 11 8.82 25.53 16.49
CA LEU A 11 8.97 24.53 15.43
C LEU A 11 8.12 24.89 14.22
N GLN A 12 6.91 25.43 14.44
CA GLN A 12 6.11 25.92 13.32
C GLN A 12 6.83 27.06 12.60
N GLU A 13 7.52 27.92 13.36
CA GLU A 13 8.28 29.00 12.74
C GLU A 13 9.42 28.44 11.89
N CYS A 14 10.13 27.43 12.41
CA CYS A 14 11.18 26.78 11.63
C CYS A 14 10.63 26.21 10.34
N LYS A 15 9.49 25.52 10.42
CA LYS A 15 8.91 24.92 9.22
C LYS A 15 8.45 25.98 8.23
N GLN A 16 7.95 27.11 8.73
CA GLN A 16 7.58 28.20 7.83
C GLN A 16 8.79 28.80 7.16
N VAL A 17 9.90 28.92 7.89
CA VAL A 17 11.14 29.39 7.29
C VAL A 17 11.59 28.43 6.20
N LEU A 18 11.39 27.13 6.43
CA LEU A 18 11.74 26.14 5.40
C LEU A 18 10.86 26.29 4.17
N ASP A 19 9.55 26.46 4.37
CA ASP A 19 8.65 26.71 3.24
C ASP A 19 9.09 27.96 2.47
N GLN A 20 9.51 29.00 3.19
CA GLN A 20 9.98 30.21 2.53
C GLN A 20 11.23 29.94 1.70
N LEU A 21 12.25 29.34 2.31
CA LEU A 21 13.48 29.03 1.59
C LEU A 21 13.20 28.13 0.39
N LEU A 22 12.12 27.34 0.44
CA LEU A 22 11.79 26.45 -0.67
C LEU A 22 11.54 27.21 -1.96
N LEU A 23 11.19 28.50 -1.88
CA LEU A 23 10.83 29.29 -3.04
C LEU A 23 11.93 30.26 -3.47
N GLU A 24 13.10 30.20 -2.85
CA GLU A 24 14.13 31.21 -3.04
C GLU A 24 15.43 30.57 -3.51
N ALA A 25 16.37 31.40 -3.89
CA ALA A 25 17.66 30.87 -4.24
C ALA A 25 18.55 31.20 -3.06
N PRO A 26 19.66 30.47 -2.92
CA PRO A 26 20.60 30.82 -1.86
C PRO A 26 21.07 32.27 -1.96
N SER A 29 23.51 34.22 2.28
CA SER A 29 24.33 35.38 2.61
C SER A 29 25.34 35.01 3.69
N GLU A 30 26.50 35.67 3.65
CA GLU A 30 27.49 35.45 4.69
C GLU A 30 26.94 35.72 6.08
N GLU A 31 25.94 36.61 6.17
CA GLU A 31 25.25 36.82 7.44
C GLU A 31 24.59 35.54 7.93
N ASP A 32 24.05 34.74 7.00
CA ASP A 32 23.40 33.49 7.38
C ASP A 32 24.40 32.53 8.03
N LYS A 33 25.54 32.30 7.39
CA LYS A 33 26.52 31.38 7.96
C LYS A 33 27.13 31.95 9.23
N SER A 34 27.29 33.27 9.33
CA SER A 34 27.75 33.88 10.57
C SER A 34 26.78 33.60 11.71
N GLU A 35 25.48 33.81 11.46
CA GLU A 35 24.45 33.50 12.45
C GLU A 35 24.48 32.03 12.83
N ASP A 36 24.64 31.14 11.84
CA ASP A 36 24.67 29.71 12.13
C ASP A 36 25.85 29.36 13.02
N GLN A 37 27.04 29.86 12.67
CA GLN A 37 28.21 29.60 13.51
C GLN A 37 28.02 30.16 14.91
N ARG A 38 27.42 31.35 15.03
CA ARG A 38 27.20 31.94 16.34
C ARG A 38 26.27 31.06 17.17
N CYS A 39 25.17 30.60 16.58
CA CYS A 39 24.22 29.80 17.34
C CYS A 39 24.77 28.42 17.67
N ARG A 40 25.62 27.86 16.80
CA ARG A 40 26.24 26.56 17.07
C ARG A 40 27.46 26.68 17.98
N ALA A 41 27.93 27.90 18.26
CA ALA A 41 28.98 28.10 19.23
C ALA A 41 28.46 28.56 20.59
N LEU A 42 27.26 29.13 20.64
CA LEU A 42 26.72 29.58 21.93
C LEU A 42 26.43 28.40 22.85
N LEU A 43 26.21 27.23 22.25
CA LEU A 43 25.80 26.03 23.04
C LEU A 43 26.93 25.34 23.79
N PRO A 44 26.60 24.50 24.82
CA PRO A 44 27.59 23.76 25.59
C PRO A 44 28.34 22.72 24.76
N SER A 45 29.59 22.43 25.12
CA SER A 45 30.43 21.50 24.32
C SER A 45 29.82 20.11 24.27
N GLU A 46 29.15 19.66 25.33
CA GLU A 46 28.50 18.36 25.24
C GLU A 46 27.50 18.32 24.09
N LEU A 47 26.67 19.36 23.99
CA LEU A 47 25.68 19.41 22.91
C LEU A 47 26.37 19.50 21.55
N ARG A 48 27.51 20.21 21.48
CA ARG A 48 28.24 20.28 20.21
C ARG A 48 28.80 18.93 19.81
N THR A 49 29.35 18.19 20.79
CA THR A 49 29.83 16.83 20.51
C THR A 49 28.68 15.94 20.07
N LEU A 50 27.53 16.00 20.75
CA LEU A 50 26.39 15.21 20.34
C LEU A 50 25.95 15.58 18.93
N ILE A 51 25.97 16.87 18.59
CA ILE A 51 25.57 17.28 17.25
C ILE A 51 26.51 16.72 16.21
N GLN A 52 27.82 16.77 16.47
CA GLN A 52 28.77 16.25 15.51
C GLN A 52 28.67 14.72 15.38
N GLU A 53 28.38 14.03 16.49
CA GLU A 53 28.21 12.59 16.42
C GLU A 53 26.95 12.20 15.66
N ALA A 54 25.86 12.97 15.84
CA ALA A 54 24.64 12.71 15.11
C ALA A 54 24.84 12.99 13.62
N LYS A 55 25.54 14.07 13.29
CA LYS A 55 25.81 14.36 11.88
C LYS A 55 26.68 13.27 11.25
N GLU A 56 27.52 12.62 12.06
CA GLU A 56 28.36 11.53 11.58
C GLU A 56 27.65 10.19 11.59
N MET A 57 26.38 10.14 12.00
CA MET A 57 25.58 8.91 11.97
C MET A 57 26.25 7.82 12.79
N LYS A 58 26.78 8.12 13.97
CA LYS A 58 27.44 7.03 14.69
C LYS A 58 26.44 6.12 15.39
N TRP A 59 25.19 6.57 15.48
CA TRP A 59 24.15 5.73 16.09
C TRP A 59 22.73 5.85 15.45
N PRO A 60 21.97 4.71 15.31
CA PRO A 60 20.62 4.88 14.77
C PRO A 60 19.71 5.58 15.79
N PHE A 61 20.04 5.46 17.08
CA PHE A 61 19.27 6.17 18.10
C PHE A 61 20.25 6.91 19.00
N VAL A 62 19.76 7.94 19.68
CA VAL A 62 20.59 8.68 20.63
C VAL A 62 20.77 7.84 21.89
N PRO A 63 21.99 7.66 22.39
CA PRO A 63 22.21 6.72 23.51
C PRO A 63 21.61 7.28 24.79
N GLU A 64 21.41 6.41 25.76
CA GLU A 64 20.91 6.82 27.05
C GLU A 64 21.89 6.39 28.08
N LYS A 65 22.07 7.18 29.12
CA LYS A 65 22.92 6.73 30.19
C LYS A 65 22.21 5.52 30.76
N TRP A 66 22.96 4.51 31.13
CA TRP A 66 22.40 3.28 31.70
C TRP A 66 21.61 2.36 30.80
N GLN A 67 21.86 2.37 29.50
CA GLN A 67 21.18 1.48 28.57
C GLN A 67 22.03 0.27 28.31
N TYR A 68 23.34 0.40 28.39
CA TYR A 68 24.13 -0.80 28.06
C TYR A 68 25.11 -1.14 29.17
N ASN A 79 22.68 13.12 32.69
CA ASN A 79 21.67 12.30 31.97
C ASN A 79 21.61 12.81 30.53
N LEU A 80 20.75 12.22 29.69
CA LEU A 80 20.58 12.76 28.31
C LEU A 80 19.39 13.70 28.38
N LYS A 81 18.36 13.29 29.10
CA LYS A 81 17.15 14.10 29.16
C LYS A 81 17.44 15.47 29.76
N ASP A 82 18.29 15.52 30.79
CA ASP A 82 18.58 16.78 31.45
C ASP A 82 19.37 17.71 30.55
N VAL A 83 20.43 17.22 29.92
CA VAL A 83 21.25 18.09 29.08
C VAL A 83 20.47 18.56 27.86
N ILE A 84 19.56 17.73 27.33
CA ILE A 84 18.73 18.16 26.22
C ILE A 84 17.74 19.23 26.67
N GLY A 85 17.02 18.96 27.76
CA GLY A 85 16.09 19.96 28.27
C GLY A 85 16.76 21.26 28.67
N ALA A 86 18.02 21.21 29.04
CA ALA A 86 18.73 22.42 29.45
C ALA A 86 19.02 23.30 28.25
N GLY A 87 19.53 22.71 27.17
CA GLY A 87 19.85 23.47 25.97
C GLY A 87 18.83 23.31 24.86
N LEU A 88 17.55 23.15 25.23
CA LEU A 88 16.52 22.99 24.21
C LEU A 88 16.30 24.29 23.44
N GLN A 89 16.21 25.42 24.14
CA GLN A 89 16.05 26.70 23.47
C GLN A 89 17.22 26.97 22.53
N GLN A 90 18.45 26.81 23.04
CA GLN A 90 19.62 27.05 22.21
C GLN A 90 19.71 26.04 21.07
N LEU A 91 19.30 24.78 21.32
CA LEU A 91 19.35 23.79 20.26
C LEU A 91 18.36 24.11 19.15
N LEU A 92 17.16 24.61 19.49
CA LEU A 92 16.20 24.97 18.45
C LEU A 92 16.62 26.24 17.74
N ALA A 93 17.23 27.19 18.45
CA ALA A 93 17.77 28.37 17.80
C ALA A 93 18.84 27.98 16.79
N SER A 94 19.75 27.08 17.19
CA SER A 94 20.75 26.59 16.26
C SER A 94 20.11 25.83 15.11
N LEU A 95 19.04 25.09 15.37
CA LEU A 95 18.32 24.41 14.30
C LEU A 95 17.86 25.40 13.24
N ARG A 96 17.14 26.45 13.66
CA ARG A 96 16.64 27.40 12.68
C ARG A 96 17.78 28.20 12.03
N ALA A 97 18.89 28.36 12.74
CA ALA A 97 20.04 29.04 12.15
C ALA A 97 20.66 28.20 11.04
N SER A 98 21.02 26.95 11.36
CA SER A 98 21.51 26.03 10.34
C SER A 98 20.52 25.91 9.19
N ILE A 99 19.24 26.13 9.45
CA ILE A 99 18.24 26.07 8.34
C ILE A 99 18.46 27.23 7.38
N LEU A 100 18.70 28.44 7.90
CA LEU A 100 18.95 29.63 7.05
C LEU A 100 20.24 29.43 6.27
N ALA A 101 21.25 28.84 6.89
CA ALA A 101 22.58 28.62 6.26
C ALA A 101 22.55 27.51 5.22
N ARG A 102 21.45 26.76 5.15
CA ARG A 102 21.30 25.63 4.18
C ARG A 102 22.20 24.46 4.57
N ASP A 103 22.58 24.34 5.84
CA ASP A 103 23.35 23.14 6.25
C ASP A 103 22.31 22.16 6.77
N CYS A 104 21.53 21.58 5.87
CA CYS A 104 20.47 20.69 6.33
C CYS A 104 21.00 19.52 7.14
N ALA A 105 22.29 19.18 7.01
CA ALA A 105 22.84 18.09 7.79
C ALA A 105 22.83 18.42 9.28
N ALA A 106 23.27 19.62 9.65
CA ALA A 106 23.27 20.01 11.05
C ALA A 106 21.86 20.14 11.60
N ALA A 107 20.94 20.67 10.78
CA ALA A 107 19.54 20.75 11.19
C ALA A 107 18.97 19.36 11.47
N ALA A 108 19.25 18.41 10.58
CA ALA A 108 18.78 17.04 10.79
C ALA A 108 19.42 16.44 12.04
N ALA A 109 20.70 16.73 12.27
CA ALA A 109 21.36 16.24 13.49
C ALA A 109 20.67 16.78 14.74
N ILE A 110 20.31 18.07 14.73
CA ILE A 110 19.63 18.65 15.89
C ILE A 110 18.25 18.03 16.05
N VAL A 111 17.57 17.77 14.93
CA VAL A 111 16.27 17.09 14.99
C VAL A 111 16.43 15.73 15.65
N PHE A 112 17.43 14.96 15.20
CA PHE A 112 17.72 13.66 15.81
C PHE A 112 17.97 13.81 17.31
N LEU A 113 18.66 14.89 17.72
CA LEU A 113 19.03 15.03 19.12
C LEU A 113 17.82 15.39 19.98
N VAL A 114 16.89 16.19 19.44
CA VAL A 114 15.76 16.64 20.24
C VAL A 114 14.53 15.75 20.07
N ASP A 115 14.58 14.76 19.19
CA ASP A 115 13.39 13.99 18.82
C ASP A 115 12.76 13.32 20.03
N ARG A 116 13.56 12.61 20.83
CA ARG A 116 13.00 11.85 21.95
C ARG A 116 12.38 12.78 22.99
N PHE A 117 13.11 13.83 23.38
CA PHE A 117 12.58 14.78 24.34
C PHE A 117 11.27 15.38 23.86
N LEU A 118 11.23 15.81 22.59
CA LEU A 118 10.02 16.46 22.08
C LEU A 118 8.86 15.48 21.93
N TYR A 119 9.15 14.19 21.72
CA TYR A 119 8.10 13.18 21.84
C TYR A 119 7.54 13.18 23.26
N GLY A 120 8.42 13.30 24.26
CA GLY A 120 7.96 13.47 25.62
C GLY A 120 7.04 14.67 25.80
N LEU A 121 7.36 15.78 25.12
CA LEU A 121 6.51 16.97 25.14
C LEU A 121 5.30 16.87 24.21
N ASP A 122 5.18 15.77 23.46
CA ASP A 122 4.02 15.53 22.60
C ASP A 122 3.88 16.61 21.53
N VAL A 123 5.00 16.92 20.88
CA VAL A 123 5.00 17.83 19.74
C VAL A 123 5.81 17.23 18.61
N SER A 124 5.87 15.90 18.55
CA SER A 124 6.61 15.23 17.48
C SER A 124 6.08 15.60 16.11
N GLY A 125 4.82 16.05 16.01
CA GLY A 125 4.27 16.40 14.71
C GLY A 125 4.96 17.59 14.07
N LYS A 126 5.16 18.66 14.83
CA LYS A 126 5.84 19.83 14.28
C LYS A 126 7.29 19.49 13.94
N LEU A 127 7.94 18.66 14.75
CA LEU A 127 9.32 18.28 14.48
C LEU A 127 9.42 17.44 13.22
N LEU A 128 8.50 16.50 13.03
CA LEU A 128 8.49 15.72 11.80
C LEU A 128 8.15 16.61 10.59
N GLN A 129 7.32 17.64 10.80
CA GLN A 129 7.06 18.59 9.73
C GLN A 129 8.34 19.30 9.30
N VAL A 130 9.13 19.78 10.28
CA VAL A 130 10.36 20.46 9.89
C VAL A 130 11.34 19.45 9.29
N ALA A 131 11.30 18.21 9.73
CA ALA A 131 12.15 17.17 9.13
C ALA A 131 11.80 16.96 7.66
N LYS A 132 10.51 16.85 7.35
CA LYS A 132 10.11 16.65 5.97
C LYS A 132 10.42 17.89 5.13
N GLY A 133 10.30 19.07 5.72
CA GLY A 133 10.72 20.27 5.01
C GLY A 133 12.21 20.27 4.70
N LEU A 134 13.01 19.78 5.64
CA LEU A 134 14.44 19.66 5.37
C LEU A 134 14.71 18.68 4.24
N HIS A 135 14.08 17.50 4.31
CA HIS A 135 14.21 16.52 3.24
C HIS A 135 13.80 17.13 1.90
N LYS A 136 12.78 17.99 1.91
CA LYS A 136 12.39 18.68 0.69
C LYS A 136 13.49 19.63 0.21
N LEU A 137 14.12 20.36 1.12
CA LEU A 137 15.16 21.30 0.72
C LEU A 137 16.37 20.58 0.13
N GLN A 138 16.78 19.47 0.75
CA GLN A 138 17.93 18.69 0.29
C GLN A 138 17.61 17.21 0.52
N PRO A 139 17.09 16.53 -0.51
CA PRO A 139 16.66 15.13 -0.29
C PRO A 139 17.79 14.19 0.09
N ALA A 140 19.04 14.56 -0.16
CA ALA A 140 20.16 13.71 0.19
C ALA A 140 20.53 13.77 1.66
N THR A 141 19.94 14.67 2.42
CA THR A 141 20.30 14.83 3.83
C THR A 141 19.89 13.59 4.62
N PRO A 142 20.82 12.90 5.27
CA PRO A 142 20.42 11.71 6.05
C PRO A 142 19.59 12.09 7.28
N ILE A 143 18.61 11.26 7.57
CA ILE A 143 17.71 11.48 8.71
C ILE A 143 17.71 10.19 9.47
N ALA A 144 17.92 10.23 10.78
CA ALA A 144 18.10 9.08 11.66
C ALA A 144 16.94 8.11 11.56
N PRO A 145 17.21 6.80 11.62
CA PRO A 145 16.11 5.84 11.74
C PRO A 145 15.16 6.18 12.87
N GLN A 146 15.66 6.77 13.95
CA GLN A 146 14.81 7.12 15.08
C GLN A 146 13.67 8.04 14.67
N VAL A 147 13.93 8.98 13.76
CA VAL A 147 12.90 9.92 13.34
C VAL A 147 11.86 9.24 12.45
N VAL A 148 12.31 8.32 11.58
CA VAL A 148 11.36 7.57 10.77
C VAL A 148 10.50 6.68 11.65
N ILE A 149 11.10 6.03 12.65
CA ILE A 149 10.33 5.24 13.60
C ILE A 149 9.38 6.15 14.37
N ARG A 150 9.76 7.41 14.61
CA ARG A 150 8.85 8.32 15.28
C ARG A 150 7.62 8.58 14.41
N GLN A 151 7.83 8.79 13.12
CA GLN A 151 6.71 8.90 12.19
C GLN A 151 5.81 7.67 12.29
N ALA A 152 6.40 6.49 12.30
CA ALA A 152 5.60 5.27 12.46
C ALA A 152 4.84 5.27 13.78
N ARG A 153 5.49 5.74 14.86
CA ARG A 153 4.85 5.79 16.17
C ARG A 153 3.62 6.69 16.13
N ILE A 154 3.75 7.88 15.56
CA ILE A 154 2.61 8.79 15.55
C ILE A 154 1.52 8.26 14.62
N SER A 155 1.90 7.55 13.55
CA SER A 155 0.90 6.90 12.70
C SER A 155 0.14 5.85 13.48
N VAL A 156 0.83 5.10 14.33
CA VAL A 156 0.14 4.12 15.18
C VAL A 156 -0.80 4.84 16.14
N ASN A 157 -0.32 5.93 16.76
CA ASN A 157 -1.12 6.62 17.77
C ASN A 157 -2.37 7.23 17.15
N SER A 158 -2.25 7.78 15.94
CA SER A 158 -3.38 8.37 15.24
C SER A 158 -4.30 7.34 14.59
N GLY A 159 -3.93 6.06 14.60
CA GLY A 159 -4.76 5.01 14.04
C GLY A 159 -4.54 4.72 12.57
N LYS A 160 -3.44 5.19 11.99
CA LYS A 160 -3.08 4.85 10.62
C LYS A 160 -2.20 3.60 10.64
N LEU A 161 -2.83 2.49 11.00
CA LEU A 161 -2.06 1.27 11.25
C LEU A 161 -1.37 0.79 9.98
N LEU A 162 -2.02 0.93 8.82
CA LEU A 162 -1.44 0.43 7.57
C LEU A 162 -0.19 1.23 7.19
N LYS A 163 -0.23 2.55 7.35
CA LYS A 163 0.94 3.38 7.07
C LYS A 163 2.09 3.04 8.00
N ALA A 164 1.79 2.90 9.30
CA ALA A 164 2.83 2.53 10.24
C ALA A 164 3.42 1.17 9.90
N GLU A 165 2.60 0.21 9.53
CA GLU A 165 3.11 -1.11 9.22
C GLU A 165 3.96 -1.05 7.98
N TYR A 166 3.52 -0.31 6.98
CA TYR A 166 4.36 -0.11 5.81
C TYR A 166 5.75 0.36 6.20
N ILE A 167 5.82 1.42 7.02
CA ILE A 167 7.12 1.96 7.40
C ILE A 167 7.93 0.92 8.17
N LEU A 168 7.30 0.24 9.13
CA LEU A 168 8.03 -0.69 9.99
C LEU A 168 8.49 -1.91 9.20
N SER A 169 7.63 -2.47 8.34
CA SER A 169 8.05 -3.61 7.53
C SER A 169 9.12 -3.22 6.53
N SER A 170 9.07 -2.00 5.99
CA SER A 170 10.14 -1.53 5.12
C SER A 170 11.46 -1.49 5.87
N LEU A 171 11.46 -0.98 7.11
CA LEU A 171 12.71 -0.91 7.86
C LEU A 171 13.17 -2.28 8.33
N ILE A 172 12.24 -3.22 8.51
CA ILE A 172 12.62 -4.55 8.99
C ILE A 172 13.21 -5.39 7.86
N SER A 173 12.45 -5.52 6.76
CA SER A 173 12.91 -6.34 5.65
C SER A 173 14.24 -5.84 5.10
N ASN A 174 14.48 -4.54 5.13
CA ASN A 174 15.66 -3.94 4.54
C ASN A 174 16.82 -3.81 5.52
N ASN A 175 16.80 -4.57 6.62
CA ASN A 175 17.87 -4.57 7.60
C ASN A 175 18.15 -3.17 8.14
N GLY A 176 17.08 -2.43 8.42
CA GLY A 176 17.19 -1.10 8.99
C GLY A 176 17.45 0.00 8.00
N ALA A 177 17.67 -0.34 6.73
CA ALA A 177 18.04 0.66 5.73
C ALA A 177 16.95 1.72 5.61
N THR A 178 17.37 2.99 5.63
CA THR A 178 16.44 4.10 5.48
C THR A 178 17.18 5.26 4.82
N GLY A 179 16.58 5.82 3.77
CA GLY A 179 17.12 7.01 3.14
C GLY A 179 18.58 6.87 2.85
N THR A 180 19.32 7.96 3.06
CA THR A 180 20.76 7.99 2.86
C THR A 180 21.53 7.71 4.15
N TRP A 181 20.87 7.20 5.19
CA TRP A 181 21.55 6.89 6.43
C TRP A 181 22.57 5.79 6.22
N LEU A 182 23.65 5.84 6.99
CA LEU A 182 24.78 4.92 6.85
C LEU A 182 25.07 4.31 8.21
N TYR A 183 24.83 3.00 8.32
CA TYR A 183 25.11 2.28 9.55
C TYR A 183 26.61 2.04 9.72
N ARG A 184 27.01 1.71 10.94
CA ARG A 184 28.40 1.46 11.27
C ARG A 184 28.65 0.04 11.77
N ASN A 185 27.61 -0.76 11.94
CA ASN A 185 27.77 -2.16 12.34
C ASN A 185 26.43 -2.85 12.17
N GLU A 186 26.45 -4.18 12.30
CA GLU A 186 25.24 -4.96 12.14
C GLU A 186 24.39 -4.97 13.40
N SER A 187 25.01 -4.80 14.57
CA SER A 187 24.25 -4.73 15.81
C SER A 187 23.22 -3.60 15.77
N ASP A 188 23.58 -2.46 15.18
CA ASP A 188 22.65 -1.34 15.10
C ASP A 188 21.46 -1.70 14.21
N LYS A 189 21.72 -2.42 13.12
CA LYS A 189 20.63 -2.88 12.26
C LYS A 189 19.71 -3.81 13.02
N VAL A 190 20.28 -4.75 13.78
CA VAL A 190 19.45 -5.65 14.57
C VAL A 190 18.62 -4.87 15.59
N LEU A 191 19.23 -3.85 16.21
CA LEU A 191 18.53 -3.04 17.20
C LEU A 191 17.34 -2.33 16.57
N VAL A 192 17.54 -1.73 15.40
CA VAL A 192 16.45 -1.07 14.69
C VAL A 192 15.35 -2.07 14.38
N GLN A 193 15.73 -3.24 13.87
CA GLN A 193 14.74 -4.27 13.57
C GLN A 193 13.95 -4.65 14.81
N SER A 194 14.63 -4.74 15.96
CA SER A 194 13.96 -5.13 17.20
C SER A 194 12.96 -4.07 17.63
N VAL A 195 13.35 -2.80 17.54
CA VAL A 195 12.42 -1.72 17.88
C VAL A 195 11.21 -1.77 16.97
N CYS A 196 11.43 -1.97 15.67
CA CYS A 196 10.31 -2.02 14.74
C CYS A 196 9.38 -3.19 15.04
N ILE A 197 9.94 -4.37 15.31
CA ILE A 197 9.11 -5.51 15.69
C ILE A 197 8.32 -5.22 16.97
N GLN A 198 8.93 -4.48 17.91
CA GLN A 198 8.22 -4.12 19.13
C GLN A 198 7.02 -3.23 18.83
N ILE A 199 7.22 -2.25 17.96
CA ILE A 199 6.12 -1.37 17.59
C ILE A 199 5.04 -2.14 16.82
N ARG A 200 5.43 -3.14 16.02
CA ARG A 200 4.43 -3.96 15.35
C ARG A 200 3.61 -4.77 16.37
N GLY A 201 4.29 -5.26 17.41
CA GLY A 201 3.56 -5.88 18.50
C GLY A 201 2.58 -4.93 19.12
N GLN A 202 2.97 -3.67 19.30
CA GLN A 202 2.03 -2.67 19.80
C GLN A 202 0.86 -2.46 18.83
N ILE A 203 1.13 -2.45 17.53
CA ILE A 203 0.05 -2.32 16.56
C ILE A 203 -0.98 -3.42 16.77
N LEU A 204 -0.52 -4.67 16.83
CA LEU A 204 -1.46 -5.76 17.05
C LEU A 204 -2.14 -5.65 18.41
N GLN A 205 -1.42 -5.15 19.43
CA GLN A 205 -2.03 -4.97 20.74
C GLN A 205 -3.18 -3.97 20.69
N LYS A 206 -3.03 -2.89 19.93
CA LYS A 206 -4.09 -1.90 19.80
C LYS A 206 -5.33 -2.50 19.18
N LEU A 207 -5.18 -3.50 18.33
CA LEU A 207 -6.31 -4.20 17.74
C LEU A 207 -6.83 -5.33 18.62
N GLY A 208 -6.20 -5.61 19.75
CA GLY A 208 -6.65 -6.67 20.63
C GLY A 208 -6.27 -8.06 20.20
N MET A 209 -5.33 -8.20 19.27
CA MET A 209 -4.83 -9.51 18.86
C MET A 209 -3.70 -9.89 19.83
N TRP A 210 -4.11 -10.37 21.00
CA TRP A 210 -3.20 -10.49 22.13
C TRP A 210 -2.11 -11.53 21.86
N TYR A 211 -2.46 -12.67 21.28
CA TYR A 211 -1.48 -13.73 21.07
C TYR A 211 -0.40 -13.29 20.08
N GLU A 212 -0.79 -12.81 18.91
CA GLU A 212 0.19 -12.38 17.91
C GLU A 212 1.01 -11.20 18.41
N ALA A 213 0.37 -10.30 19.16
CA ALA A 213 1.11 -9.19 19.76
C ALA A 213 2.19 -9.71 20.68
N ALA A 214 1.84 -10.65 21.57
CA ALA A 214 2.82 -11.24 22.47
C ALA A 214 3.94 -11.91 21.70
N GLU A 215 3.60 -12.57 20.59
CA GLU A 215 4.63 -13.20 19.75
C GLU A 215 5.63 -12.17 19.24
N LEU A 216 5.12 -11.04 18.71
CA LEU A 216 6.04 -10.01 18.21
C LEU A 216 6.85 -9.38 19.35
N ILE A 217 6.27 -9.23 20.53
CA ILE A 217 7.03 -8.67 21.65
C ILE A 217 8.13 -9.64 22.06
N TRP A 218 7.84 -10.94 22.06
CA TRP A 218 8.87 -11.94 22.34
C TRP A 218 9.98 -11.89 21.31
N ALA A 219 9.62 -11.71 20.03
CA ALA A 219 10.63 -11.56 18.99
C ALA A 219 11.50 -10.33 19.26
N SER A 220 10.88 -9.23 19.70
CA SER A 220 11.67 -8.05 20.04
C SER A 220 12.62 -8.33 21.19
N ILE A 221 12.18 -9.10 22.18
CA ILE A 221 13.04 -9.43 23.31
C ILE A 221 14.24 -10.25 22.84
N VAL A 222 13.98 -11.25 22.00
CA VAL A 222 15.06 -12.06 21.43
C VAL A 222 16.04 -11.17 20.67
N GLY A 223 15.52 -10.24 19.87
CA GLY A 223 16.40 -9.34 19.14
C GLY A 223 17.25 -8.49 20.06
N TYR A 224 16.63 -7.92 21.10
CA TYR A 224 17.39 -7.12 22.06
C TYR A 224 18.50 -7.95 22.70
N LEU A 225 18.21 -9.20 23.08
CA LEU A 225 19.22 -10.01 23.74
C LEU A 225 20.32 -10.46 22.79
N ALA A 226 20.09 -10.38 21.47
CA ALA A 226 21.11 -10.78 20.51
C ALA A 226 22.22 -9.75 20.39
N LEU A 227 22.06 -8.55 20.94
CA LEU A 227 23.07 -7.52 20.84
C LEU A 227 24.27 -7.86 21.71
N PRO A 228 25.46 -7.34 21.36
CA PRO A 228 26.63 -7.58 22.23
C PRO A 228 26.42 -7.05 23.64
N GLN A 229 25.80 -5.88 23.76
CA GLN A 229 25.34 -5.35 25.04
C GLN A 229 23.82 -5.28 24.97
N PRO A 230 23.08 -6.08 25.72
CA PRO A 230 21.61 -6.02 25.64
C PRO A 230 21.11 -4.61 25.90
N ASP A 231 20.08 -4.22 25.15
CA ASP A 231 19.42 -2.93 25.31
C ASP A 231 18.46 -3.03 26.50
N LYS A 232 18.92 -2.60 27.67
CA LYS A 232 18.10 -2.72 28.88
C LYS A 232 16.85 -1.84 28.82
N LYS A 233 16.93 -0.69 28.18
CA LYS A 233 15.76 0.17 28.02
C LYS A 233 14.75 -0.49 27.10
N GLY A 234 15.19 -0.99 25.94
CA GLY A 234 14.29 -1.70 25.06
C GLY A 234 13.71 -2.94 25.71
N LEU A 235 14.51 -3.63 26.52
CA LEU A 235 14.02 -4.82 27.21
C LEU A 235 12.95 -4.46 28.22
N SER A 236 13.17 -3.39 29.00
CA SER A 236 12.15 -2.93 29.94
C SER A 236 10.87 -2.59 29.19
N THR A 237 11.00 -1.89 28.06
CA THR A 237 9.84 -1.50 27.27
C THR A 237 9.06 -2.72 26.80
N SER A 238 9.75 -3.68 26.16
CA SER A 238 9.08 -4.85 25.64
C SER A 238 8.42 -5.65 26.75
N LEU A 239 9.06 -5.74 27.92
CA LEU A 239 8.48 -6.53 29.00
C LEU A 239 7.29 -5.84 29.63
N GLY A 240 7.28 -4.51 29.68
CA GLY A 240 6.08 -3.80 30.11
C GLY A 240 4.92 -3.98 29.15
N ILE A 241 5.19 -3.89 27.85
CA ILE A 241 4.15 -4.16 26.86
C ILE A 241 3.64 -5.59 27.02
N LEU A 242 4.55 -6.53 27.25
CA LEU A 242 4.15 -7.92 27.39
C LEU A 242 3.31 -8.13 28.64
N ALA A 243 3.64 -7.42 29.72
CA ALA A 243 2.79 -7.46 30.91
C ALA A 243 1.39 -6.97 30.60
N ASP A 244 1.28 -5.83 29.90
CA ASP A 244 -0.05 -5.34 29.52
C ASP A 244 -0.80 -6.38 28.69
N ILE A 245 -0.11 -7.04 27.76
CA ILE A 245 -0.75 -8.03 26.90
C ILE A 245 -1.24 -9.20 27.72
N PHE A 246 -0.37 -9.73 28.60
CA PHE A 246 -0.76 -10.82 29.49
C PHE A 246 -2.00 -10.43 30.30
N VAL A 247 -2.07 -9.18 30.76
CA VAL A 247 -3.23 -8.74 31.51
C VAL A 247 -4.47 -8.81 30.64
N SER A 248 -4.37 -8.29 29.41
CA SER A 248 -5.52 -8.27 28.51
C SER A 248 -5.91 -9.65 28.00
N MET A 249 -5.00 -10.61 28.02
CA MET A 249 -5.29 -11.91 27.41
C MET A 249 -6.38 -12.65 28.18
N SER A 250 -7.01 -13.60 27.49
CA SER A 250 -7.92 -14.54 28.12
C SER A 250 -7.15 -15.79 28.51
N LYS A 251 -7.77 -16.60 29.38
CA LYS A 251 -7.11 -17.83 29.82
C LYS A 251 -6.61 -18.64 28.63
N ASN A 252 -7.39 -18.68 27.54
CA ASN A 252 -7.02 -19.49 26.38
C ASN A 252 -5.84 -18.89 25.65
N ASP A 253 -5.81 -17.57 25.45
CA ASP A 253 -4.64 -16.95 24.85
C ASP A 253 -3.38 -17.28 25.63
N TYR A 254 -3.45 -17.25 26.96
CA TYR A 254 -2.26 -17.50 27.77
C TYR A 254 -1.88 -18.98 27.74
N GLU A 255 -2.87 -19.87 27.78
CA GLU A 255 -2.58 -21.30 27.66
C GLU A 255 -1.88 -21.59 26.34
N LYS A 256 -2.32 -20.93 25.27
CA LYS A 256 -1.74 -21.15 23.96
C LYS A 256 -0.33 -20.57 23.87
N PHE A 257 -0.12 -19.39 24.44
CA PHE A 257 1.19 -18.76 24.42
C PHE A 257 2.17 -19.44 25.36
N LYS A 258 1.67 -20.19 26.33
CA LYS A 258 2.52 -20.90 27.28
C LYS A 258 3.09 -22.16 26.66
N ASN A 259 2.29 -22.85 25.84
CA ASN A 259 2.68 -24.12 25.25
C ASN A 259 3.31 -23.97 23.88
N ASN A 260 3.66 -22.75 23.48
CA ASN A 260 4.37 -22.55 22.22
C ASN A 260 5.84 -22.93 22.40
N PRO A 261 6.38 -23.86 21.61
CA PRO A 261 7.78 -24.26 21.84
C PRO A 261 8.78 -23.18 21.49
N GLN A 262 8.55 -22.42 20.42
CA GLN A 262 9.49 -21.38 20.01
C GLN A 262 9.60 -20.25 21.02
N ILE A 263 8.78 -20.24 22.05
CA ILE A 263 8.77 -19.17 23.05
C ILE A 263 9.36 -19.76 24.32
N ASN A 264 10.62 -19.47 24.58
CA ASN A 264 11.35 -19.98 25.74
C ASN A 264 11.48 -18.84 26.74
N LEU A 265 10.45 -18.67 27.57
CA LEU A 265 10.44 -17.64 28.60
C LEU A 265 10.27 -18.30 29.96
N SER A 266 11.10 -17.88 30.93
CA SER A 266 11.03 -18.46 32.26
C SER A 266 9.73 -18.10 32.97
N LEU A 267 9.26 -16.86 32.80
CA LEU A 267 8.04 -16.44 33.46
C LEU A 267 6.81 -17.20 32.94
N LEU A 268 6.91 -17.87 31.79
CA LEU A 268 5.79 -18.66 31.30
C LEU A 268 5.76 -20.03 31.96
N LYS A 269 6.87 -20.77 31.91
CA LYS A 269 6.92 -22.11 32.48
C LYS A 269 7.00 -22.11 34.00
N GLU A 270 6.99 -20.93 34.63
CA GLU A 270 7.02 -20.83 36.08
C GLU A 270 5.72 -20.35 36.69
N PHE A 271 4.82 -19.77 35.89
CA PHE A 271 3.56 -19.25 36.37
C PHE A 271 2.43 -19.74 35.48
N ASP A 272 1.32 -20.13 36.10
CA ASP A 272 0.20 -20.73 35.38
C ASP A 272 -1.01 -19.80 35.25
N HIS A 273 -0.80 -18.49 35.38
CA HIS A 273 -1.91 -17.55 35.32
C HIS A 273 -1.43 -16.26 34.67
N HIS A 274 -2.22 -15.73 33.73
CA HIS A 274 -1.76 -14.59 32.95
C HIS A 274 -1.50 -13.36 33.83
N LEU A 275 -2.18 -13.27 34.98
CA LEU A 275 -1.95 -12.14 35.88
C LEU A 275 -0.64 -12.30 36.65
N LEU A 276 -0.32 -13.52 37.09
CA LEU A 276 0.97 -13.76 37.72
C LEU A 276 2.11 -13.57 36.73
N SER A 277 1.94 -14.03 35.49
CA SER A 277 2.95 -13.81 34.47
C SER A 277 3.13 -12.31 34.20
N ALA A 278 2.01 -11.58 34.12
CA ALA A 278 2.10 -10.13 33.92
C ALA A 278 2.86 -9.48 35.07
N ALA A 279 2.57 -9.89 36.31
CA ALA A 279 3.26 -9.32 37.46
C ALA A 279 4.76 -9.60 37.40
N GLU A 280 5.13 -10.84 37.07
CA GLU A 280 6.55 -11.17 36.91
C GLU A 280 7.19 -10.31 35.82
N ALA A 281 6.52 -10.14 34.69
CA ALA A 281 7.05 -9.33 33.61
C ALA A 281 7.21 -7.88 34.04
N CYS A 282 6.30 -7.38 34.89
CA CYS A 282 6.44 -6.04 35.44
C CYS A 282 7.68 -5.94 36.32
N LYS A 283 7.91 -6.97 37.16
CA LYS A 283 9.12 -7.00 37.98
C LYS A 283 10.37 -6.92 37.10
N LEU A 284 10.39 -7.70 36.02
CA LEU A 284 11.52 -7.68 35.10
C LEU A 284 11.68 -6.31 34.45
N ALA A 285 10.58 -5.68 34.04
CA ALA A 285 10.68 -4.37 33.39
C ALA A 285 11.24 -3.33 34.35
N ALA A 286 10.74 -3.33 35.59
CA ALA A 286 11.30 -2.45 36.60
C ALA A 286 12.79 -2.69 36.77
N ALA A 287 13.20 -3.97 36.86
CA ALA A 287 14.63 -4.27 37.02
C ALA A 287 15.43 -3.71 35.85
N PHE A 288 14.95 -3.90 34.63
CA PHE A 288 15.66 -3.43 33.45
C PHE A 288 15.73 -1.91 33.37
N SER A 289 14.85 -1.21 34.07
CA SER A 289 15.03 0.24 34.21
C SER A 289 15.28 0.63 35.66
N ALA A 290 16.22 -0.04 36.32
CA ALA A 290 16.45 0.17 37.74
C ALA A 290 16.95 1.57 38.07
N TYR A 291 17.56 2.26 37.12
CA TYR A 291 18.14 3.57 37.38
C TYR A 291 17.23 4.71 36.92
N THR A 292 16.02 4.42 36.48
CA THR A 292 15.07 5.44 36.04
C THR A 292 13.82 5.33 36.89
N PRO A 293 13.66 6.17 37.92
CA PRO A 293 12.60 5.91 38.91
C PRO A 293 11.17 5.98 38.37
N LEU A 294 10.90 6.79 37.35
CA LEU A 294 9.52 6.88 36.85
C LEU A 294 9.07 5.57 36.23
N PHE A 295 9.92 4.94 35.41
CA PHE A 295 9.55 3.66 34.83
C PHE A 295 9.42 2.58 35.89
N VAL A 296 10.24 2.65 36.94
CA VAL A 296 10.10 1.73 38.06
C VAL A 296 8.72 1.88 38.69
N LEU A 297 8.31 3.13 38.92
CA LEU A 297 7.03 3.39 39.56
C LEU A 297 5.87 2.89 38.70
N THR A 298 5.93 3.16 37.39
CA THR A 298 4.86 2.69 36.51
C THR A 298 4.77 1.16 36.52
N ALA A 299 5.91 0.49 36.36
CA ALA A 299 5.91 -0.97 36.30
C ALA A 299 5.43 -1.58 37.60
N VAL A 300 5.86 -1.04 38.75
CA VAL A 300 5.47 -1.65 40.02
C VAL A 300 4.01 -1.32 40.35
N ASN A 301 3.49 -0.17 39.89
CA ASN A 301 2.05 0.06 40.03
C ASN A 301 1.26 -0.97 39.26
N ILE A 302 1.68 -1.27 38.04
CA ILE A 302 0.99 -2.30 37.27
C ILE A 302 1.11 -3.66 37.95
N ARG A 303 2.30 -3.94 38.52
CA ARG A 303 2.48 -5.21 39.23
C ARG A 303 1.57 -5.32 40.45
N GLY A 304 1.46 -4.25 41.22
CA GLY A 304 0.57 -4.28 42.35
C GLY A 304 -0.88 -4.43 41.93
N THR A 305 -1.26 -3.81 40.82
CA THR A 305 -2.63 -3.97 40.32
C THR A 305 -2.88 -5.42 39.90
N CYS A 306 -1.91 -6.02 39.20
CA CYS A 306 -2.04 -7.42 38.80
C CYS A 306 -2.23 -8.30 40.02
N LEU A 307 -1.46 -8.05 41.08
CA LEU A 307 -1.53 -8.90 42.26
C LEU A 307 -2.81 -8.66 43.05
N LEU A 308 -3.24 -7.40 43.15
CA LEU A 308 -4.54 -7.13 43.80
C LEU A 308 -5.67 -7.86 43.08
N SER A 309 -5.64 -7.88 41.74
CA SER A 309 -6.68 -8.57 40.97
C SER A 309 -6.58 -10.08 41.14
N TYR A 310 -5.36 -10.64 41.10
CA TYR A 310 -5.22 -12.09 41.24
C TYR A 310 -5.67 -12.55 42.62
N SER A 311 -5.20 -11.90 43.68
CA SER A 311 -5.53 -12.32 45.02
C SER A 311 -7.02 -12.17 45.32
N SER A 312 -7.72 -11.30 44.60
CA SER A 312 -9.16 -11.13 44.76
C SER A 312 -9.99 -12.08 43.90
N SER A 313 -9.35 -12.87 43.05
CA SER A 313 -10.05 -13.70 42.09
C SER A 313 -10.27 -15.12 42.63
N ASN A 314 -11.20 -15.83 42.00
CA ASN A 314 -11.48 -17.21 42.36
C ASN A 314 -10.38 -18.17 41.92
N ASP A 315 -9.44 -17.71 41.11
CA ASP A 315 -8.33 -18.57 40.68
C ASP A 315 -7.18 -18.60 41.67
N CYS A 316 -7.20 -17.76 42.70
CA CYS A 316 -6.11 -17.70 43.66
C CYS A 316 -6.39 -18.67 44.81
N PRO A 317 -5.58 -19.71 45.00
CA PRO A 317 -5.76 -20.58 46.18
C PRO A 317 -5.81 -19.76 47.45
N PRO A 318 -6.80 -19.98 48.31
CA PRO A 318 -6.87 -19.17 49.55
C PRO A 318 -5.57 -19.18 50.35
N GLU A 319 -4.94 -20.35 50.48
CA GLU A 319 -3.69 -20.45 51.22
C GLU A 319 -2.66 -19.42 50.75
N LEU A 320 -2.74 -19.02 49.48
CA LEU A 320 -1.75 -18.13 48.89
C LEU A 320 -2.19 -16.68 48.85
N LYS A 321 -3.47 -16.40 49.09
CA LYS A 321 -4.00 -15.05 48.94
C LYS A 321 -3.14 -14.01 49.63
N ASN A 322 -3.05 -14.07 50.96
CA ASN A 322 -2.24 -13.13 51.71
C ASN A 322 -0.84 -12.99 51.11
N LEU A 323 -0.22 -14.12 50.74
CA LEU A 323 1.12 -14.05 50.16
C LEU A 323 1.15 -13.11 48.97
N HIS A 324 0.24 -13.32 48.00
CA HIS A 324 0.22 -12.46 46.82
C HIS A 324 -0.05 -11.01 47.22
N LEU A 325 -0.89 -10.81 48.24
CA LEU A 325 -1.12 -9.46 48.72
C LEU A 325 0.18 -8.85 49.21
N CYS A 326 0.98 -9.62 49.96
CA CYS A 326 2.27 -9.10 50.40
C CYS A 326 3.15 -8.75 49.20
N GLU A 327 3.10 -9.55 48.15
CA GLU A 327 3.81 -9.18 46.93
C GLU A 327 3.35 -7.80 46.45
N ALA A 328 2.03 -7.62 46.33
CA ALA A 328 1.49 -6.31 45.99
C ALA A 328 2.04 -5.26 46.93
N LYS A 329 2.02 -5.55 48.24
CA LYS A 329 2.58 -4.63 49.22
C LYS A 329 3.95 -4.18 48.77
N GLU A 330 4.87 -5.14 48.60
CA GLU A 330 6.22 -4.79 48.20
C GLU A 330 6.19 -3.91 46.97
N ALA A 331 5.41 -4.32 45.96
CA ALA A 331 5.33 -3.57 44.71
C ALA A 331 5.06 -2.10 44.98
N PHE A 332 3.95 -1.82 45.66
CA PHE A 332 3.60 -0.43 45.89
C PHE A 332 4.64 0.26 46.74
N GLU A 333 5.17 -0.44 47.75
CA GLU A 333 6.22 0.16 48.55
C GLU A 333 7.39 0.60 47.68
N ILE A 334 7.79 -0.25 46.74
CA ILE A 334 8.90 0.12 45.86
C ILE A 334 8.56 1.41 45.14
N GLY A 335 7.34 1.49 44.61
CA GLY A 335 6.95 2.72 43.93
C GLY A 335 7.04 3.91 44.85
N LEU A 336 6.51 3.78 46.06
CA LEU A 336 6.51 4.92 46.97
C LEU A 336 7.93 5.29 47.36
N LEU A 337 8.85 4.33 47.33
CA LEU A 337 10.23 4.62 47.69
C LEU A 337 11.02 5.26 46.57
N THR A 338 10.43 5.42 45.37
CA THR A 338 11.21 6.02 44.28
C THR A 338 11.52 7.48 44.55
N LYS A 339 10.92 8.10 45.56
CA LYS A 339 11.18 9.49 45.89
C LYS A 339 11.36 9.62 47.39
N ARG A 340 12.03 10.69 47.81
CA ARG A 340 12.24 10.98 49.22
C ARG A 340 11.50 12.24 49.62
N ASP A 341 11.38 12.44 50.94
CA ASP A 341 10.80 13.67 51.46
C ASP A 341 11.58 14.87 50.95
N ASP A 342 10.85 15.92 50.57
CA ASP A 342 11.43 17.18 50.10
C ASP A 342 12.09 17.04 48.74
N GLU A 343 11.79 15.97 48.00
CA GLU A 343 12.34 15.75 46.67
C GLU A 343 11.30 16.14 45.62
N PRO A 344 11.58 17.09 44.75
CA PRO A 344 10.50 17.66 43.92
C PRO A 344 10.08 16.76 42.77
N VAL A 345 8.77 16.73 42.54
CA VAL A 345 8.17 16.03 41.42
C VAL A 345 7.55 17.06 40.49
N THR A 346 7.73 16.88 39.20
CA THR A 346 7.27 17.85 38.21
C THR A 346 6.24 17.30 37.23
N GLY A 347 6.29 16.01 36.93
CA GLY A 347 5.40 15.46 35.92
C GLY A 347 4.01 15.18 36.45
N LYS A 348 3.03 15.29 35.54
CA LYS A 348 1.66 14.93 35.88
C LYS A 348 1.51 13.42 35.96
N GLN A 349 2.14 12.70 35.04
CA GLN A 349 2.12 11.24 35.07
C GLN A 349 2.75 10.71 36.36
N GLU A 350 3.85 11.31 36.79
CA GLU A 350 4.54 10.79 37.97
C GLU A 350 3.75 11.08 39.24
N LEU A 351 3.18 12.27 39.35
CA LEU A 351 2.34 12.60 40.50
C LEU A 351 1.14 11.66 40.56
N HIS A 352 0.48 11.45 39.42
CA HIS A 352 -0.62 10.50 39.36
C HIS A 352 -0.16 9.13 39.83
N SER A 353 1.00 8.67 39.35
CA SER A 353 1.48 7.35 39.70
C SER A 353 1.81 7.25 41.18
N PHE A 354 2.25 8.34 41.79
CA PHE A 354 2.50 8.31 43.23
C PHE A 354 1.20 8.20 44.01
N VAL A 355 0.17 8.95 43.61
CA VAL A 355 -1.12 8.79 44.28
C VAL A 355 -1.64 7.37 44.08
N LYS A 356 -1.44 6.83 42.88
CA LYS A 356 -1.84 5.46 42.58
C LYS A 356 -1.17 4.48 43.53
N ALA A 357 0.16 4.58 43.67
CA ALA A 357 0.89 3.67 44.55
C ALA A 357 0.44 3.82 45.99
N ALA A 358 0.22 5.06 46.45
CA ALA A 358 -0.25 5.27 47.81
C ALA A 358 -1.60 4.60 48.04
N PHE A 359 -2.52 4.76 47.11
CA PHE A 359 -3.83 4.14 47.29
C PHE A 359 -3.76 2.63 47.13
N GLY A 360 -2.83 2.13 46.31
CA GLY A 360 -2.69 0.69 46.17
C GLY A 360 -2.16 0.06 47.44
N LEU A 361 -1.18 0.70 48.06
CA LEU A 361 -0.69 0.24 49.35
C LEU A 361 -1.76 0.32 50.42
N THR A 362 -2.51 1.43 50.46
CA THR A 362 -3.63 1.52 51.40
C THR A 362 -4.61 0.38 51.18
N THR A 363 -4.90 0.06 49.91
CA THR A 363 -5.86 -1.00 49.61
C THR A 363 -5.32 -2.36 50.01
N VAL A 364 -4.01 -2.58 49.83
CA VAL A 364 -3.42 -3.82 50.29
C VAL A 364 -3.55 -3.94 51.81
N HIS A 365 -3.37 -2.83 52.52
CA HIS A 365 -3.52 -2.87 53.97
C HIS A 365 -4.97 -3.12 54.36
N ARG A 366 -5.92 -2.61 53.57
CA ARG A 366 -7.33 -2.90 53.83
C ARG A 366 -7.63 -4.37 53.57
N ARG A 367 -7.07 -4.93 52.50
CA ARG A 367 -7.30 -6.33 52.19
C ARG A 367 -6.65 -7.26 53.23
N LEU A 368 -5.52 -6.84 53.80
CA LEU A 368 -4.85 -7.65 54.82
C LEU A 368 -5.43 -7.36 56.20
N HIS A 369 -5.64 -6.11 56.56
CA HIS A 369 -6.15 -5.74 57.91
C HIS A 369 -7.46 -5.08 57.62
N GLY A 370 -8.47 -5.08 58.47
CA GLY A 370 -9.83 -4.66 58.09
C GLY A 370 -9.96 -3.17 58.06
N GLU A 371 -11.04 -2.68 58.61
CA GLU A 371 -11.27 -1.24 58.66
C GLU A 371 -10.60 -0.66 59.91
N THR A 372 -9.28 -0.62 59.87
CA THR A 372 -8.50 -0.09 60.97
C THR A 372 -8.43 1.43 60.89
N GLY A 373 -7.94 2.04 61.97
CA GLY A 373 -7.83 3.49 62.00
C GLY A 373 -6.73 4.01 61.10
N THR A 374 -5.61 3.27 61.02
CA THR A 374 -4.53 3.69 60.14
C THR A 374 -4.94 3.57 58.68
N VAL A 375 -5.65 2.51 58.32
CA VAL A 375 -6.16 2.37 56.96
C VAL A 375 -7.08 3.53 56.61
N HIS A 376 -7.94 3.93 57.56
CA HIS A 376 -8.86 5.03 57.30
C HIS A 376 -8.12 6.34 57.13
N ALA A 377 -7.12 6.58 57.98
CA ALA A 377 -6.31 7.80 57.86
C ALA A 377 -5.58 7.83 56.52
N ALA A 378 -5.05 6.70 56.08
CA ALA A 378 -4.36 6.65 54.81
C ALA A 378 -5.33 6.87 53.64
N SER A 379 -6.54 6.33 53.74
CA SER A 379 -7.56 6.59 52.72
C SER A 379 -7.90 8.06 52.64
N GLN A 380 -8.06 8.71 53.80
CA GLN A 380 -8.35 10.15 53.82
C GLN A 380 -7.21 10.92 53.19
N LEU A 381 -5.96 10.59 53.55
CA LEU A 381 -4.81 11.23 52.94
C LEU A 381 -4.79 11.02 51.42
N CYS A 382 -5.13 9.82 50.97
CA CYS A 382 -5.19 9.54 49.53
C CYS A 382 -6.24 10.42 48.84
N LYS A 383 -7.40 10.59 49.46
CA LYS A 383 -8.42 11.47 48.87
C LYS A 383 -7.93 12.92 48.80
N GLU A 384 -7.28 13.39 49.87
CA GLU A 384 -6.71 14.74 49.85
C GLU A 384 -5.69 14.89 48.73
N ALA A 385 -4.78 13.91 48.62
CA ALA A 385 -3.80 13.94 47.53
C ALA A 385 -4.49 13.95 46.18
N MET A 386 -5.60 13.22 46.04
CA MET A 386 -6.31 13.19 44.77
C MET A 386 -6.85 14.57 44.43
N GLY A 387 -7.46 15.23 45.40
CA GLY A 387 -7.92 16.59 45.18
C GLY A 387 -6.79 17.50 44.72
N LYS A 388 -5.66 17.46 45.44
CA LYS A 388 -4.52 18.30 45.07
C LYS A 388 -4.02 17.94 43.68
N LEU A 389 -4.04 16.66 43.31
CA LEU A 389 -3.55 16.23 42.01
C LEU A 389 -4.43 16.76 40.91
N TYR A 390 -5.75 16.74 41.12
CA TYR A 390 -6.65 17.31 40.12
C TYR A 390 -6.41 18.80 39.98
N ASN A 391 -6.27 19.52 41.10
CA ASN A 391 -5.98 20.95 41.02
C ASN A 391 -4.64 21.21 40.33
N PHE A 392 -3.69 20.27 40.44
CA PHE A 392 -2.43 20.39 39.72
C PHE A 392 -2.64 20.24 38.22
N SER A 393 -3.37 19.19 37.83
CA SER A 393 -3.66 18.98 36.41
C SER A 393 -4.54 20.09 35.84
N THR A 394 -5.18 20.89 36.69
CA THR A 394 -6.02 21.98 36.23
C THR A 394 -5.31 23.33 36.23
N SER A 395 -4.30 23.52 37.07
CA SER A 395 -3.60 24.79 37.11
C SER A 395 -2.83 25.02 35.83
N SER A 396 -2.47 26.27 35.59
CA SER A 396 -1.69 26.62 34.38
C SER A 396 -0.54 27.58 34.68
N ARG A 397 -0.13 27.69 35.96
CA ARG A 397 1.00 28.54 36.40
C ARG A 397 2.12 27.68 37.00
N SER A 398 3.39 28.03 36.83
CA SER A 398 4.56 27.18 37.19
C SER A 398 4.74 27.11 38.71
N GLN A 399 4.49 28.24 39.40
CA GLN A 399 4.65 28.33 40.85
C GLN A 399 3.50 27.65 41.57
N ASP A 400 2.32 27.75 40.97
CA ASP A 400 1.08 27.16 41.50
C ASP A 400 1.23 25.64 41.36
N ARG A 401 1.80 25.20 40.26
CA ARG A 401 1.95 23.78 40.05
C ARG A 401 3.10 23.22 40.88
N GLU A 402 4.12 24.01 41.15
CA GLU A 402 5.18 23.54 42.04
C GLU A 402 4.67 23.38 43.47
N ALA A 403 3.93 24.38 43.97
CA ALA A 403 3.36 24.27 45.31
C ALA A 403 2.40 23.09 45.41
N LEU A 404 1.63 22.83 44.33
CA LEU A 404 0.70 21.71 44.36
C LEU A 404 1.43 20.38 44.36
N SER A 405 2.50 20.26 43.54
CA SER A 405 3.31 19.05 43.56
C SER A 405 3.91 18.85 44.95
N GLN A 406 4.37 19.92 45.59
CA GLN A 406 4.91 19.83 46.93
C GLN A 406 3.86 19.31 47.91
N GLU A 407 2.64 19.85 47.84
CA GLU A 407 1.59 19.41 48.75
C GLU A 407 1.22 17.94 48.51
N VAL A 408 1.12 17.55 47.24
CA VAL A 408 0.82 16.16 46.93
C VAL A 408 1.90 15.23 47.51
N MET A 409 3.17 15.58 47.29
CA MET A 409 4.25 14.71 47.79
C MET A 409 4.36 14.75 49.30
N SER A 410 3.97 15.85 49.94
CA SER A 410 3.87 15.86 51.40
C SER A 410 2.83 14.87 51.88
N VAL A 411 1.67 14.82 51.19
CA VAL A 411 0.63 13.87 51.56
C VAL A 411 1.12 12.44 51.32
N ILE A 412 1.88 12.23 50.25
CA ILE A 412 2.44 10.91 49.96
C ILE A 412 3.40 10.49 51.06
N ALA A 413 4.24 11.42 51.54
CA ALA A 413 5.16 11.12 52.64
C ALA A 413 4.39 10.80 53.92
N GLN A 414 3.28 11.51 54.14
CA GLN A 414 2.45 11.19 55.30
C GLN A 414 1.88 9.77 55.20
N VAL A 415 1.45 9.38 54.00
CA VAL A 415 0.93 8.02 53.82
C VAL A 415 2.04 7.00 54.05
N LYS A 416 3.24 7.30 53.56
CA LYS A 416 4.39 6.42 53.80
C LYS A 416 4.63 6.24 55.29
N GLU A 417 4.64 7.35 56.04
CA GLU A 417 4.76 7.28 57.50
C GLU A 417 3.66 6.40 58.08
N HIS A 418 2.39 6.75 57.81
CA HIS A 418 1.28 6.03 58.42
C HIS A 418 1.37 4.53 58.18
N LEU A 419 1.70 4.12 56.96
CA LEU A 419 1.74 2.69 56.61
C LEU A 419 3.10 2.05 56.85
N GLN A 420 4.05 2.80 57.43
CA GLN A 420 5.32 2.25 57.87
C GLN A 420 6.08 1.59 56.72
N VAL A 421 6.46 2.42 55.76
CA VAL A 421 7.23 1.97 54.61
C VAL A 421 8.70 2.14 54.95
N GLN A 422 9.43 1.03 55.02
CA GLN A 422 10.86 1.05 55.29
C GLN A 422 11.63 0.82 53.99
N SER A 423 12.73 1.54 53.84
CA SER A 423 13.57 1.40 52.66
C SER A 423 14.15 -0.02 52.58
N PHE A 424 14.62 -0.37 51.39
CA PHE A 424 15.47 -1.53 51.18
C PHE A 424 16.89 -1.03 50.92
N SER A 425 17.86 -1.88 51.20
CA SER A 425 19.26 -1.57 50.93
C SER A 425 19.74 -2.41 49.75
N ASN A 426 20.09 -1.74 48.66
CA ASN A 426 20.66 -2.38 47.49
C ASN A 426 22.12 -2.01 47.39
N VAL A 427 22.99 -3.01 47.20
CA VAL A 427 24.42 -2.76 47.06
C VAL A 427 24.69 -1.70 46.00
N ASP A 428 23.85 -1.66 44.98
CA ASP A 428 23.96 -0.63 43.95
C ASP A 428 23.17 0.55 44.44
N ASP A 429 23.87 1.56 44.92
CA ASP A 429 23.23 2.72 45.50
C ASP A 429 22.44 3.54 44.49
N ARG A 430 22.51 3.15 43.21
CA ARG A 430 21.76 3.83 42.17
C ARG A 430 20.47 3.11 41.77
N SER A 431 20.27 1.88 42.24
CA SER A 431 19.10 1.10 41.86
C SER A 431 17.90 1.48 42.71
N TYR A 432 16.75 1.60 42.05
CA TYR A 432 15.47 1.88 42.69
C TYR A 432 14.63 0.61 42.90
N VAL A 433 15.21 -0.56 42.68
CA VAL A 433 14.49 -1.82 42.88
C VAL A 433 15.28 -2.72 43.83
N PRO A 434 14.62 -3.59 44.59
CA PRO A 434 15.38 -4.53 45.44
C PRO A 434 16.20 -5.49 44.61
N GLU A 435 17.18 -6.12 45.26
CA GLU A 435 18.01 -7.09 44.59
C GLU A 435 17.24 -8.34 44.17
N SER A 436 16.07 -8.58 44.77
CA SER A 436 15.24 -9.71 44.38
C SER A 436 14.65 -9.58 42.98
N PHE A 437 14.77 -8.41 42.34
CA PHE A 437 14.36 -8.22 40.95
C PHE A 437 15.51 -8.49 39.99
N GLU A 438 16.64 -7.82 40.22
CA GLU A 438 17.86 -8.08 39.47
C GLU A 438 18.26 -9.54 39.56
N CYS A 439 17.92 -10.20 40.66
CA CYS A 439 18.14 -11.65 40.78
C CYS A 439 17.48 -12.38 39.63
N ARG A 440 16.19 -12.17 39.43
CA ARG A 440 15.48 -12.84 38.34
C ARG A 440 16.04 -12.44 36.99
N LEU A 441 16.46 -11.17 36.86
CA LEU A 441 16.86 -10.67 35.55
C LEU A 441 17.71 -11.64 34.73
N ASP A 442 18.73 -12.23 35.35
CA ASP A 442 19.77 -12.95 34.60
C ASP A 442 19.18 -14.03 33.71
N LYS A 443 18.32 -14.88 34.27
CA LYS A 443 17.83 -16.07 33.59
C LYS A 443 16.63 -15.80 32.69
N LEU A 444 16.56 -14.68 31.97
CA LEU A 444 15.34 -14.42 31.13
C LEU A 444 14.97 -15.59 30.21
N ILE A 445 15.95 -16.18 29.54
CA ILE A 445 15.71 -17.39 28.70
C ILE A 445 16.83 -18.37 29.01
N PHE A 452 17.54 -14.67 16.51
CA PHE A 452 16.73 -13.58 15.99
C PHE A 452 16.62 -13.62 14.48
N GLN A 453 17.70 -14.03 13.79
CA GLN A 453 17.66 -14.08 12.34
C GLN A 453 16.58 -15.04 11.86
N LYS A 454 16.48 -16.22 12.49
CA LYS A 454 15.45 -17.17 12.12
C LYS A 454 14.05 -16.60 12.36
N ILE A 455 13.90 -15.71 13.33
CA ILE A 455 12.63 -15.09 13.66
C ILE A 455 12.20 -14.09 12.59
N LEU A 456 13.09 -13.60 11.73
CA LEU A 456 12.76 -12.53 10.73
C LEU A 456 12.18 -13.07 9.40
N LYS B 9 -34.08 3.28 56.45
CA LYS B 9 -35.07 2.78 55.47
C LYS B 9 -34.56 1.45 54.92
N GLU B 10 -35.33 0.76 54.09
CA GLU B 10 -34.80 -0.53 53.60
C GLU B 10 -33.91 -0.25 52.39
N ILE B 11 -34.01 0.95 51.84
CA ILE B 11 -33.18 1.34 50.68
C ILE B 11 -31.75 1.51 51.19
N LEU B 12 -31.59 2.23 52.29
CA LEU B 12 -30.26 2.36 52.89
C LEU B 12 -29.67 1.00 53.22
N GLU B 13 -30.50 0.08 53.72
CA GLU B 13 -30.01 -1.27 53.99
C GLU B 13 -29.48 -1.92 52.71
N ALA B 14 -30.20 -1.75 51.59
CA ALA B 14 -29.78 -2.41 50.35
C ALA B 14 -28.57 -1.73 49.73
N ARG B 15 -28.40 -0.43 49.95
CA ARG B 15 -27.31 0.31 49.34
C ARG B 15 -25.97 0.05 50.01
N THR B 16 -25.95 -0.57 51.19
CA THR B 16 -24.70 -0.83 51.88
C THR B 16 -24.11 -2.16 51.42
N LEU B 17 -22.84 -2.12 51.02
CA LEU B 17 -22.14 -3.32 50.58
C LEU B 17 -21.40 -3.94 51.77
N GLN B 18 -21.59 -5.24 51.96
CA GLN B 18 -20.93 -5.97 53.03
C GLN B 18 -19.62 -6.55 52.51
N PRO B 19 -18.76 -7.04 53.40
CA PRO B 19 -17.49 -7.65 52.92
C PRO B 19 -17.72 -8.73 51.89
N ASP B 20 -18.80 -9.49 52.02
CA ASP B 20 -19.12 -10.52 51.04
C ASP B 20 -19.46 -9.90 49.70
N ASP B 21 -20.20 -8.79 49.70
CA ASP B 21 -20.48 -8.09 48.46
C ASP B 21 -19.18 -7.64 47.79
N PHE B 22 -18.28 -7.03 48.56
CA PHE B 22 -17.02 -6.58 48.00
C PHE B 22 -16.22 -7.75 47.45
N GLU B 23 -16.21 -8.88 48.15
CA GLU B 23 -15.40 -10.01 47.68
C GLU B 23 -15.97 -10.56 46.37
N LYS B 24 -17.29 -10.72 46.30
CA LYS B 24 -17.90 -11.16 45.05
C LYS B 24 -17.61 -10.18 43.92
N LEU B 25 -17.78 -8.88 44.17
CA LEU B 25 -17.61 -7.89 43.11
C LEU B 25 -16.17 -7.82 42.62
N LEU B 26 -15.20 -7.98 43.54
CA LEU B 26 -13.80 -7.94 43.14
C LEU B 26 -13.39 -9.22 42.42
N ALA B 27 -14.04 -10.35 42.74
CA ALA B 27 -13.77 -11.58 42.02
C ALA B 27 -14.40 -11.59 40.63
N GLY B 28 -15.53 -10.91 40.46
CA GLY B 28 -16.25 -10.94 39.19
C GLY B 28 -17.59 -11.62 39.40
N VAL B 29 -18.65 -10.92 38.99
CA VAL B 29 -20.02 -11.37 39.23
C VAL B 29 -20.77 -11.42 37.91
N ARG B 30 -21.77 -12.29 37.86
CA ARG B 30 -22.61 -12.41 36.68
C ARG B 30 -23.65 -11.29 36.65
N HIS B 31 -24.23 -11.09 35.46
CA HIS B 31 -25.27 -10.08 35.28
C HIS B 31 -26.40 -10.26 36.28
N ASP B 32 -26.91 -11.48 36.39
CA ASP B 32 -28.08 -11.72 37.23
C ASP B 32 -27.78 -11.39 38.69
N TRP B 33 -26.62 -11.81 39.19
CA TRP B 33 -26.27 -11.52 40.57
C TRP B 33 -26.22 -10.02 40.81
N LEU B 34 -25.53 -9.29 39.92
CA LEU B 34 -25.38 -7.85 40.09
C LEU B 34 -26.75 -7.16 40.09
N PHE B 35 -27.61 -7.52 39.12
CA PHE B 35 -28.90 -6.85 38.99
C PHE B 35 -29.82 -7.17 40.17
N GLN B 36 -29.87 -8.43 40.60
CA GLN B 36 -30.66 -8.76 41.77
C GLN B 36 -30.12 -8.11 43.03
N ARG B 37 -28.80 -7.96 43.14
CA ARG B 37 -28.21 -7.42 44.36
C ARG B 37 -28.64 -5.97 44.58
N LEU B 38 -28.62 -5.17 43.53
CA LEU B 38 -28.96 -3.76 43.61
C LEU B 38 -30.42 -3.50 43.31
N GLU B 39 -31.32 -4.42 43.60
CA GLU B 39 -32.74 -4.23 43.30
C GLU B 39 -33.43 -3.13 44.10
N ASN B 40 -33.29 -3.15 45.41
CA ASN B 40 -33.98 -2.15 46.23
C ASN B 40 -33.06 -1.00 46.59
N THR B 41 -32.34 -0.48 45.59
CA THR B 41 -31.47 0.67 45.78
C THR B 41 -32.11 1.98 45.37
N GLY B 42 -33.21 1.93 44.62
CA GLY B 42 -33.95 3.14 44.33
C GLY B 42 -33.25 4.02 43.33
N VAL B 43 -33.36 5.33 43.53
CA VAL B 43 -32.75 6.33 42.66
C VAL B 43 -31.94 7.27 43.54
N PHE B 44 -30.79 7.69 43.02
CA PHE B 44 -29.85 8.51 43.77
C PHE B 44 -29.92 9.96 43.31
N LYS B 45 -29.24 10.82 44.05
CA LYS B 45 -29.09 12.22 43.68
C LYS B 45 -27.89 12.39 42.79
N PRO B 46 -27.79 13.51 42.07
CA PRO B 46 -26.56 13.79 41.32
C PRO B 46 -25.35 13.74 42.25
N SER B 47 -24.29 13.08 41.77
CA SER B 47 -23.05 13.04 42.53
C SER B 47 -22.54 14.46 42.78
N GLN B 48 -21.78 14.62 43.85
CA GLN B 48 -21.28 15.94 44.21
C GLN B 48 -19.98 16.21 43.46
N LEU B 49 -19.98 17.25 42.63
CA LEU B 49 -18.83 17.59 41.82
C LEU B 49 -17.82 18.37 42.65
N HIS B 50 -16.68 18.68 42.02
CA HIS B 50 -15.54 19.29 42.70
C HIS B 50 -15.18 18.50 43.94
N ARG B 51 -15.03 17.20 43.79
CA ARG B 51 -14.74 16.35 44.93
C ARG B 51 -14.14 15.03 44.66
N ALA B 52 -13.28 14.57 45.55
CA ALA B 52 -12.71 13.23 45.51
C ALA B 52 -13.58 12.28 46.31
N HIS B 53 -13.79 11.10 45.76
CA HIS B 53 -14.67 10.10 46.33
C HIS B 53 -14.03 8.72 46.22
N SER B 54 -14.19 7.91 47.26
CA SER B 54 -13.93 6.48 47.14
C SER B 54 -14.98 5.87 46.22
N ALA B 55 -14.58 4.90 45.41
CA ALA B 55 -15.51 4.36 44.45
C ALA B 55 -15.09 2.96 44.04
N LEU B 56 -16.02 2.27 43.40
CA LEU B 56 -15.78 0.99 42.75
C LEU B 56 -15.84 1.23 41.25
N LEU B 57 -14.75 0.92 40.54
CA LEU B 57 -14.74 0.89 39.09
C LEU B 57 -15.27 -0.47 38.66
N LEU B 58 -16.41 -0.49 38.00
CA LEU B 58 -17.01 -1.71 37.48
C LEU B 58 -16.85 -1.74 35.97
N LYS B 59 -16.39 -2.87 35.46
CA LYS B 59 -16.16 -3.05 34.03
C LYS B 59 -16.84 -4.33 33.59
N TYR B 60 -17.47 -4.28 32.42
CA TYR B 60 -18.20 -5.41 31.87
C TYR B 60 -17.44 -5.98 30.69
N SER B 61 -17.35 -7.31 30.64
CA SER B 61 -16.71 -8.02 29.54
C SER B 61 -17.73 -8.94 28.89
N LYS B 62 -17.93 -8.76 27.58
CA LYS B 62 -18.85 -9.61 26.83
C LYS B 62 -18.26 -11.00 26.59
N LYS B 63 -16.95 -11.08 26.37
CA LYS B 63 -16.29 -12.38 26.23
C LYS B 63 -16.63 -13.26 27.43
N SER B 64 -16.26 -12.82 28.63
CA SER B 64 -16.56 -13.56 29.84
C SER B 64 -17.97 -13.31 30.36
N GLU B 65 -18.65 -12.27 29.88
CA GLU B 65 -19.96 -11.89 30.38
C GLU B 65 -19.90 -11.63 31.89
N LEU B 66 -18.87 -10.90 32.30
CA LEU B 66 -18.63 -10.68 33.72
C LEU B 66 -18.48 -9.20 34.05
N TRP B 67 -19.02 -8.83 35.20
CA TRP B 67 -18.80 -7.51 35.80
C TRP B 67 -17.73 -7.64 36.89
N THR B 68 -16.67 -6.87 36.78
CA THR B 68 -15.56 -6.93 37.72
C THR B 68 -15.30 -5.55 38.32
N ALA B 69 -15.10 -5.52 39.63
CA ALA B 69 -14.91 -4.28 40.37
C ALA B 69 -13.46 -4.14 40.84
N GLN B 70 -12.98 -2.91 40.84
CA GLN B 70 -11.74 -2.55 41.52
C GLN B 70 -11.99 -1.33 42.41
N GLU B 71 -11.36 -1.32 43.58
CA GLU B 71 -11.40 -0.13 44.43
C GLU B 71 -10.58 0.97 43.80
N THR B 72 -11.09 2.20 43.87
CA THR B 72 -10.36 3.33 43.31
C THR B 72 -10.81 4.61 43.99
N ILE B 73 -10.16 5.71 43.60
CA ILE B 73 -10.56 7.05 44.00
C ILE B 73 -10.78 7.86 42.74
N VAL B 74 -11.88 8.60 42.68
CA VAL B 74 -12.22 9.42 41.53
C VAL B 74 -12.36 10.86 42.00
N TYR B 75 -11.93 11.80 41.16
CA TYR B 75 -12.22 13.21 41.36
C TYR B 75 -13.19 13.65 40.26
N LEU B 76 -14.35 14.17 40.67
CA LEU B 76 -15.35 14.71 39.76
C LEU B 76 -15.19 16.23 39.70
N GLY B 77 -14.98 16.75 38.50
CA GLY B 77 -14.74 18.17 38.29
C GLY B 77 -15.88 18.93 37.65
N ASP B 78 -15.55 19.84 36.74
CA ASP B 78 -16.51 20.75 36.14
C ASP B 78 -17.29 20.09 35.02
N TYR B 79 -18.51 20.58 34.80
CA TYR B 79 -19.30 20.18 33.64
C TYR B 79 -18.58 20.60 32.35
N LEU B 80 -18.78 19.80 31.30
CA LEU B 80 -18.31 20.18 29.97
C LEU B 80 -19.22 21.25 29.38
N THR B 81 -18.61 22.17 28.63
CA THR B 81 -19.36 23.26 28.00
C THR B 81 -19.96 22.81 26.67
N ALA B 91 -22.59 16.19 31.46
CA ALA B 91 -21.25 15.66 31.25
C ALA B 91 -20.25 16.50 32.04
N PHE B 92 -19.30 15.83 32.69
CA PHE B 92 -18.34 16.55 33.51
C PHE B 92 -17.02 15.80 33.54
N TRP B 93 -15.93 16.54 33.64
CA TRP B 93 -14.62 15.92 33.70
C TRP B 93 -14.52 15.03 34.92
N VAL B 94 -13.88 13.87 34.74
CA VAL B 94 -13.58 12.96 35.83
C VAL B 94 -12.12 12.54 35.72
N HIS B 95 -11.58 12.07 36.83
CA HIS B 95 -10.20 11.56 36.84
C HIS B 95 -10.07 10.60 38.00
N HIS B 96 -9.91 9.31 37.72
CA HIS B 96 -9.74 8.31 38.74
C HIS B 96 -8.38 7.64 38.59
N LEU B 97 -8.07 6.74 39.52
CA LEU B 97 -6.73 6.17 39.61
C LEU B 97 -6.57 4.91 38.77
N HIS B 98 -7.61 4.48 38.05
CA HIS B 98 -7.54 3.27 37.23
C HIS B 98 -7.83 3.56 35.77
N GLN B 99 -7.53 4.78 35.31
CA GLN B 99 -7.68 5.10 33.91
C GLN B 99 -6.62 4.37 33.07
N GLU B 100 -6.99 4.06 31.84
CA GLU B 100 -6.10 3.42 30.87
C GLU B 100 -5.00 4.40 30.51
N GLU B 101 -5.31 5.69 30.49
CA GLU B 101 -4.39 6.74 30.06
C GLU B 101 -4.31 7.80 31.15
N ILE B 102 -3.16 7.88 31.81
CA ILE B 102 -2.99 8.84 32.89
C ILE B 102 -3.15 10.27 32.38
N LEU B 103 -2.42 10.60 31.31
CA LEU B 103 -2.47 11.94 30.75
C LEU B 103 -3.72 12.20 29.92
N GLY B 104 -4.51 11.17 29.63
CA GLY B 104 -5.72 11.37 28.88
C GLY B 104 -6.81 12.02 29.71
N ARG B 105 -7.86 12.44 29.01
CA ARG B 105 -9.00 13.10 29.64
C ARG B 105 -10.21 12.18 29.57
N TYR B 106 -11.02 12.19 30.62
CA TYR B 106 -12.18 11.33 30.74
C TYR B 106 -13.38 12.15 31.21
N VAL B 107 -14.54 11.83 30.65
CA VAL B 107 -15.79 12.50 31.01
C VAL B 107 -16.72 11.47 31.65
N GLY B 108 -17.41 11.90 32.70
CA GLY B 108 -18.45 11.12 33.31
C GLY B 108 -19.81 11.76 33.08
N LYS B 109 -20.85 10.95 33.14
CA LYS B 109 -22.20 11.42 32.87
C LYS B 109 -23.19 10.65 33.72
N ASP B 110 -24.18 11.41 34.21
CA ASP B 110 -25.33 10.94 35.01
C ASP B 110 -26.60 11.38 34.26
N TYR B 111 -27.62 10.56 34.29
CA TYR B 111 -28.90 10.96 33.66
C TYR B 111 -29.37 12.29 34.28
N LYS B 112 -29.88 13.20 33.46
CA LYS B 112 -30.41 14.49 33.96
C LYS B 112 -31.56 14.15 34.91
N GLU B 113 -32.38 13.16 34.54
CA GLU B 113 -33.41 12.67 35.47
C GLU B 113 -32.81 11.47 36.16
N GLN B 114 -32.56 11.58 37.46
CA GLN B 114 -31.92 10.50 38.20
C GLN B 114 -32.66 9.19 37.98
N LYS B 115 -31.91 8.13 37.67
CA LYS B 115 -32.47 6.82 37.40
C LYS B 115 -31.77 5.79 38.27
N GLY B 116 -32.21 4.54 38.15
CA GLY B 116 -31.64 3.47 38.93
C GLY B 116 -30.34 2.96 38.32
N LEU B 117 -29.71 2.05 39.07
CA LEU B 117 -28.46 1.45 38.62
C LEU B 117 -28.65 0.54 37.41
N TRP B 118 -29.83 -0.05 37.31
CA TRP B 118 -30.13 -0.96 36.17
C TRP B 118 -29.87 -0.25 34.84
N HIS B 119 -30.24 1.02 34.73
CA HIS B 119 -30.09 1.74 33.47
C HIS B 119 -28.61 1.92 33.13
N HIS B 120 -27.80 2.34 34.11
CA HIS B 120 -26.36 2.49 33.89
C HIS B 120 -25.75 1.18 33.42
N PHE B 121 -25.99 0.10 34.16
CA PHE B 121 -25.39 -1.18 33.80
C PHE B 121 -25.87 -1.65 32.43
N THR B 122 -27.16 -1.46 32.12
CA THR B 122 -27.69 -1.87 30.83
C THR B 122 -26.99 -1.11 29.69
N ASP B 123 -26.88 0.21 29.83
CA ASP B 123 -26.23 1.01 28.80
C ASP B 123 -24.79 0.56 28.60
N VAL B 124 -24.08 0.26 29.70
CA VAL B 124 -22.68 -0.16 29.58
C VAL B 124 -22.59 -1.52 28.91
N GLU B 125 -23.43 -2.47 29.31
CA GLU B 125 -23.44 -3.77 28.63
C GLU B 125 -23.67 -3.61 27.13
N ARG B 126 -24.60 -2.72 26.75
CA ARG B 126 -24.88 -2.49 25.33
C ARG B 126 -23.65 -1.94 24.61
N GLN B 127 -23.06 -0.88 25.17
CA GLN B 127 -21.88 -0.28 24.55
C GLN B 127 -20.77 -1.32 24.39
N MET B 128 -20.55 -2.16 25.39
CA MET B 128 -19.42 -3.07 25.36
C MET B 128 -19.68 -4.27 24.47
N THR B 129 -20.95 -4.67 24.30
CA THR B 129 -21.27 -5.68 23.29
C THR B 129 -21.02 -5.15 21.88
N ALA B 130 -21.49 -3.93 21.62
CA ALA B 130 -21.17 -3.30 20.35
C ALA B 130 -19.65 -3.24 20.15
N GLN B 131 -18.92 -2.88 21.19
CA GLN B 131 -17.48 -2.73 21.08
C GLN B 131 -16.81 -4.08 20.81
N HIS B 132 -17.28 -5.14 21.46
CA HIS B 132 -16.74 -6.47 21.16
C HIS B 132 -16.89 -6.79 19.69
N TYR B 133 -18.11 -6.60 19.15
CA TYR B 133 -18.32 -6.90 17.74
C TYR B 133 -17.44 -6.03 16.86
N VAL B 134 -17.28 -4.74 17.20
CA VAL B 134 -16.51 -3.86 16.34
C VAL B 134 -15.03 -4.20 16.43
N THR B 135 -14.58 -4.71 17.57
CA THR B 135 -13.19 -5.11 17.72
C THR B 135 -12.89 -6.30 16.81
N GLU B 136 -13.78 -7.30 16.82
CA GLU B 136 -13.60 -8.43 15.90
C GLU B 136 -13.70 -7.98 14.45
N PHE B 137 -14.61 -7.05 14.18
CA PHE B 137 -14.74 -6.46 12.84
C PHE B 137 -13.44 -5.85 12.40
N ASN B 138 -12.81 -5.07 13.27
CA ASN B 138 -11.58 -4.39 12.91
C ASN B 138 -10.41 -5.36 12.79
N LYS B 139 -10.40 -6.42 13.60
CA LYS B 139 -9.42 -7.47 13.37
C LYS B 139 -9.52 -8.01 11.93
N ARG B 140 -10.75 -8.38 11.55
CA ARG B 140 -10.96 -8.92 10.18
C ARG B 140 -10.53 -7.89 9.14
N LEU B 141 -10.94 -6.62 9.32
CA LEU B 141 -10.56 -5.58 8.37
C LEU B 141 -9.05 -5.49 8.23
N TYR B 142 -8.34 -5.41 9.36
CA TYR B 142 -6.88 -5.33 9.33
C TYR B 142 -6.29 -6.52 8.58
N GLU B 143 -6.78 -7.72 8.86
CA GLU B 143 -6.27 -8.89 8.13
C GLU B 143 -6.46 -8.74 6.62
N GLN B 144 -7.49 -8.01 6.19
CA GLN B 144 -7.79 -7.82 4.77
C GLN B 144 -7.22 -6.52 4.21
N ASN B 145 -6.44 -5.79 5.01
CA ASN B 145 -5.76 -4.57 4.58
C ASN B 145 -6.73 -3.42 4.33
N ILE B 146 -7.86 -3.41 5.02
CA ILE B 146 -8.81 -2.31 4.95
C ILE B 146 -8.62 -1.41 6.17
N PRO B 147 -8.42 -0.11 5.99
CA PRO B 147 -8.22 0.75 7.17
C PRO B 147 -9.39 0.64 8.14
N THR B 148 -9.07 0.67 9.44
CA THR B 148 -10.06 0.72 10.49
C THR B 148 -10.59 2.14 10.59
N GLN B 149 -11.93 2.28 10.55
CA GLN B 149 -12.54 3.59 10.43
C GLN B 149 -13.57 3.90 11.51
N ILE B 150 -14.22 2.87 12.05
CA ILE B 150 -15.27 3.06 13.05
C ILE B 150 -14.88 2.30 14.30
N PHE B 151 -15.16 2.89 15.46
CA PHE B 151 -14.87 2.30 16.75
C PHE B 151 -16.00 2.62 17.73
N TYR B 152 -15.94 2.01 18.90
CA TYR B 152 -16.88 2.30 19.98
C TYR B 152 -16.13 2.80 21.21
N ILE B 153 -16.56 3.93 21.75
CA ILE B 153 -15.93 4.43 22.97
C ILE B 153 -16.13 3.41 24.09
N PRO B 154 -15.09 2.97 24.78
CA PRO B 154 -15.30 2.12 25.96
C PRO B 154 -16.05 2.89 27.04
N SER B 155 -16.81 2.16 27.84
CA SER B 155 -17.63 2.74 28.88
C SER B 155 -17.48 1.91 30.15
N THR B 156 -17.38 2.58 31.28
CA THR B 156 -17.24 1.89 32.56
C THR B 156 -18.18 2.53 33.56
N ILE B 157 -18.36 1.86 34.71
CA ILE B 157 -19.23 2.33 35.78
C ILE B 157 -18.37 2.73 36.96
N LEU B 158 -18.75 3.81 37.64
CA LEU B 158 -18.18 4.14 38.95
C LEU B 158 -19.33 4.19 39.95
N LEU B 159 -19.28 3.29 40.93
CA LEU B 159 -20.16 3.37 42.09
C LEU B 159 -19.48 4.26 43.12
N ILE B 160 -19.99 5.48 43.29
CA ILE B 160 -19.50 6.42 44.27
C ILE B 160 -19.99 5.99 45.64
N LEU B 161 -19.05 5.75 46.55
CA LEU B 161 -19.40 5.18 47.88
C LEU B 161 -19.15 6.14 49.03
N GLU B 162 -19.96 6.08 50.08
CA GLU B 162 -19.72 6.88 51.27
C GLU B 162 -19.88 5.91 52.42
N ASP B 163 -18.79 5.63 53.15
CA ASP B 163 -18.84 4.65 54.24
C ASP B 163 -19.36 3.28 53.79
N LYS B 164 -18.84 2.76 52.68
CA LYS B 164 -19.24 1.45 52.15
C LYS B 164 -20.67 1.44 51.63
N THR B 165 -21.30 2.60 51.61
CA THR B 165 -22.66 2.72 51.09
C THR B 165 -22.65 3.40 49.73
N ILE B 166 -23.30 2.77 48.75
CA ILE B 166 -23.42 3.39 47.44
C ILE B 166 -24.25 4.66 47.58
N LYS B 167 -23.68 5.78 47.17
CA LYS B 167 -24.39 7.04 47.15
C LYS B 167 -24.44 7.64 45.75
N GLY B 168 -23.81 7.01 44.77
CA GLY B 168 -23.94 7.47 43.40
C GLY B 168 -23.50 6.44 42.39
N CYS B 169 -23.97 6.62 41.16
CA CYS B 169 -23.57 5.78 40.04
C CYS B 169 -23.34 6.68 38.84
N ILE B 170 -22.18 6.53 38.20
CA ILE B 170 -21.72 7.43 37.15
C ILE B 170 -21.19 6.58 36.00
N SER B 171 -21.41 7.03 34.76
CA SER B 171 -20.81 6.36 33.61
C SER B 171 -19.56 7.15 33.20
N VAL B 172 -18.50 6.44 32.81
CA VAL B 172 -17.22 7.05 32.50
C VAL B 172 -16.77 6.61 31.11
N GLU B 173 -16.27 7.57 30.32
CA GLU B 173 -15.81 7.35 28.96
C GLU B 173 -14.58 8.23 28.73
N PRO B 174 -13.70 7.82 27.81
CA PRO B 174 -12.65 8.76 27.37
C PRO B 174 -13.25 9.94 26.64
N TYR B 175 -12.57 11.07 26.71
CA TYR B 175 -13.04 12.29 26.04
C TYR B 175 -12.74 12.20 24.56
N ILE B 176 -13.73 12.53 23.73
CA ILE B 176 -13.58 12.57 22.28
C ILE B 176 -13.98 13.96 21.79
N LEU B 177 -13.11 14.59 21.03
CA LEU B 177 -13.39 15.89 20.43
C LEU B 177 -13.81 15.67 18.98
N GLY B 178 -15.05 16.01 18.68
CA GLY B 178 -15.56 15.83 17.31
C GLY B 178 -16.93 16.43 17.12
N GLU B 179 -17.64 16.00 16.07
CA GLU B 179 -18.98 16.52 15.76
C GLU B 179 -19.92 15.35 15.57
N PHE B 180 -21.16 15.47 16.03
CA PHE B 180 -22.15 14.42 15.80
C PHE B 180 -22.59 14.40 14.34
N VAL B 181 -22.66 13.20 13.77
CA VAL B 181 -23.04 13.01 12.38
C VAL B 181 -23.94 11.79 12.27
N LYS B 182 -24.61 11.67 11.12
CA LYS B 182 -25.51 10.56 10.85
C LYS B 182 -24.96 9.58 9.81
N LEU B 183 -23.71 9.78 9.39
CA LEU B 183 -23.06 8.90 8.39
C LEU B 183 -23.77 9.06 7.03
N SER B 184 -24.63 10.06 6.90
CA SER B 184 -25.24 10.32 5.57
C SER B 184 -24.28 11.24 4.82
N ASN B 185 -24.09 12.48 5.27
CA ASN B 185 -23.14 13.47 4.66
C ASN B 185 -23.47 14.84 5.23
N THR B 192 -12.86 7.71 3.69
CA THR B 192 -11.59 7.29 3.11
C THR B 192 -11.83 6.47 1.85
N GLU B 193 -11.47 5.18 1.91
CA GLU B 193 -11.70 4.30 0.78
C GLU B 193 -13.18 3.96 0.64
N TYR B 194 -13.86 3.77 1.77
CA TYR B 194 -15.28 3.46 1.80
C TYR B 194 -16.04 4.53 2.59
N LYS B 195 -17.31 4.70 2.26
CA LYS B 195 -18.15 5.62 3.01
C LYS B 195 -18.37 5.10 4.42
N ALA B 196 -18.56 6.02 5.36
CA ALA B 196 -18.90 5.63 6.72
C ALA B 196 -20.14 4.75 6.77
N THR B 197 -21.11 5.01 5.88
CA THR B 197 -22.29 4.17 5.81
C THR B 197 -21.93 2.74 5.47
N GLU B 198 -21.02 2.55 4.51
CA GLU B 198 -20.60 1.20 4.14
C GLU B 198 -19.94 0.48 5.31
N TYR B 199 -19.08 1.18 6.05
CA TYR B 199 -18.51 0.59 7.25
C TYR B 199 -19.60 0.19 8.24
N GLY B 200 -20.55 1.10 8.51
CA GLY B 200 -21.59 0.81 9.49
C GLY B 200 -22.42 -0.40 9.13
N LEU B 201 -22.89 -0.45 7.88
CA LEU B 201 -23.74 -1.56 7.44
C LEU B 201 -22.96 -2.86 7.33
N ALA B 202 -21.73 -2.82 6.82
CA ALA B 202 -20.89 -4.02 6.83
C ALA B 202 -20.68 -4.52 8.25
N TYR B 203 -20.52 -3.60 9.21
CA TYR B 203 -20.35 -4.00 10.59
C TYR B 203 -21.62 -4.63 11.13
N GLY B 204 -22.78 -4.09 10.78
CA GLY B 204 -24.04 -4.74 11.15
C GLY B 204 -24.11 -6.18 10.63
N HIS B 205 -23.80 -6.35 9.36
CA HIS B 205 -23.79 -7.70 8.77
C HIS B 205 -22.80 -8.60 9.52
N PHE B 206 -21.61 -8.08 9.80
CA PHE B 206 -20.60 -8.86 10.52
C PHE B 206 -21.12 -9.25 11.89
N SER B 207 -21.75 -8.33 12.61
CA SER B 207 -22.31 -8.67 13.91
C SER B 207 -23.32 -9.80 13.76
N TYR B 208 -24.10 -9.77 12.69
CA TYR B 208 -25.06 -10.85 12.47
C TYR B 208 -24.33 -12.19 12.33
N GLU B 209 -23.33 -12.24 11.44
CA GLU B 209 -22.63 -13.50 11.18
C GLU B 209 -21.87 -13.98 12.42
N PHE B 210 -20.95 -13.16 12.92
CA PHE B 210 -20.11 -13.55 14.04
C PHE B 210 -20.92 -13.97 15.26
N SER B 211 -22.12 -13.42 15.41
CA SER B 211 -22.96 -13.74 16.56
C SER B 211 -23.79 -15.00 16.36
N ASN B 212 -23.45 -15.82 15.36
CA ASN B 212 -24.22 -17.03 15.06
C ASN B 212 -25.65 -16.70 14.67
N HIS B 213 -25.82 -15.62 13.92
CA HIS B 213 -27.13 -15.19 13.43
C HIS B 213 -28.11 -14.89 14.55
N ARG B 214 -27.60 -14.37 15.67
CA ARG B 214 -28.43 -14.10 16.83
C ARG B 214 -28.45 -12.65 17.25
N ASP B 215 -27.54 -11.83 16.75
CA ASP B 215 -27.49 -10.41 17.09
C ASP B 215 -27.22 -9.61 15.82
N VAL B 216 -27.58 -8.33 15.86
CA VAL B 216 -27.16 -7.39 14.83
C VAL B 216 -27.19 -5.99 15.43
N VAL B 217 -26.07 -5.29 15.30
CA VAL B 217 -25.93 -3.92 15.80
C VAL B 217 -26.17 -2.98 14.65
N VAL B 218 -27.15 -2.09 14.88
CA VAL B 218 -27.54 -1.12 13.85
C VAL B 218 -27.38 0.29 14.41
N ASP B 219 -26.41 1.00 13.88
CA ASP B 219 -26.29 2.41 14.35
C ASP B 219 -25.58 3.18 13.27
N LEU B 220 -26.17 4.30 12.92
CA LEU B 220 -25.62 5.06 11.79
C LEU B 220 -25.40 6.47 12.27
N GLN B 221 -24.93 6.65 13.49
CA GLN B 221 -24.68 8.01 14.03
C GLN B 221 -23.48 7.98 14.96
N GLY B 222 -22.76 9.10 15.08
CA GLY B 222 -21.68 9.13 16.07
C GLY B 222 -20.81 10.35 16.02
N TRP B 223 -19.71 10.33 16.78
CA TRP B 223 -18.76 11.42 16.83
C TRP B 223 -17.71 11.21 15.73
N VAL B 224 -17.67 12.11 14.76
CA VAL B 224 -16.60 12.15 13.78
C VAL B 224 -15.52 13.10 14.26
N THR B 225 -14.27 12.71 14.13
CA THR B 225 -13.13 13.45 14.66
C THR B 225 -12.23 13.92 13.54
N GLY B 226 -11.30 14.81 13.90
CA GLY B 226 -10.28 15.25 12.98
C GLY B 226 -10.79 16.01 11.77
N ASN B 227 -11.50 17.11 12.01
CA ASN B 227 -11.97 17.98 10.93
C ASN B 227 -12.77 17.19 9.90
N GLY B 228 -13.47 16.16 10.33
CA GLY B 228 -14.22 15.30 9.44
C GLY B 228 -13.40 14.24 8.75
N LYS B 229 -12.07 14.31 8.82
CA LYS B 229 -11.22 13.33 8.15
C LYS B 229 -10.98 12.09 9.00
N GLY B 230 -11.02 12.24 10.31
CA GLY B 230 -10.51 11.22 11.20
C GLY B 230 -11.51 10.12 11.49
N LEU B 231 -11.18 9.33 12.51
CA LEU B 231 -11.97 8.17 12.89
C LEU B 231 -13.34 8.59 13.41
N ILE B 232 -14.23 7.61 13.48
CA ILE B 232 -15.59 7.81 13.94
C ILE B 232 -15.84 6.88 15.12
N TYR B 233 -16.45 7.43 16.18
CA TYR B 233 -16.84 6.66 17.36
C TYR B 233 -18.36 6.63 17.40
N LEU B 234 -18.94 5.45 17.19
CA LEU B 234 -20.38 5.30 17.07
C LEU B 234 -21.04 5.38 18.44
N THR B 235 -22.28 5.85 18.45
CA THR B 235 -23.04 6.05 19.67
C THR B 235 -24.46 5.54 19.49
N ASP B 236 -25.26 5.63 20.57
CA ASP B 236 -26.68 5.20 20.53
C ASP B 236 -26.82 3.90 19.73
N PRO B 237 -26.08 2.78 20.00
CA PRO B 237 -26.29 1.57 19.17
C PRO B 237 -27.59 0.87 19.52
N GLN B 238 -28.19 0.26 18.50
CA GLN B 238 -29.41 -0.53 18.66
C GLN B 238 -29.07 -1.98 18.34
N ILE B 239 -29.31 -2.87 19.28
CA ILE B 239 -28.94 -4.28 19.12
C ILE B 239 -30.21 -5.10 19.01
N HIS B 240 -30.52 -5.59 17.80
CA HIS B 240 -31.60 -6.55 17.60
C HIS B 240 -31.08 -7.95 17.86
N SER B 241 -31.92 -8.79 18.46
CA SER B 241 -31.45 -10.13 18.80
C SER B 241 -32.63 -11.03 19.13
N VAL B 242 -32.45 -12.33 18.85
CA VAL B 242 -33.44 -13.31 19.26
C VAL B 242 -33.25 -13.69 20.72
N ASP B 243 -32.01 -13.72 21.21
CA ASP B 243 -31.73 -13.92 22.63
C ASP B 243 -31.90 -12.57 23.32
N GLN B 244 -33.10 -12.34 23.85
CA GLN B 244 -33.41 -11.06 24.46
C GLN B 244 -32.73 -10.76 25.77
N LYS B 245 -32.14 -9.58 25.88
CA LYS B 245 -31.47 -9.16 27.10
C LYS B 245 -32.01 -7.79 27.48
N VAL B 246 -31.56 -7.29 28.63
CA VAL B 246 -32.03 -5.99 29.10
C VAL B 246 -31.66 -4.89 28.11
N PHE B 247 -30.60 -5.07 27.34
CA PHE B 247 -30.11 -4.01 26.47
C PHE B 247 -30.54 -4.16 25.02
N THR B 248 -31.18 -5.26 24.64
CA THR B 248 -31.61 -5.43 23.27
C THR B 248 -32.88 -4.62 23.01
N THR B 249 -33.23 -4.51 21.73
CA THR B 249 -34.41 -3.74 21.35
C THR B 249 -35.67 -4.55 21.57
N ASN B 250 -36.82 -3.91 21.33
CA ASN B 250 -38.12 -4.57 21.46
C ASN B 250 -38.54 -5.33 20.22
N PHE B 251 -37.67 -5.43 19.20
CA PHE B 251 -38.07 -5.94 17.90
C PHE B 251 -37.53 -7.33 17.57
N GLY B 252 -36.37 -7.71 18.11
CA GLY B 252 -35.89 -9.06 17.88
C GLY B 252 -35.72 -9.36 16.42
N LYS B 253 -36.18 -10.55 16.02
CA LYS B 253 -35.99 -10.98 14.63
C LYS B 253 -36.58 -9.97 13.64
N ARG B 254 -37.71 -9.36 14.00
CA ARG B 254 -38.25 -8.27 13.21
C ARG B 254 -37.13 -7.31 12.82
N GLY B 255 -36.52 -6.68 13.83
CA GLY B 255 -35.40 -5.78 13.58
C GLY B 255 -34.37 -6.38 12.65
N ILE B 256 -33.96 -7.62 12.93
CA ILE B 256 -33.00 -8.29 12.05
C ILE B 256 -33.50 -8.21 10.61
N PHE B 257 -34.68 -8.79 10.36
CA PHE B 257 -35.23 -8.76 9.01
C PHE B 257 -35.21 -7.35 8.45
N TYR B 258 -35.69 -6.37 9.23
CA TYR B 258 -35.73 -5.00 8.73
C TYR B 258 -34.36 -4.59 8.23
N PHE B 259 -33.33 -4.78 9.06
CA PHE B 259 -31.98 -4.38 8.66
C PHE B 259 -31.58 -5.01 7.34
N PHE B 260 -31.86 -6.29 7.17
CA PHE B 260 -31.41 -6.96 5.95
C PHE B 260 -32.34 -6.68 4.76
N ASN B 261 -33.56 -6.20 5.00
CA ASN B 261 -34.51 -6.04 3.91
C ASN B 261 -34.81 -4.58 3.58
N ASN B 262 -34.40 -3.65 4.42
CA ASN B 262 -34.66 -2.23 4.22
C ASN B 262 -33.41 -1.38 4.36
N GLN B 263 -32.63 -1.61 5.41
CA GLN B 263 -31.39 -0.84 5.73
C GLN B 263 -30.24 -1.27 4.81
N HIS B 264 -29.75 -2.51 4.95
CA HIS B 264 -28.64 -3.07 4.14
C HIS B 264 -29.24 -4.05 3.12
N VAL B 265 -29.81 -3.51 2.04
CA VAL B 265 -30.49 -4.29 1.01
C VAL B 265 -29.51 -5.10 0.19
N GLU B 266 -28.39 -4.50 -0.20
CA GLU B 266 -27.36 -5.16 -0.98
C GLU B 266 -26.00 -4.92 -0.34
N CYS B 267 -25.16 -5.94 -0.37
CA CYS B 267 -23.88 -5.84 0.29
C CYS B 267 -22.95 -4.87 -0.45
N ASN B 268 -21.82 -4.59 0.17
CA ASN B 268 -20.79 -3.71 -0.37
C ASN B 268 -19.48 -4.47 -0.43
N GLU B 269 -18.42 -3.77 -0.85
CA GLU B 269 -17.11 -4.40 -0.96
C GLU B 269 -16.66 -5.05 0.34
N ILE B 270 -16.91 -4.37 1.47
CA ILE B 270 -16.41 -4.86 2.76
C ILE B 270 -17.05 -6.20 3.07
N CYS B 271 -18.37 -6.32 2.85
CA CYS B 271 -19.06 -7.58 3.12
C CYS B 271 -18.41 -8.71 2.34
N HIS B 272 -18.10 -8.47 1.06
CA HIS B 272 -17.52 -9.53 0.23
C HIS B 272 -16.12 -9.90 0.72
N ARG B 273 -15.27 -8.89 0.93
CA ARG B 273 -13.92 -9.15 1.41
C ARG B 273 -13.90 -9.86 2.76
N LEU B 274 -14.99 -9.78 3.51
CA LEU B 274 -15.11 -10.53 4.75
C LEU B 274 -15.81 -11.87 4.55
N SER B 275 -16.29 -12.16 3.34
CA SER B 275 -16.97 -13.41 3.05
C SER B 275 -18.27 -13.53 3.84
N LEU B 276 -19.03 -12.45 3.89
CA LEU B 276 -20.33 -12.43 4.57
C LEU B 276 -21.41 -12.84 3.59
N THR B 277 -22.17 -13.88 3.92
CA THR B 277 -23.22 -14.36 3.05
C THR B 277 -24.55 -13.70 3.41
N ARG B 278 -25.49 -13.75 2.47
CA ARG B 278 -26.82 -13.17 2.66
C ARG B 278 -27.69 -14.09 3.51
N PRO B 279 -28.41 -13.55 4.48
CA PRO B 279 -29.30 -14.39 5.30
C PRO B 279 -30.52 -14.84 4.51
N SER B 280 -31.15 -15.90 5.01
CA SER B 280 -32.39 -16.44 4.46
C SER B 280 -33.46 -16.30 5.52
N MET B 281 -34.30 -15.27 5.40
CA MET B 281 -35.26 -14.93 6.43
C MET B 281 -36.64 -14.71 5.84
N GLU B 282 -37.63 -14.67 6.72
CA GLU B 282 -39.01 -14.38 6.36
C GLU B 282 -39.54 -13.30 7.30
N LYS B 283 -40.20 -12.29 6.75
CA LYS B 283 -40.70 -11.16 7.52
C LYS B 283 -41.55 -11.66 8.68
N PRO B 284 -41.06 -11.56 9.92
CA PRO B 284 -41.79 -12.10 11.06
C PRO B 284 -43.17 -11.47 11.27
N CYS B 285 -43.90 -11.99 12.25
CA CYS B 285 -45.23 -11.52 12.58
C CYS B 285 -46.27 -12.01 11.57
N ASN C 2 22.93 2.10 -41.74
CA ASN C 2 21.84 1.18 -41.42
C ASN C 2 20.51 1.72 -41.96
N ASN C 3 20.55 2.31 -43.14
CA ASN C 3 19.35 2.85 -43.76
C ASN C 3 18.34 1.74 -44.00
N GLN C 4 17.13 1.92 -43.47
CA GLN C 4 16.09 0.91 -43.64
C GLN C 4 15.80 0.67 -45.13
N LYS C 5 15.81 1.72 -45.94
CA LYS C 5 15.47 1.57 -47.35
C LYS C 5 16.58 0.85 -48.11
N VAL C 6 17.84 1.20 -47.83
CA VAL C 6 18.95 0.51 -48.47
C VAL C 6 18.92 -0.98 -48.12
N VAL C 7 18.69 -1.29 -46.85
CA VAL C 7 18.66 -2.70 -46.43
C VAL C 7 17.50 -3.42 -47.09
N ALA C 8 16.32 -2.80 -47.13
CA ALA C 8 15.19 -3.42 -47.77
C ALA C 8 15.45 -3.67 -49.25
N VAL C 9 16.15 -2.74 -49.90
CA VAL C 9 16.48 -2.90 -51.31
C VAL C 9 17.42 -4.07 -51.51
N LEU C 10 18.47 -4.14 -50.70
CA LEU C 10 19.40 -5.26 -50.79
C LEU C 10 18.69 -6.59 -50.57
N LEU C 11 17.79 -6.63 -49.59
CA LEU C 11 17.07 -7.87 -49.29
C LEU C 11 16.14 -8.26 -50.43
N GLN C 12 15.46 -7.28 -51.05
CA GLN C 12 14.57 -7.62 -52.14
C GLN C 12 15.35 -8.08 -53.36
N GLU C 13 16.52 -7.53 -53.58
CA GLU C 13 17.31 -8.02 -54.68
C GLU C 13 17.81 -9.43 -54.37
N CYS C 14 18.18 -9.71 -53.12
CA CYS C 14 18.52 -11.08 -52.77
C CYS C 14 17.36 -12.04 -53.05
N LYS C 15 16.14 -11.63 -52.71
CA LYS C 15 14.98 -12.48 -52.97
C LYS C 15 14.76 -12.65 -54.47
N GLN C 16 15.03 -11.61 -55.25
CA GLN C 16 14.90 -11.70 -56.70
C GLN C 16 15.92 -12.67 -57.28
N VAL C 17 17.17 -12.57 -56.81
CA VAL C 17 18.21 -13.51 -57.23
C VAL C 17 17.79 -14.93 -56.88
N LEU C 18 17.22 -15.12 -55.69
CA LEU C 18 16.82 -16.46 -55.26
C LEU C 18 15.71 -17.00 -56.15
N ASP C 19 14.70 -16.18 -56.46
CA ASP C 19 13.66 -16.60 -57.39
C ASP C 19 14.25 -16.99 -58.74
N GLN C 20 15.14 -16.14 -59.28
CA GLN C 20 15.83 -16.45 -60.52
C GLN C 20 16.48 -17.83 -60.45
N LEU C 21 17.35 -18.03 -59.46
CA LEU C 21 18.09 -19.28 -59.38
C LEU C 21 17.15 -20.46 -59.22
N LEU C 22 15.97 -20.25 -58.63
CA LEU C 22 15.03 -21.36 -58.46
C LEU C 22 14.56 -21.90 -59.80
N LEU C 23 14.58 -21.07 -60.84
CA LEU C 23 14.03 -21.44 -62.15
C LEU C 23 15.12 -21.64 -63.19
N GLU C 24 16.33 -22.00 -62.75
CA GLU C 24 17.43 -22.30 -63.65
C GLU C 24 18.25 -23.43 -63.04
N ALA C 25 19.25 -23.85 -63.82
CA ALA C 25 20.15 -24.93 -63.37
C ALA C 25 21.38 -24.30 -62.74
N PRO C 26 22.17 -25.04 -61.95
CA PRO C 26 23.28 -24.45 -61.24
C PRO C 26 24.47 -24.16 -62.16
N ASP C 27 24.40 -23.07 -62.92
CA ASP C 27 25.53 -22.65 -63.78
C ASP C 27 26.46 -21.76 -62.97
N VAL C 28 26.81 -22.20 -61.76
CA VAL C 28 27.70 -21.37 -60.90
C VAL C 28 28.95 -21.11 -61.73
N SER C 29 29.30 -19.84 -61.91
CA SER C 29 30.45 -19.48 -62.76
C SER C 29 31.63 -19.26 -61.85
N GLU C 30 32.82 -19.03 -62.42
CA GLU C 30 33.92 -18.68 -61.54
C GLU C 30 33.79 -17.26 -61.00
N GLU C 31 33.08 -16.38 -61.72
CA GLU C 31 32.84 -15.02 -61.26
C GLU C 31 31.83 -14.96 -60.13
N ASP C 32 31.18 -16.07 -59.78
CA ASP C 32 30.36 -16.15 -58.58
C ASP C 32 31.19 -16.56 -57.37
N LYS C 33 32.07 -17.56 -57.54
CA LYS C 33 32.95 -17.97 -56.44
C LYS C 33 33.95 -16.88 -56.10
N SER C 34 34.46 -16.18 -57.13
CA SER C 34 35.33 -15.05 -56.89
C SER C 34 34.63 -13.97 -56.08
N GLU C 35 33.36 -13.69 -56.40
CA GLU C 35 32.58 -12.72 -55.64
C GLU C 35 32.38 -13.19 -54.21
N ASP C 36 32.09 -14.48 -54.02
CA ASP C 36 31.91 -15.02 -52.68
C ASP C 36 33.16 -14.81 -51.84
N GLN C 37 34.31 -15.22 -52.36
CA GLN C 37 35.55 -15.08 -51.60
C GLN C 37 35.99 -13.63 -51.46
N ARG C 38 35.58 -12.75 -52.39
CA ARG C 38 35.82 -11.33 -52.20
C ARG C 38 35.06 -10.80 -51.00
N CYS C 39 33.73 -10.99 -51.00
CA CYS C 39 32.92 -10.52 -49.88
C CYS C 39 33.34 -11.15 -48.58
N ARG C 40 33.85 -12.40 -48.61
CA ARG C 40 34.25 -13.07 -47.38
C ARG C 40 35.65 -12.68 -46.94
N ALA C 41 36.50 -12.23 -47.87
CA ALA C 41 37.82 -11.73 -47.52
C ALA C 41 37.80 -10.35 -46.88
N LEU C 42 36.73 -9.58 -47.09
CA LEU C 42 36.60 -8.28 -46.47
C LEU C 42 35.90 -8.31 -45.12
N LEU C 43 35.43 -9.48 -44.73
CA LEU C 43 34.69 -9.59 -43.45
C LEU C 43 35.67 -9.61 -42.28
N PRO C 44 35.35 -8.97 -41.14
CA PRO C 44 36.20 -9.01 -39.96
C PRO C 44 36.21 -10.41 -39.32
N SER C 45 37.20 -10.71 -38.46
CA SER C 45 37.31 -12.03 -37.80
C SER C 45 36.07 -12.37 -36.97
N GLU C 46 35.62 -11.43 -36.14
CA GLU C 46 34.43 -11.65 -35.34
C GLU C 46 33.26 -12.12 -36.22
N LEU C 47 33.04 -11.44 -37.34
CA LEU C 47 31.91 -11.78 -38.19
C LEU C 47 32.11 -13.14 -38.87
N ARG C 48 33.34 -13.45 -39.28
CA ARG C 48 33.59 -14.75 -39.89
C ARG C 48 33.44 -15.87 -38.89
N THR C 49 33.93 -15.68 -37.66
CA THR C 49 33.75 -16.67 -36.61
C THR C 49 32.27 -16.86 -36.32
N LEU C 50 31.50 -15.77 -36.28
CA LEU C 50 30.07 -15.87 -36.01
C LEU C 50 29.35 -16.59 -37.15
N ILE C 51 29.73 -16.31 -38.40
CA ILE C 51 29.11 -17.00 -39.53
C ILE C 51 29.42 -18.49 -39.48
N GLN C 52 30.66 -18.85 -39.12
CA GLN C 52 31.00 -20.26 -39.02
C GLN C 52 30.22 -20.94 -37.91
N GLU C 53 30.17 -20.33 -36.72
CA GLU C 53 29.42 -20.93 -35.62
C GLU C 53 27.93 -21.02 -35.93
N ALA C 54 27.39 -20.05 -36.68
CA ALA C 54 26.00 -20.17 -37.10
C ALA C 54 25.84 -21.34 -38.06
N LYS C 55 26.79 -21.48 -39.00
CA LYS C 55 26.72 -22.57 -39.96
C LYS C 55 26.84 -23.93 -39.27
N GLU C 56 27.58 -24.01 -38.17
CA GLU C 56 27.72 -25.23 -37.41
C GLU C 56 26.59 -25.43 -36.41
N MET C 57 25.59 -24.55 -36.41
CA MET C 57 24.42 -24.69 -35.53
C MET C 57 24.84 -24.73 -34.05
N LYS C 58 25.71 -23.79 -33.67
CA LYS C 58 26.20 -23.77 -32.30
C LYS C 58 25.09 -23.51 -31.30
N TRP C 59 24.24 -22.56 -31.65
CA TRP C 59 23.13 -22.19 -30.74
C TRP C 59 21.86 -21.95 -31.55
N PRO C 60 20.64 -22.20 -31.04
CA PRO C 60 19.42 -21.86 -31.77
C PRO C 60 19.10 -20.38 -31.80
N PHE C 61 19.78 -19.57 -30.97
CA PHE C 61 19.66 -18.12 -30.98
C PHE C 61 21.06 -17.53 -30.94
N VAL C 62 21.25 -16.38 -31.58
CA VAL C 62 22.57 -15.73 -31.51
C VAL C 62 22.78 -15.17 -30.11
N PRO C 63 23.97 -15.28 -29.53
CA PRO C 63 24.15 -14.86 -28.14
C PRO C 63 24.06 -13.34 -27.98
N GLU C 64 23.91 -12.94 -26.73
CA GLU C 64 23.98 -11.54 -26.33
C GLU C 64 24.76 -11.44 -25.03
N LYS C 65 25.43 -10.32 -24.84
CA LYS C 65 26.16 -10.11 -23.55
C LYS C 65 25.13 -9.79 -22.48
N TRP C 66 25.38 -10.23 -21.25
CA TRP C 66 24.44 -10.03 -20.13
C TRP C 66 23.15 -10.80 -20.36
N GLN C 67 23.24 -12.09 -20.73
CA GLN C 67 22.01 -12.91 -20.86
C GLN C 67 22.07 -14.18 -20.01
N TYR C 68 23.11 -14.99 -20.17
CA TYR C 68 23.30 -16.17 -19.28
C TYR C 68 24.50 -15.89 -18.38
N LYS C 81 24.99 -6.51 -30.71
CA LYS C 81 24.26 -5.60 -31.58
C LYS C 81 25.22 -4.65 -32.30
N ASP C 82 26.29 -4.23 -31.61
CA ASP C 82 27.21 -3.25 -32.19
C ASP C 82 28.00 -3.84 -33.34
N VAL C 83 28.44 -5.09 -33.23
CA VAL C 83 29.26 -5.67 -34.28
C VAL C 83 28.45 -5.91 -35.54
N ILE C 84 27.21 -6.40 -35.40
CA ILE C 84 26.35 -6.56 -36.57
C ILE C 84 26.01 -5.21 -37.18
N GLY C 85 25.62 -4.24 -36.35
CA GLY C 85 25.32 -2.92 -36.85
C GLY C 85 26.47 -2.31 -37.64
N ALA C 86 27.69 -2.49 -37.14
CA ALA C 86 28.85 -1.89 -37.80
C ALA C 86 29.14 -2.55 -39.14
N GLY C 87 28.98 -3.87 -39.23
CA GLY C 87 29.27 -4.57 -40.46
C GLY C 87 28.06 -5.14 -41.17
N LEU C 88 26.93 -4.43 -41.11
CA LEU C 88 25.72 -4.92 -41.76
C LEU C 88 25.83 -4.81 -43.28
N GLN C 89 26.50 -3.78 -43.79
CA GLN C 89 26.64 -3.63 -45.24
C GLN C 89 27.48 -4.77 -45.81
N GLN C 90 28.63 -5.04 -45.19
CA GLN C 90 29.47 -6.15 -45.64
C GLN C 90 28.74 -7.47 -45.48
N LEU C 91 27.94 -7.62 -44.42
CA LEU C 91 27.19 -8.86 -44.20
C LEU C 91 26.15 -9.06 -45.29
N LEU C 92 25.49 -8.00 -45.73
CA LEU C 92 24.48 -8.16 -46.78
C LEU C 92 25.13 -8.39 -48.15
N ALA C 93 26.27 -7.74 -48.40
CA ALA C 93 27.04 -8.05 -49.61
C ALA C 93 27.44 -9.52 -49.63
N SER C 94 27.95 -10.02 -48.50
CA SER C 94 28.30 -11.43 -48.40
C SER C 94 27.07 -12.32 -48.55
N LEU C 95 25.91 -11.86 -48.07
CA LEU C 95 24.68 -12.63 -48.26
C LEU C 95 24.40 -12.82 -49.74
N ARG C 96 24.32 -11.75 -50.49
CA ARG C 96 24.05 -11.82 -51.91
C ARG C 96 25.10 -12.63 -52.66
N ALA C 97 26.35 -12.50 -52.23
CA ALA C 97 27.42 -13.25 -52.87
C ALA C 97 27.26 -14.74 -52.62
N SER C 98 27.05 -15.13 -51.35
CA SER C 98 26.83 -16.53 -51.03
C SER C 98 25.65 -17.08 -51.82
N ILE C 99 24.61 -16.26 -52.00
CA ILE C 99 23.47 -16.71 -52.79
C ILE C 99 23.88 -16.97 -54.22
N LEU C 100 24.58 -16.01 -54.83
CA LEU C 100 25.01 -16.16 -56.22
C LEU C 100 25.94 -17.36 -56.39
N ALA C 101 26.75 -17.67 -55.37
CA ALA C 101 27.61 -18.85 -55.40
C ALA C 101 26.86 -20.11 -54.98
N ARG C 102 25.56 -20.03 -54.73
CA ARG C 102 24.78 -21.19 -54.29
C ARG C 102 25.40 -21.83 -53.05
N ASP C 103 25.96 -20.99 -52.18
CA ASP C 103 26.36 -21.41 -50.84
C ASP C 103 25.21 -21.06 -49.90
N CYS C 104 24.16 -21.88 -49.95
CA CYS C 104 22.97 -21.60 -49.17
C CYS C 104 23.23 -21.70 -47.66
N ALA C 105 24.14 -22.58 -47.24
CA ALA C 105 24.43 -22.72 -45.82
C ALA C 105 24.97 -21.42 -45.24
N ALA C 106 25.89 -20.77 -45.95
CA ALA C 106 26.44 -19.51 -45.48
C ALA C 106 25.43 -18.38 -45.57
N ALA C 107 24.61 -18.37 -46.62
CA ALA C 107 23.59 -17.33 -46.74
C ALA C 107 22.60 -17.43 -45.59
N ALA C 108 22.20 -18.65 -45.23
CA ALA C 108 21.29 -18.85 -44.12
C ALA C 108 21.95 -18.52 -42.79
N ALA C 109 23.26 -18.80 -42.66
CA ALA C 109 23.98 -18.37 -41.47
C ALA C 109 23.95 -16.85 -41.33
N ILE C 110 24.14 -16.13 -42.45
CA ILE C 110 24.14 -14.67 -42.39
C ILE C 110 22.74 -14.16 -42.07
N VAL C 111 21.72 -14.77 -42.66
CA VAL C 111 20.35 -14.42 -42.31
C VAL C 111 20.13 -14.57 -40.80
N PHE C 112 20.54 -15.73 -40.26
CA PHE C 112 20.47 -15.98 -38.83
C PHE C 112 21.17 -14.88 -38.05
N LEU C 113 22.34 -14.44 -38.53
CA LEU C 113 23.14 -13.50 -37.77
C LEU C 113 22.54 -12.10 -37.78
N VAL C 114 21.89 -11.70 -38.86
CA VAL C 114 21.34 -10.35 -38.97
C VAL C 114 19.86 -10.27 -38.59
N ASP C 115 19.21 -11.41 -38.34
CA ASP C 115 17.77 -11.46 -38.11
C ASP C 115 17.34 -10.55 -36.96
N ARG C 116 17.99 -10.66 -35.80
CA ARG C 116 17.58 -9.87 -34.65
C ARG C 116 17.69 -8.37 -34.92
N PHE C 117 18.84 -7.94 -35.45
CA PHE C 117 19.04 -6.53 -35.74
C PHE C 117 18.00 -6.04 -36.75
N LEU C 118 17.67 -6.84 -37.75
CA LEU C 118 16.72 -6.37 -38.76
C LEU C 118 15.29 -6.33 -38.22
N TYR C 119 14.95 -7.23 -37.29
CA TYR C 119 13.67 -7.11 -36.60
C TYR C 119 13.62 -5.82 -35.82
N GLY C 120 14.68 -5.50 -35.09
CA GLY C 120 14.79 -4.19 -34.47
C GLY C 120 14.73 -3.05 -35.46
N LEU C 121 15.10 -3.33 -36.73
CA LEU C 121 15.09 -2.29 -37.78
C LEU C 121 13.76 -2.36 -38.54
N ASP C 122 12.82 -3.18 -38.07
CA ASP C 122 11.47 -3.29 -38.69
C ASP C 122 11.57 -3.71 -40.17
N VAL C 123 12.49 -4.63 -40.52
CA VAL C 123 12.57 -5.14 -41.92
C VAL C 123 12.65 -6.67 -41.89
N SER C 124 11.85 -7.31 -41.02
CA SER C 124 11.87 -8.76 -40.92
C SER C 124 11.09 -9.43 -42.04
N GLY C 125 10.17 -8.72 -42.68
CA GLY C 125 9.42 -9.33 -43.77
C GLY C 125 10.27 -9.63 -44.99
N LYS C 126 11.14 -8.70 -45.36
CA LYS C 126 12.03 -8.92 -46.50
C LYS C 126 13.09 -9.96 -46.18
N LEU C 127 13.63 -9.92 -44.95
CA LEU C 127 14.59 -10.93 -44.55
C LEU C 127 13.96 -12.31 -44.57
N LEU C 128 12.76 -12.45 -44.03
CA LEU C 128 12.08 -13.74 -44.03
C LEU C 128 11.73 -14.17 -45.45
N GLN C 129 11.52 -13.20 -46.36
CA GLN C 129 11.35 -13.56 -47.77
C GLN C 129 12.63 -14.17 -48.34
N VAL C 130 13.79 -13.57 -48.04
CA VAL C 130 15.01 -14.18 -48.54
C VAL C 130 15.23 -15.54 -47.87
N ALA C 131 14.79 -15.70 -46.61
CA ALA C 131 14.92 -16.97 -45.92
C ALA C 131 14.06 -18.05 -46.57
N LYS C 132 12.80 -17.71 -46.89
CA LYS C 132 11.95 -18.61 -47.65
C LYS C 132 12.54 -18.93 -49.00
N GLY C 133 13.14 -17.94 -49.67
CA GLY C 133 13.78 -18.21 -50.94
C GLY C 133 14.93 -19.19 -50.82
N LEU C 134 15.72 -19.05 -49.76
CA LEU C 134 16.82 -19.98 -49.52
C LEU C 134 16.29 -21.38 -49.26
N HIS C 135 15.22 -21.49 -48.46
CA HIS C 135 14.64 -22.80 -48.21
C HIS C 135 14.12 -23.43 -49.50
N LYS C 136 13.45 -22.65 -50.35
CA LYS C 136 12.95 -23.19 -51.61
C LYS C 136 14.10 -23.60 -52.53
N LEU C 137 15.15 -22.79 -52.59
CA LEU C 137 16.30 -23.12 -53.42
C LEU C 137 16.95 -24.41 -52.94
N GLN C 138 17.14 -24.54 -51.63
CA GLN C 138 17.76 -25.72 -51.04
C GLN C 138 17.05 -26.01 -49.72
N PRO C 139 16.02 -26.85 -49.73
CA PRO C 139 15.26 -27.08 -48.51
C PRO C 139 15.97 -27.95 -47.48
N ALA C 140 17.17 -28.46 -47.78
CA ALA C 140 17.96 -29.17 -46.78
C ALA C 140 18.84 -28.24 -45.96
N THR C 141 18.97 -26.97 -46.35
CA THR C 141 19.80 -26.05 -45.61
C THR C 141 19.22 -25.83 -44.21
N PRO C 142 20.01 -25.99 -43.15
CA PRO C 142 19.49 -25.71 -41.81
C PRO C 142 19.17 -24.23 -41.62
N ILE C 143 18.02 -23.98 -41.03
CA ILE C 143 17.56 -22.62 -40.73
C ILE C 143 17.28 -22.53 -39.24
N ALA C 144 17.80 -21.49 -38.61
CA ALA C 144 17.83 -21.45 -37.16
C ALA C 144 16.41 -21.40 -36.60
N PRO C 145 16.16 -22.03 -35.43
CA PRO C 145 14.86 -21.82 -34.75
C PRO C 145 14.52 -20.35 -34.58
N GLN C 146 15.53 -19.48 -34.47
CA GLN C 146 15.24 -18.07 -34.28
C GLN C 146 14.54 -17.47 -35.49
N VAL C 147 14.89 -17.92 -36.70
CA VAL C 147 14.30 -17.36 -37.91
C VAL C 147 12.88 -17.88 -38.11
N VAL C 148 12.66 -19.18 -37.93
CA VAL C 148 11.30 -19.73 -37.92
C VAL C 148 10.44 -18.98 -36.91
N ILE C 149 10.99 -18.74 -35.71
CA ILE C 149 10.25 -18.03 -34.68
C ILE C 149 9.99 -16.60 -35.12
N ARG C 150 10.94 -15.99 -35.86
CA ARG C 150 10.69 -14.65 -36.39
C ARG C 150 9.49 -14.65 -37.32
N GLN C 151 9.37 -15.69 -38.15
CA GLN C 151 8.20 -15.82 -39.00
C GLN C 151 6.94 -15.83 -38.14
N ALA C 152 6.95 -16.64 -37.08
CA ALA C 152 5.82 -16.69 -36.17
C ALA C 152 5.55 -15.32 -35.54
N ARG C 153 6.61 -14.59 -35.21
CA ARG C 153 6.47 -13.29 -34.56
C ARG C 153 5.78 -12.31 -35.49
N ILE C 154 6.22 -12.24 -36.75
CA ILE C 154 5.59 -11.31 -37.68
C ILE C 154 4.17 -11.76 -38.01
N SER C 155 3.89 -13.06 -37.93
CA SER C 155 2.52 -13.53 -38.10
C SER C 155 1.64 -13.09 -36.95
N VAL C 156 2.17 -13.12 -35.72
CA VAL C 156 1.44 -12.58 -34.58
C VAL C 156 1.19 -11.08 -34.78
N ASN C 157 2.24 -10.35 -35.18
CA ASN C 157 2.10 -8.91 -35.39
C ASN C 157 1.09 -8.60 -36.49
N SER C 158 0.98 -9.45 -37.50
CA SER C 158 0.06 -9.23 -38.61
C SER C 158 -1.38 -9.67 -38.30
N GLY C 159 -1.59 -10.37 -37.19
CA GLY C 159 -2.88 -10.90 -36.86
C GLY C 159 -3.14 -12.32 -37.34
N LYS C 160 -2.16 -12.95 -37.99
CA LYS C 160 -2.31 -14.33 -38.45
C LYS C 160 -2.01 -15.27 -37.28
N LEU C 161 -2.90 -15.21 -36.28
CA LEU C 161 -2.65 -15.92 -35.03
C LEU C 161 -2.60 -17.43 -35.24
N LEU C 162 -3.43 -17.97 -36.12
CA LEU C 162 -3.46 -19.42 -36.30
C LEU C 162 -2.20 -19.90 -37.00
N LYS C 163 -1.68 -19.13 -37.95
CA LYS C 163 -0.42 -19.49 -38.61
C LYS C 163 0.72 -19.54 -37.62
N ALA C 164 0.86 -18.47 -36.82
CA ALA C 164 1.90 -18.44 -35.79
C ALA C 164 1.71 -19.59 -34.80
N GLU C 165 0.45 -19.89 -34.45
CA GLU C 165 0.16 -20.98 -33.53
C GLU C 165 0.61 -22.32 -34.11
N TYR C 166 0.33 -22.55 -35.40
CA TYR C 166 0.81 -23.73 -36.08
C TYR C 166 2.33 -23.85 -35.94
N ILE C 167 3.04 -22.77 -36.29
CA ILE C 167 4.50 -22.81 -36.23
C ILE C 167 4.98 -23.13 -34.82
N LEU C 168 4.48 -22.37 -33.83
CA LEU C 168 4.96 -22.53 -32.46
C LEU C 168 4.63 -23.92 -31.94
N SER C 169 3.34 -24.29 -31.95
CA SER C 169 2.92 -25.61 -31.48
C SER C 169 3.73 -26.72 -32.14
N SER C 170 4.06 -26.56 -33.42
CA SER C 170 4.93 -27.53 -34.06
C SER C 170 6.30 -27.55 -33.37
N LEU C 171 6.84 -26.38 -33.07
CA LEU C 171 8.17 -26.32 -32.47
C LEU C 171 8.18 -26.88 -31.05
N ILE C 172 7.08 -26.72 -30.30
CA ILE C 172 7.09 -27.14 -28.90
C ILE C 172 6.79 -28.63 -28.76
N SER C 173 5.85 -29.15 -29.55
CA SER C 173 5.48 -30.56 -29.44
C SER C 173 6.48 -31.49 -30.11
N ASN C 174 7.59 -30.95 -30.63
CA ASN C 174 8.62 -31.76 -31.27
C ASN C 174 9.99 -31.48 -30.68
N ASN C 175 10.04 -31.06 -29.42
CA ASN C 175 11.29 -30.79 -28.72
C ASN C 175 12.17 -29.81 -29.51
N GLY C 176 11.54 -28.82 -30.11
CA GLY C 176 12.25 -27.82 -30.86
C GLY C 176 12.72 -28.26 -32.24
N ALA C 177 12.42 -29.48 -32.64
CA ALA C 177 12.85 -29.96 -33.95
C ALA C 177 12.30 -29.08 -35.07
N THR C 178 13.17 -28.74 -36.01
CA THR C 178 12.77 -27.93 -37.16
C THR C 178 13.71 -28.27 -38.31
N GLY C 179 13.14 -28.70 -39.44
CA GLY C 179 13.95 -28.97 -40.62
C GLY C 179 15.12 -29.87 -40.32
N THR C 180 16.31 -29.42 -40.71
CA THR C 180 17.53 -30.19 -40.52
C THR C 180 18.40 -29.62 -39.41
N TRP C 181 17.84 -28.78 -38.53
CA TRP C 181 18.65 -28.12 -37.52
C TRP C 181 19.10 -29.12 -36.46
N LEU C 182 20.33 -28.94 -36.01
CA LEU C 182 20.96 -29.83 -35.03
C LEU C 182 21.02 -29.14 -33.67
N TYR C 183 20.54 -29.83 -32.65
CA TYR C 183 20.66 -29.36 -31.28
C TYR C 183 21.84 -30.07 -30.63
N ARG C 184 22.77 -29.28 -30.09
CA ARG C 184 23.94 -29.85 -29.43
C ARG C 184 23.62 -30.36 -28.04
N ASN C 185 22.65 -29.74 -27.35
CA ASN C 185 22.28 -30.14 -26.01
C ASN C 185 20.78 -29.95 -25.83
N GLU C 186 20.27 -30.48 -24.71
CA GLU C 186 18.84 -30.43 -24.44
C GLU C 186 18.39 -29.07 -23.90
N SER C 187 19.28 -28.38 -23.19
CA SER C 187 18.93 -27.06 -22.69
C SER C 187 18.54 -26.12 -23.82
N ASP C 188 19.13 -26.27 -25.00
CA ASP C 188 18.76 -25.42 -26.13
C ASP C 188 17.36 -25.75 -26.62
N LYS C 189 17.01 -27.04 -26.64
CA LYS C 189 15.62 -27.41 -26.97
C LYS C 189 14.66 -26.78 -25.97
N VAL C 190 15.00 -26.82 -24.69
CA VAL C 190 14.15 -26.23 -23.66
C VAL C 190 14.02 -24.72 -23.88
N LEU C 191 15.14 -24.06 -24.19
CA LEU C 191 15.11 -22.62 -24.47
C LEU C 191 14.16 -22.30 -25.62
N VAL C 192 14.27 -23.05 -26.73
CA VAL C 192 13.36 -22.84 -27.85
C VAL C 192 11.91 -23.02 -27.38
N GLN C 193 11.63 -24.11 -26.66
CA GLN C 193 10.28 -24.35 -26.19
C GLN C 193 9.76 -23.20 -25.33
N SER C 194 10.61 -22.66 -24.46
CA SER C 194 10.21 -21.57 -23.59
C SER C 194 9.87 -20.33 -24.41
N VAL C 195 10.71 -19.99 -25.38
CA VAL C 195 10.41 -18.83 -26.22
C VAL C 195 9.10 -19.02 -26.96
N CYS C 196 8.86 -20.25 -27.46
CA CYS C 196 7.63 -20.52 -28.21
C CYS C 196 6.41 -20.39 -27.31
N ILE C 197 6.48 -20.93 -26.09
CA ILE C 197 5.38 -20.79 -25.15
C ILE C 197 5.15 -19.33 -24.81
N GLN C 198 6.24 -18.56 -24.68
CA GLN C 198 6.09 -17.12 -24.45
C GLN C 198 5.31 -16.46 -25.57
N ILE C 199 5.63 -16.80 -26.82
CA ILE C 199 4.92 -16.17 -27.94
C ILE C 199 3.48 -16.66 -28.02
N ARG C 200 3.21 -17.90 -27.64
CA ARG C 200 1.83 -18.36 -27.53
C ARG C 200 1.08 -17.56 -26.47
N GLY C 201 1.73 -17.27 -25.35
CA GLY C 201 1.12 -16.36 -24.38
C GLY C 201 0.83 -15.00 -24.97
N GLN C 202 1.74 -14.50 -25.81
CA GLN C 202 1.48 -13.23 -26.48
C GLN C 202 0.31 -13.32 -27.48
N ILE C 203 0.11 -14.49 -28.09
CA ILE C 203 -1.04 -14.69 -28.95
C ILE C 203 -2.32 -14.58 -28.13
N LEU C 204 -2.40 -15.35 -27.04
CA LEU C 204 -3.58 -15.30 -26.17
C LEU C 204 -3.79 -13.89 -25.61
N GLN C 205 -2.70 -13.17 -25.32
CA GLN C 205 -2.83 -11.77 -24.89
C GLN C 205 -3.47 -10.93 -25.99
N LYS C 206 -3.00 -11.11 -27.24
CA LYS C 206 -3.59 -10.40 -28.37
C LYS C 206 -5.09 -10.66 -28.43
N LEU C 207 -5.50 -11.89 -28.18
CA LEU C 207 -6.93 -12.21 -28.21
C LEU C 207 -7.68 -11.75 -26.96
N GLY C 208 -6.98 -11.24 -25.95
CA GLY C 208 -7.62 -10.78 -24.73
C GLY C 208 -7.93 -11.86 -23.72
N MET C 209 -7.36 -13.05 -23.86
CA MET C 209 -7.58 -14.15 -22.92
C MET C 209 -6.49 -14.04 -21.84
N TRP C 210 -6.69 -13.09 -20.93
CA TRP C 210 -5.62 -12.68 -20.03
C TRP C 210 -5.18 -13.82 -19.11
N TYR C 211 -6.13 -14.59 -18.60
CA TYR C 211 -5.80 -15.65 -17.66
C TYR C 211 -4.97 -16.74 -18.32
N GLU C 212 -5.41 -17.21 -19.49
CA GLU C 212 -4.66 -18.24 -20.21
C GLU C 212 -3.31 -17.70 -20.66
N ALA C 213 -3.26 -16.43 -21.06
CA ALA C 213 -1.99 -15.82 -21.45
C ALA C 213 -1.01 -15.84 -20.28
N ALA C 214 -1.47 -15.44 -19.08
CA ALA C 214 -0.62 -15.45 -17.90
C ALA C 214 -0.18 -16.87 -17.56
N GLU C 215 -1.07 -17.85 -17.74
CA GLU C 215 -0.66 -19.23 -17.55
C GLU C 215 0.53 -19.57 -18.45
N LEU C 216 0.42 -19.25 -19.74
CA LEU C 216 1.49 -19.58 -20.67
C LEU C 216 2.78 -18.82 -20.34
N ILE C 217 2.66 -17.56 -19.90
CA ILE C 217 3.86 -16.80 -19.55
C ILE C 217 4.53 -17.40 -18.32
N TRP C 218 3.75 -17.87 -17.34
CA TRP C 218 4.32 -18.59 -16.21
C TRP C 218 5.01 -19.86 -16.67
N ALA C 219 4.40 -20.57 -17.63
CA ALA C 219 5.04 -21.76 -18.18
C ALA C 219 6.38 -21.41 -18.80
N SER C 220 6.45 -20.28 -19.51
CA SER C 220 7.71 -19.88 -20.13
C SER C 220 8.74 -19.50 -19.08
N ILE C 221 8.30 -18.87 -17.98
CA ILE C 221 9.23 -18.51 -16.91
C ILE C 221 9.80 -19.77 -16.26
N VAL C 222 8.95 -20.75 -15.97
CA VAL C 222 9.44 -22.04 -15.48
C VAL C 222 10.44 -22.64 -16.48
N GLY C 223 10.10 -22.61 -17.77
CA GLY C 223 11.04 -23.11 -18.77
C GLY C 223 12.40 -22.45 -18.67
N TYR C 224 12.42 -21.12 -18.73
CA TYR C 224 13.67 -20.39 -18.65
C TYR C 224 14.46 -20.77 -17.38
N LEU C 225 13.76 -20.93 -16.25
CA LEU C 225 14.43 -21.27 -15.01
C LEU C 225 14.90 -22.72 -14.98
N ALA C 226 14.38 -23.58 -15.85
CA ALA C 226 14.84 -24.96 -15.92
C ALA C 226 16.17 -25.10 -16.67
N LEU C 227 16.73 -24.00 -17.16
CA LEU C 227 17.99 -24.06 -17.89
C LEU C 227 19.17 -24.09 -16.93
N PRO C 228 20.31 -24.61 -17.37
CA PRO C 228 21.50 -24.59 -16.49
C PRO C 228 21.78 -23.20 -15.93
N GLN C 229 21.85 -22.19 -16.79
CA GLN C 229 21.88 -20.79 -16.38
C GLN C 229 20.60 -20.12 -16.82
N PRO C 230 19.81 -19.53 -15.92
CA PRO C 230 18.54 -18.91 -16.37
C PRO C 230 18.79 -17.82 -17.39
N ASP C 231 17.91 -17.75 -18.40
CA ASP C 231 17.98 -16.76 -19.46
C ASP C 231 17.40 -15.45 -18.93
N LYS C 232 18.29 -14.52 -18.56
CA LYS C 232 17.83 -13.27 -17.97
C LYS C 232 17.07 -12.42 -18.98
N LYS C 233 17.49 -12.42 -20.25
CA LYS C 233 16.79 -11.64 -21.26
C LYS C 233 15.38 -12.16 -21.47
N GLY C 234 15.23 -13.48 -21.57
CA GLY C 234 13.90 -14.05 -21.74
C GLY C 234 13.05 -13.86 -20.52
N LEU C 235 13.64 -13.95 -19.32
CA LEU C 235 12.88 -13.72 -18.10
C LEU C 235 12.39 -12.28 -18.05
N SER C 236 13.26 -11.33 -18.40
CA SER C 236 12.84 -9.94 -18.48
C SER C 236 11.67 -9.78 -19.44
N THR C 237 11.76 -10.41 -20.62
CA THR C 237 10.69 -10.30 -21.60
C THR C 237 9.38 -10.85 -21.04
N SER C 238 9.43 -12.07 -20.49
CA SER C 238 8.24 -12.70 -19.94
C SER C 238 7.64 -11.88 -18.82
N LEU C 239 8.48 -11.23 -17.99
CA LEU C 239 7.96 -10.44 -16.89
C LEU C 239 7.35 -9.13 -17.37
N GLY C 240 7.93 -8.51 -18.40
CA GLY C 240 7.27 -7.38 -19.03
C GLY C 240 5.90 -7.75 -19.58
N ILE C 241 5.82 -8.87 -20.29
CA ILE C 241 4.54 -9.31 -20.84
C ILE C 241 3.55 -9.59 -19.72
N LEU C 242 4.01 -10.25 -18.66
CA LEU C 242 3.13 -10.55 -17.53
C LEU C 242 2.62 -9.26 -16.89
N ALA C 243 3.47 -8.24 -16.80
CA ALA C 243 3.02 -6.96 -16.25
C ALA C 243 1.91 -6.39 -17.11
N ASP C 244 2.11 -6.37 -18.43
CA ASP C 244 1.07 -5.86 -19.31
C ASP C 244 -0.23 -6.65 -19.15
N ILE C 245 -0.14 -7.98 -19.08
CA ILE C 245 -1.31 -8.81 -18.89
C ILE C 245 -2.02 -8.46 -17.58
N PHE C 246 -1.23 -8.29 -16.52
CA PHE C 246 -1.80 -7.94 -15.21
C PHE C 246 -2.53 -6.60 -15.30
N VAL C 247 -1.95 -5.63 -16.01
CA VAL C 247 -2.64 -4.35 -16.18
C VAL C 247 -3.95 -4.55 -16.92
N SER C 248 -3.96 -5.44 -17.91
CA SER C 248 -5.17 -5.67 -18.70
C SER C 248 -6.18 -6.54 -17.99
N MET C 249 -5.75 -7.37 -17.03
CA MET C 249 -6.68 -8.27 -16.36
C MET C 249 -7.72 -7.50 -15.56
N SER C 250 -8.88 -8.12 -15.38
CA SER C 250 -9.86 -7.64 -14.41
C SER C 250 -9.49 -8.18 -13.03
N LYS C 251 -10.34 -7.90 -12.04
CA LYS C 251 -10.10 -8.45 -10.70
C LYS C 251 -10.36 -9.95 -10.67
N ASN C 252 -11.39 -10.41 -11.38
CA ASN C 252 -11.66 -11.84 -11.44
C ASN C 252 -10.53 -12.61 -12.11
N ASP C 253 -9.92 -12.02 -13.15
CA ASP C 253 -8.79 -12.67 -13.81
C ASP C 253 -7.62 -12.81 -12.86
N TYR C 254 -7.29 -11.73 -12.15
CA TYR C 254 -6.20 -11.77 -11.17
C TYR C 254 -6.49 -12.82 -10.10
N GLU C 255 -7.72 -12.82 -9.58
CA GLU C 255 -8.08 -13.77 -8.54
C GLU C 255 -7.92 -15.20 -9.03
N LYS C 256 -8.45 -15.50 -10.22
CA LYS C 256 -8.33 -16.84 -10.77
C LYS C 256 -6.87 -17.22 -10.98
N PHE C 257 -6.04 -16.25 -11.40
CA PHE C 257 -4.61 -16.51 -11.58
C PHE C 257 -3.94 -16.80 -10.24
N LYS C 258 -4.43 -16.20 -9.16
CA LYS C 258 -3.92 -16.52 -7.83
C LYS C 258 -4.43 -17.87 -7.32
N ASN C 259 -5.56 -18.34 -7.84
CA ASN C 259 -6.17 -19.59 -7.39
C ASN C 259 -5.84 -20.76 -8.32
N ASN C 260 -4.66 -20.77 -8.90
CA ASN C 260 -4.15 -21.91 -9.65
C ASN C 260 -2.95 -22.47 -8.91
N PRO C 261 -3.05 -23.64 -8.27
CA PRO C 261 -1.94 -24.11 -7.44
C PRO C 261 -0.66 -24.35 -8.21
N GLN C 262 -0.75 -24.68 -9.50
CA GLN C 262 0.46 -24.91 -10.30
C GLN C 262 1.34 -23.67 -10.33
N ILE C 263 0.76 -22.49 -10.27
CA ILE C 263 1.52 -21.24 -10.36
C ILE C 263 2.04 -20.88 -8.98
N ASN C 264 3.35 -20.60 -8.90
CA ASN C 264 4.02 -20.39 -7.62
C ASN C 264 4.69 -19.04 -7.50
N LEU C 265 4.62 -18.19 -8.53
CA LEU C 265 5.29 -16.89 -8.51
C LEU C 265 5.12 -16.19 -7.17
N SER C 266 6.23 -15.60 -6.68
CA SER C 266 6.22 -15.00 -5.36
C SER C 266 5.44 -13.68 -5.35
N LEU C 267 5.53 -12.91 -6.44
CA LEU C 267 4.76 -11.68 -6.54
C LEU C 267 3.26 -11.93 -6.53
N LEU C 268 2.84 -13.18 -6.64
CA LEU C 268 1.42 -13.54 -6.67
C LEU C 268 0.76 -13.17 -5.35
N LYS C 269 1.12 -13.88 -4.29
CA LYS C 269 0.46 -13.67 -3.00
C LYS C 269 1.02 -12.49 -2.23
N GLU C 270 2.21 -12.00 -2.60
CA GLU C 270 2.76 -10.83 -1.94
C GLU C 270 1.89 -9.59 -2.15
N PHE C 271 1.09 -9.57 -3.21
CA PHE C 271 0.24 -8.43 -3.54
C PHE C 271 -1.18 -8.89 -3.77
N ASP C 272 -2.12 -7.96 -3.61
CA ASP C 272 -3.54 -8.28 -3.70
C ASP C 272 -4.27 -7.51 -4.79
N HIS C 273 -3.58 -6.61 -5.50
CA HIS C 273 -4.19 -5.78 -6.53
C HIS C 273 -3.40 -5.96 -7.83
N HIS C 274 -4.13 -6.16 -8.94
CA HIS C 274 -3.44 -6.51 -10.18
C HIS C 274 -2.44 -5.45 -10.60
N LEU C 275 -2.71 -4.17 -10.29
CA LEU C 275 -1.77 -3.11 -10.65
C LEU C 275 -0.49 -3.17 -9.83
N LEU C 276 -0.58 -3.61 -8.57
CA LEU C 276 0.61 -3.73 -7.75
C LEU C 276 1.43 -4.92 -8.18
N SER C 277 0.79 -6.04 -8.48
CA SER C 277 1.51 -7.17 -9.07
C SER C 277 2.17 -6.76 -10.39
N ALA C 278 1.48 -5.95 -11.19
CA ALA C 278 2.07 -5.46 -12.43
C ALA C 278 3.30 -4.62 -12.14
N ALA C 279 3.22 -3.71 -11.17
CA ALA C 279 4.36 -2.87 -10.85
C ALA C 279 5.55 -3.71 -10.37
N GLU C 280 5.28 -4.76 -9.57
CA GLU C 280 6.34 -5.66 -9.13
C GLU C 280 6.95 -6.43 -10.30
N ALA C 281 6.11 -6.89 -11.22
CA ALA C 281 6.61 -7.58 -12.39
C ALA C 281 7.50 -6.65 -13.20
N CYS C 282 7.12 -5.38 -13.30
CA CYS C 282 7.95 -4.42 -14.02
C CYS C 282 9.29 -4.25 -13.33
N LYS C 283 9.27 -4.14 -12.00
CA LYS C 283 10.52 -4.10 -11.23
C LYS C 283 11.42 -5.29 -11.59
N LEU C 284 10.89 -6.50 -11.50
CA LEU C 284 11.72 -7.67 -11.79
C LEU C 284 12.19 -7.70 -13.24
N ALA C 285 11.33 -7.26 -14.16
CA ALA C 285 11.71 -7.22 -15.57
C ALA C 285 12.88 -6.28 -15.79
N ALA C 286 12.83 -5.10 -15.18
CA ALA C 286 13.95 -4.16 -15.28
C ALA C 286 15.19 -4.70 -14.62
N ALA C 287 15.02 -5.48 -13.53
CA ALA C 287 16.18 -6.05 -12.84
C ALA C 287 16.87 -7.09 -13.71
N PHE C 288 16.10 -7.98 -14.35
CA PHE C 288 16.71 -8.99 -15.21
C PHE C 288 17.43 -8.36 -16.40
N SER C 289 17.09 -7.13 -16.76
CA SER C 289 17.76 -6.40 -17.82
C SER C 289 18.58 -5.24 -17.26
N ALA C 290 19.16 -5.43 -16.09
CA ALA C 290 19.91 -4.34 -15.43
C ALA C 290 20.97 -3.67 -16.30
N TYR C 291 21.52 -4.41 -17.27
CA TYR C 291 22.61 -3.84 -18.07
C TYR C 291 22.15 -3.37 -19.45
N THR C 292 20.84 -3.26 -19.65
CA THR C 292 20.32 -2.78 -20.95
C THR C 292 19.38 -1.59 -20.72
N PRO C 293 19.89 -0.36 -20.83
CA PRO C 293 19.11 0.78 -20.31
C PRO C 293 17.74 0.95 -20.95
N LEU C 294 17.60 0.71 -22.25
CA LEU C 294 16.31 0.94 -22.91
C LEU C 294 15.21 0.11 -22.27
N PHE C 295 15.45 -1.19 -22.08
CA PHE C 295 14.44 -2.06 -21.48
C PHE C 295 14.15 -1.65 -20.05
N VAL C 296 15.18 -1.21 -19.32
CA VAL C 296 14.97 -0.73 -17.95
C VAL C 296 14.02 0.46 -17.98
N LEU C 297 14.27 1.42 -18.87
CA LEU C 297 13.45 2.62 -18.96
C LEU C 297 12.01 2.28 -19.30
N THR C 298 11.81 1.34 -20.22
CA THR C 298 10.45 0.98 -20.61
C THR C 298 9.73 0.33 -19.44
N ALA C 299 10.40 -0.61 -18.78
CA ALA C 299 9.77 -1.33 -17.67
C ALA C 299 9.46 -0.39 -16.52
N VAL C 300 10.33 0.58 -16.24
CA VAL C 300 10.08 1.48 -15.12
C VAL C 300 9.03 2.52 -15.49
N ASN C 301 8.94 2.92 -16.76
CA ASN C 301 7.82 3.74 -17.19
C ASN C 301 6.49 3.04 -16.96
N ILE C 302 6.43 1.75 -17.30
CA ILE C 302 5.18 1.01 -17.06
C ILE C 302 4.93 0.87 -15.56
N ARG C 303 5.99 0.68 -14.76
CA ARG C 303 5.83 0.59 -13.31
C ARG C 303 5.27 1.88 -12.74
N GLY C 304 5.86 3.01 -13.12
CA GLY C 304 5.34 4.30 -12.72
C GLY C 304 3.89 4.51 -13.13
N THR C 305 3.53 4.07 -14.35
CA THR C 305 2.14 4.20 -14.79
C THR C 305 1.20 3.35 -13.96
N CYS C 306 1.59 2.11 -13.68
CA CYS C 306 0.81 1.25 -12.79
C CYS C 306 0.58 1.95 -11.45
N LEU C 307 1.65 2.50 -10.87
CA LEU C 307 1.54 3.09 -9.54
C LEU C 307 0.75 4.39 -9.55
N LEU C 308 0.86 5.18 -10.62
CA LEU C 308 0.03 6.36 -10.74
C LEU C 308 -1.45 5.98 -10.83
N SER C 309 -1.77 4.93 -11.58
CA SER C 309 -3.15 4.49 -11.68
C SER C 309 -3.66 3.96 -10.34
N TYR C 310 -2.85 3.16 -9.66
CA TYR C 310 -3.27 2.57 -8.39
C TYR C 310 -3.45 3.64 -7.31
N SER C 311 -2.52 4.60 -7.22
CA SER C 311 -2.58 5.58 -6.14
C SER C 311 -3.80 6.48 -6.26
N SER C 312 -4.33 6.65 -7.47
CA SER C 312 -5.53 7.44 -7.69
C SER C 312 -6.77 6.58 -7.81
N SER C 313 -6.67 5.29 -7.55
CA SER C 313 -7.77 4.36 -7.60
C SER C 313 -8.52 4.40 -6.28
N ASN C 314 -9.78 3.94 -6.33
CA ASN C 314 -10.57 3.81 -5.12
C ASN C 314 -10.10 2.65 -4.24
N ASP C 315 -9.21 1.80 -4.74
CA ASP C 315 -8.72 0.65 -3.98
C ASP C 315 -7.45 0.95 -3.19
N CYS C 316 -6.91 2.18 -3.30
CA CYS C 316 -5.72 2.54 -2.56
C CYS C 316 -6.13 3.20 -1.25
N PRO C 317 -5.80 2.62 -0.10
CA PRO C 317 -6.08 3.31 1.17
C PRO C 317 -5.45 4.68 1.16
N PRO C 318 -6.19 5.71 1.57
CA PRO C 318 -5.55 7.04 1.71
C PRO C 318 -4.20 7.00 2.41
N GLU C 319 -4.11 6.27 3.52
CA GLU C 319 -2.88 6.15 4.28
C GLU C 319 -1.66 5.93 3.41
N LEU C 320 -1.82 5.12 2.35
CA LEU C 320 -0.70 4.66 1.53
C LEU C 320 -0.55 5.45 0.23
N LYS C 321 -1.51 6.31 -0.10
CA LYS C 321 -1.47 7.03 -1.40
C LYS C 321 -0.09 7.64 -1.67
N ASN C 322 0.30 8.61 -0.86
CA ASN C 322 1.58 9.27 -1.08
C ASN C 322 2.73 8.26 -1.12
N LEU C 323 2.70 7.27 -0.23
CA LEU C 323 3.77 6.28 -0.23
C LEU C 323 3.90 5.63 -1.61
N HIS C 324 2.78 5.15 -2.16
CA HIS C 324 2.84 4.56 -3.50
C HIS C 324 3.30 5.58 -4.52
N LEU C 325 2.88 6.84 -4.38
CA LEU C 325 3.35 7.87 -5.30
C LEU C 325 4.88 7.96 -5.25
N CYS C 326 5.45 7.90 -4.04
CA CYS C 326 6.90 7.91 -3.93
C CYS C 326 7.52 6.75 -4.70
N GLU C 327 6.93 5.56 -4.61
CA GLU C 327 7.38 4.46 -5.44
C GLU C 327 7.33 4.87 -6.92
N ALA C 328 6.20 5.41 -7.36
CA ALA C 328 6.11 5.90 -8.73
C ALA C 328 7.27 6.85 -9.02
N LYS C 329 7.52 7.79 -8.11
CA LYS C 329 8.61 8.73 -8.29
C LYS C 329 9.91 7.97 -8.55
N GLU C 330 10.25 7.05 -7.65
CA GLU C 330 11.47 6.28 -7.82
C GLU C 330 11.50 5.68 -9.21
N ALA C 331 10.41 5.00 -9.61
CA ALA C 331 10.35 4.37 -10.92
C ALA C 331 10.77 5.36 -12.00
N PHE C 332 10.06 6.49 -12.08
CA PHE C 332 10.36 7.43 -13.16
C PHE C 332 11.80 7.91 -13.06
N GLU C 333 12.26 8.18 -11.84
CA GLU C 333 13.63 8.67 -11.68
C GLU C 333 14.62 7.67 -12.27
N ILE C 334 14.43 6.38 -11.97
CA ILE C 334 15.33 5.38 -12.52
C ILE C 334 15.37 5.49 -14.03
N GLY C 335 14.20 5.62 -14.66
CA GLY C 335 14.18 5.77 -16.10
C GLY C 335 14.96 6.99 -16.54
N LEU C 336 14.71 8.12 -15.90
CA LEU C 336 15.43 9.34 -16.26
C LEU C 336 16.92 9.21 -16.01
N LEU C 337 17.33 8.25 -15.19
CA LEU C 337 18.74 8.05 -14.89
C LEU C 337 19.43 7.11 -15.87
N THR C 338 18.70 6.55 -16.83
CA THR C 338 19.34 5.63 -17.78
C THR C 338 20.31 6.36 -18.72
N LYS C 339 20.29 7.70 -18.73
CA LYS C 339 21.21 8.48 -19.55
C LYS C 339 21.61 9.73 -18.77
N ARG C 340 22.90 9.99 -18.80
CA ARG C 340 23.45 11.14 -18.11
C ARG C 340 23.58 12.32 -19.05
N ASP C 341 23.77 13.50 -18.50
CA ASP C 341 23.86 14.68 -19.36
C ASP C 341 24.91 14.49 -20.45
N ASP C 342 24.56 14.91 -21.66
CA ASP C 342 25.46 14.87 -22.82
C ASP C 342 25.76 13.43 -23.26
N GLU C 343 24.74 12.58 -23.25
CA GLU C 343 24.89 11.22 -23.77
C GLU C 343 23.88 11.07 -24.94
N PRO C 344 24.30 10.62 -26.16
CA PRO C 344 23.42 10.60 -27.34
C PRO C 344 22.33 9.54 -27.20
N VAL C 345 21.17 9.84 -27.78
CA VAL C 345 20.04 8.93 -27.83
C VAL C 345 19.67 8.73 -29.29
N THR C 346 19.57 7.46 -29.71
CA THR C 346 19.44 7.13 -31.13
C THR C 346 17.98 7.17 -31.59
N GLY C 347 17.19 6.17 -31.20
CA GLY C 347 15.89 5.94 -31.79
C GLY C 347 14.82 6.87 -31.29
N LYS C 348 13.59 6.61 -31.77
CA LYS C 348 12.43 7.40 -31.38
C LYS C 348 11.69 6.80 -30.18
N GLN C 349 11.69 5.47 -30.07
CA GLN C 349 11.14 4.82 -28.87
C GLN C 349 11.80 5.39 -27.62
N GLU C 350 13.13 5.49 -27.63
CA GLU C 350 13.86 5.92 -26.44
C GLU C 350 13.57 7.38 -26.12
N LEU C 351 13.56 8.24 -27.13
CA LEU C 351 13.20 9.64 -26.90
C LEU C 351 11.81 9.75 -26.29
N HIS C 352 10.84 9.06 -26.88
CA HIS C 352 9.47 9.12 -26.39
C HIS C 352 9.39 8.60 -24.97
N SER C 353 10.14 7.55 -24.64
CA SER C 353 10.13 7.02 -23.29
C SER C 353 10.77 7.98 -22.29
N PHE C 354 11.79 8.72 -22.72
CA PHE C 354 12.37 9.71 -21.83
C PHE C 354 11.39 10.85 -21.57
N VAL C 355 10.69 11.30 -22.60
CA VAL C 355 9.66 12.32 -22.38
C VAL C 355 8.56 11.77 -21.47
N LYS C 356 8.16 10.52 -21.69
CA LYS C 356 7.21 9.86 -20.82
C LYS C 356 7.67 9.91 -19.36
N ALA C 357 8.93 9.54 -19.12
CA ALA C 357 9.43 9.49 -17.75
C ALA C 357 9.49 10.88 -17.12
N ALA C 358 9.94 11.88 -17.88
CA ALA C 358 9.96 13.24 -17.37
C ALA C 358 8.56 13.70 -16.97
N PHE C 359 7.58 13.48 -17.85
CA PHE C 359 6.22 13.91 -17.55
C PHE C 359 5.61 13.11 -16.41
N GLY C 360 5.95 11.81 -16.30
CA GLY C 360 5.44 11.02 -15.21
C GLY C 360 5.97 11.50 -13.87
N LEU C 361 7.26 11.82 -13.81
CA LEU C 361 7.81 12.38 -12.58
C LEU C 361 7.20 13.74 -12.26
N THR C 362 6.99 14.57 -13.29
CA THR C 362 6.29 15.84 -13.06
C THR C 362 4.89 15.59 -12.51
N THR C 363 4.21 14.57 -13.02
CA THR C 363 2.86 14.27 -12.56
C THR C 363 2.86 13.78 -11.12
N VAL C 364 3.88 13.01 -10.74
CA VAL C 364 3.99 12.58 -9.35
C VAL C 364 4.23 13.79 -8.45
N HIS C 365 5.12 14.70 -8.86
CA HIS C 365 5.35 15.90 -8.08
C HIS C 365 4.08 16.74 -7.95
N ARG C 366 3.27 16.77 -9.01
CA ARG C 366 2.01 17.50 -8.95
C ARG C 366 1.04 16.84 -7.99
N ARG C 367 0.87 15.52 -8.10
CA ARG C 367 -0.07 14.81 -7.24
C ARG C 367 0.32 14.99 -5.77
N LEU C 368 1.61 14.82 -5.47
CA LEU C 368 2.10 15.02 -4.10
C LEU C 368 2.00 16.46 -3.63
N HIS C 369 2.62 17.39 -4.34
CA HIS C 369 2.71 18.78 -3.89
C HIS C 369 1.76 19.85 -4.39
N GLY C 370 1.18 19.64 -5.57
CA GLY C 370 0.22 20.59 -6.09
C GLY C 370 0.81 21.42 -7.20
N GLU C 371 0.21 22.56 -7.48
CA GLU C 371 0.75 23.44 -8.48
C GLU C 371 1.76 24.37 -7.88
N THR C 372 3.03 24.07 -8.09
CA THR C 372 4.06 24.88 -7.51
C THR C 372 4.79 25.51 -8.66
N GLY C 373 5.74 26.41 -8.40
CA GLY C 373 6.38 27.06 -9.50
C GLY C 373 7.22 26.01 -10.16
N THR C 374 7.88 25.19 -9.35
CA THR C 374 8.77 24.18 -9.92
C THR C 374 7.99 23.18 -10.76
N VAL C 375 6.82 22.74 -10.29
CA VAL C 375 6.01 21.79 -11.05
C VAL C 375 5.53 22.43 -12.34
N HIS C 376 5.17 23.72 -12.30
CA HIS C 376 4.74 24.39 -13.52
C HIS C 376 5.88 24.51 -14.51
N ALA C 377 7.08 24.86 -14.03
CA ALA C 377 8.24 24.92 -14.91
C ALA C 377 8.51 23.55 -15.54
N ALA C 378 8.41 22.49 -14.73
CA ALA C 378 8.65 21.15 -15.25
C ALA C 378 7.62 20.78 -16.30
N SER C 379 6.35 21.18 -16.10
CA SER C 379 5.32 20.87 -17.07
C SER C 379 5.55 21.62 -18.38
N GLN C 380 5.92 22.90 -18.29
CA GLN C 380 6.22 23.65 -19.50
C GLN C 380 7.40 23.05 -20.24
N LEU C 381 8.43 22.64 -19.51
CA LEU C 381 9.56 21.95 -20.13
C LEU C 381 9.12 20.66 -20.81
N CYS C 382 8.22 19.91 -20.17
CA CYS C 382 7.73 18.68 -20.77
C CYS C 382 6.99 18.96 -22.07
N LYS C 383 6.17 20.03 -22.10
CA LYS C 383 5.44 20.35 -23.33
C LYS C 383 6.41 20.77 -24.44
N GLU C 384 7.42 21.57 -24.10
CA GLU C 384 8.46 21.91 -25.08
C GLU C 384 9.13 20.65 -25.60
N ALA C 385 9.45 19.71 -24.70
CA ALA C 385 10.08 18.47 -25.10
C ALA C 385 9.18 17.68 -26.04
N MET C 386 7.87 17.67 -25.77
CA MET C 386 6.95 16.95 -26.66
C MET C 386 6.95 17.58 -28.05
N GLY C 387 6.93 18.91 -28.12
CA GLY C 387 7.02 19.57 -29.41
C GLY C 387 8.27 19.18 -30.16
N LYS C 388 9.43 19.29 -29.50
CA LYS C 388 10.68 18.92 -30.14
C LYS C 388 10.69 17.46 -30.56
N LEU C 389 10.06 16.59 -29.76
CA LEU C 389 10.02 15.16 -30.08
C LEU C 389 9.18 14.91 -31.32
N TYR C 390 7.99 15.51 -31.40
CA TYR C 390 7.19 15.37 -32.60
C TYR C 390 7.96 15.86 -33.82
N ASN C 391 8.62 17.01 -33.70
CA ASN C 391 9.42 17.51 -34.82
C ASN C 391 10.53 16.55 -35.18
N PHE C 392 11.08 15.83 -34.20
CA PHE C 392 12.10 14.83 -34.49
C PHE C 392 11.55 13.69 -35.33
N SER C 393 10.26 13.42 -35.13
CA SER C 393 9.60 12.32 -35.87
C SER C 393 9.10 12.83 -37.22
N THR C 394 9.01 14.15 -37.38
CA THR C 394 8.58 14.76 -38.67
C THR C 394 9.61 15.80 -39.13
N ARG C 397 16.80 13.99 -42.90
CA ARG C 397 18.16 13.42 -42.83
C ARG C 397 18.63 13.39 -41.37
N SER C 398 19.84 12.92 -41.09
CA SER C 398 20.31 12.74 -39.70
C SER C 398 20.58 14.04 -38.96
N GLN C 399 21.28 15.00 -39.55
CA GLN C 399 21.66 16.22 -38.79
C GLN C 399 20.39 16.85 -38.25
N ASP C 400 19.38 16.91 -39.08
CA ASP C 400 18.09 17.48 -38.71
C ASP C 400 17.52 16.81 -37.47
N ARG C 401 17.63 15.48 -37.40
CA ARG C 401 17.11 14.74 -36.25
C ARG C 401 18.10 14.71 -35.09
N GLU C 402 19.40 14.73 -35.39
CA GLU C 402 20.41 14.77 -34.33
C GLU C 402 20.24 16.00 -33.47
N ALA C 403 20.14 17.18 -34.11
CA ALA C 403 19.98 18.42 -33.35
C ALA C 403 18.76 18.34 -32.43
N LEU C 404 17.63 17.89 -32.96
CA LEU C 404 16.40 17.85 -32.18
C LEU C 404 16.49 16.84 -31.04
N SER C 405 17.12 15.69 -31.28
CA SER C 405 17.33 14.73 -30.20
C SER C 405 18.15 15.36 -29.08
N GLN C 406 19.20 16.11 -29.44
CA GLN C 406 20.02 16.76 -28.43
C GLN C 406 19.22 17.80 -27.68
N GLU C 407 18.37 18.55 -28.37
CA GLU C 407 17.54 19.55 -27.68
C GLU C 407 16.57 18.87 -26.72
N VAL C 408 15.96 17.76 -27.16
CA VAL C 408 15.03 17.03 -26.31
C VAL C 408 15.73 16.55 -25.04
N MET C 409 16.90 15.93 -25.20
CA MET C 409 17.62 15.41 -24.04
C MET C 409 18.13 16.54 -23.15
N SER C 410 18.44 17.71 -23.73
CA SER C 410 18.81 18.85 -22.90
C SER C 410 17.64 19.31 -22.06
N VAL C 411 16.45 19.37 -22.66
CA VAL C 411 15.25 19.71 -21.90
C VAL C 411 15.01 18.68 -20.81
N ILE C 412 15.25 17.39 -21.12
CA ILE C 412 15.05 16.36 -20.12
C ILE C 412 16.00 16.56 -18.95
N ALA C 413 17.25 16.94 -19.24
CA ALA C 413 18.21 17.22 -18.18
C ALA C 413 17.77 18.42 -17.34
N GLN C 414 17.26 19.45 -18.00
CA GLN C 414 16.67 20.58 -17.27
C GLN C 414 15.61 20.08 -16.31
N VAL C 415 14.74 19.20 -16.78
CA VAL C 415 13.67 18.66 -15.93
C VAL C 415 14.27 17.89 -14.76
N LYS C 416 15.29 17.08 -15.03
CA LYS C 416 15.90 16.27 -13.97
C LYS C 416 16.51 17.16 -12.89
N GLU C 417 17.06 18.32 -13.27
CA GLU C 417 17.61 19.21 -12.25
C GLU C 417 16.51 20.00 -11.54
N HIS C 418 15.44 20.34 -12.25
CA HIS C 418 14.34 21.06 -11.61
C HIS C 418 13.68 20.20 -10.53
N LEU C 419 13.70 18.88 -10.70
CA LEU C 419 13.00 17.97 -9.81
C LEU C 419 13.96 17.24 -8.87
N GLN C 420 15.23 17.62 -8.86
CA GLN C 420 16.20 17.10 -7.91
C GLN C 420 16.29 15.58 -7.98
N VAL C 421 16.46 15.07 -9.18
CA VAL C 421 16.68 13.64 -9.37
C VAL C 421 18.01 13.27 -8.74
N GLN C 422 17.98 12.36 -7.77
CA GLN C 422 19.18 11.90 -7.07
C GLN C 422 19.64 10.59 -7.67
N SER C 423 20.92 10.52 -8.06
CA SER C 423 21.50 9.27 -8.52
C SER C 423 21.49 8.25 -7.40
N PHE C 424 21.35 6.98 -7.76
CA PHE C 424 21.56 5.87 -6.84
C PHE C 424 22.97 5.33 -7.03
N SER C 425 23.46 4.64 -6.00
CA SER C 425 24.80 4.05 -6.04
C SER C 425 24.64 2.53 -5.93
N ASN C 426 24.96 1.82 -7.01
CA ASN C 426 24.90 0.37 -7.04
C ASN C 426 26.33 -0.15 -7.02
N VAL C 427 26.58 -1.13 -6.15
CA VAL C 427 27.88 -1.79 -6.11
C VAL C 427 28.32 -2.09 -7.54
N ASP C 428 27.39 -2.57 -8.36
CA ASP C 428 27.67 -2.88 -9.75
C ASP C 428 27.54 -1.61 -10.59
N ASP C 429 28.68 -1.06 -11.03
CA ASP C 429 28.67 0.17 -11.81
C ASP C 429 28.13 -0.03 -13.22
N ARG C 430 27.85 -1.25 -13.63
CA ARG C 430 27.20 -1.50 -14.92
C ARG C 430 25.68 -1.54 -14.83
N SER C 431 25.12 -1.63 -13.62
CA SER C 431 23.69 -1.81 -13.44
C SER C 431 22.96 -0.48 -13.49
N TYR C 432 21.84 -0.47 -14.22
CA TYR C 432 21.01 0.72 -14.34
C TYR C 432 19.82 0.72 -13.40
N VAL C 433 19.74 -0.23 -12.48
CA VAL C 433 18.64 -0.28 -11.52
C VAL C 433 19.24 -0.18 -10.12
N PRO C 434 18.46 0.24 -9.13
CA PRO C 434 18.93 0.16 -7.75
C PRO C 434 19.13 -1.29 -7.35
N GLU C 435 19.77 -1.48 -6.19
CA GLU C 435 20.10 -2.81 -5.69
C GLU C 435 18.90 -3.53 -5.12
N SER C 436 17.86 -2.83 -4.70
CA SER C 436 16.66 -3.51 -4.21
C SER C 436 15.95 -4.26 -5.33
N PHE C 437 15.93 -3.69 -6.55
CA PHE C 437 15.38 -4.39 -7.69
C PHE C 437 16.07 -5.74 -7.89
N GLU C 438 17.37 -5.78 -7.79
CA GLU C 438 18.10 -7.02 -7.97
C GLU C 438 17.99 -7.96 -6.77
N CYS C 439 17.77 -7.42 -5.57
CA CYS C 439 17.77 -8.28 -4.39
C CYS C 439 16.56 -9.21 -4.40
N ARG C 440 15.42 -8.73 -4.90
CA ARG C 440 14.27 -9.60 -5.02
C ARG C 440 14.50 -10.57 -6.15
N LEU C 441 15.40 -10.23 -7.08
CA LEU C 441 15.55 -11.13 -8.21
C LEU C 441 15.84 -12.56 -7.76
N ASP C 442 16.65 -12.72 -6.71
CA ASP C 442 17.11 -14.03 -6.32
C ASP C 442 15.96 -15.01 -6.14
N LYS C 443 14.89 -14.59 -5.47
CA LYS C 443 13.76 -15.47 -5.17
C LYS C 443 12.89 -15.62 -6.43
N LEU C 444 13.44 -16.34 -7.40
CA LEU C 444 12.78 -16.59 -8.67
C LEU C 444 11.98 -17.89 -8.63
N ASP C 451 8.86 -30.64 -13.47
CA ASP C 451 8.51 -29.23 -13.34
C ASP C 451 8.02 -28.69 -14.69
N PHE C 452 8.95 -28.54 -15.63
CA PHE C 452 8.66 -27.98 -16.94
C PHE C 452 8.12 -29.03 -17.90
N GLN C 453 8.77 -30.20 -17.96
CA GLN C 453 8.30 -31.26 -18.85
C GLN C 453 6.88 -31.67 -18.51
N LYS C 454 6.48 -31.55 -17.24
CA LYS C 454 5.10 -31.83 -16.86
C LYS C 454 4.13 -30.92 -17.59
N ILE C 455 4.49 -29.63 -17.72
CA ILE C 455 3.58 -28.68 -18.33
C ILE C 455 3.38 -28.99 -19.81
N LEU C 456 4.40 -29.53 -20.47
CA LEU C 456 4.32 -29.81 -21.91
C LEU C 456 3.07 -30.59 -22.28
N GLU D 10 -22.06 30.82 -18.47
CA GLU D 10 -22.07 29.83 -17.36
C GLU D 10 -21.30 28.56 -17.79
N ILE D 11 -21.21 28.30 -19.09
CA ILE D 11 -20.47 27.15 -19.57
C ILE D 11 -19.06 27.15 -18.99
N LEU D 12 -18.44 28.32 -18.88
CA LEU D 12 -17.06 28.39 -18.39
C LEU D 12 -16.93 27.75 -17.01
N GLU D 13 -18.02 27.72 -16.24
CA GLU D 13 -17.97 27.10 -14.91
C GLU D 13 -17.99 25.58 -15.02
N ALA D 14 -18.78 25.04 -15.94
CA ALA D 14 -18.84 23.59 -16.12
C ALA D 14 -17.57 23.05 -16.77
N ARG D 15 -16.87 23.89 -17.53
CA ARG D 15 -15.63 23.46 -18.17
C ARG D 15 -14.43 23.48 -17.23
N THR D 16 -14.50 24.26 -16.16
CA THR D 16 -13.41 24.30 -15.18
C THR D 16 -13.52 23.11 -14.26
N LEU D 17 -12.51 22.23 -14.28
CA LEU D 17 -12.51 21.03 -13.46
C LEU D 17 -11.89 21.33 -12.10
N GLN D 18 -12.61 20.98 -11.05
CA GLN D 18 -12.13 21.18 -9.69
C GLN D 18 -11.26 20.01 -9.25
N PRO D 19 -10.50 20.16 -8.17
CA PRO D 19 -9.69 19.02 -7.70
C PRO D 19 -10.51 17.77 -7.45
N ASP D 20 -11.73 17.93 -6.95
CA ASP D 20 -12.62 16.79 -6.77
C ASP D 20 -12.95 16.15 -8.12
N ASP D 21 -13.16 16.95 -9.15
CA ASP D 21 -13.42 16.41 -10.48
C ASP D 21 -12.22 15.62 -10.97
N PHE D 22 -11.01 16.16 -10.81
CA PHE D 22 -9.82 15.44 -11.24
C PHE D 22 -9.67 14.12 -10.48
N GLU D 23 -9.91 14.16 -9.17
CA GLU D 23 -9.81 12.95 -8.35
C GLU D 23 -10.77 11.89 -8.85
N LYS D 24 -12.05 12.23 -9.00
CA LYS D 24 -13.02 11.26 -9.48
C LYS D 24 -12.63 10.73 -10.85
N LEU D 25 -12.26 11.63 -11.78
CA LEU D 25 -11.97 11.20 -13.15
C LEU D 25 -10.79 10.25 -13.19
N LEU D 26 -9.72 10.57 -12.45
CA LEU D 26 -8.55 9.69 -12.39
C LEU D 26 -8.87 8.36 -11.72
N ALA D 27 -9.85 8.34 -10.81
CA ALA D 27 -10.23 7.09 -10.17
C ALA D 27 -11.15 6.26 -11.06
N GLY D 28 -11.90 6.90 -11.95
CA GLY D 28 -12.89 6.21 -12.77
C GLY D 28 -14.30 6.60 -12.40
N VAL D 29 -15.12 6.98 -13.39
CA VAL D 29 -16.47 7.46 -13.12
C VAL D 29 -17.48 6.72 -14.00
N ARG D 30 -18.74 6.79 -13.58
CA ARG D 30 -19.81 6.13 -14.30
C ARG D 30 -20.32 7.04 -15.41
N HIS D 31 -20.98 6.41 -16.38
CA HIS D 31 -21.54 7.15 -17.51
C HIS D 31 -22.43 8.30 -17.02
N ASP D 32 -23.38 8.00 -16.15
CA ASP D 32 -24.32 9.02 -15.70
C ASP D 32 -23.60 10.20 -15.08
N TRP D 33 -22.64 9.93 -14.19
CA TRP D 33 -21.90 11.01 -13.55
C TRP D 33 -21.18 11.86 -14.59
N LEU D 34 -20.47 11.23 -15.52
CA LEU D 34 -19.70 11.97 -16.51
C LEU D 34 -20.59 12.83 -17.38
N PHE D 35 -21.68 12.26 -17.88
CA PHE D 35 -22.58 13.02 -18.74
C PHE D 35 -23.22 14.18 -17.98
N GLN D 36 -23.73 13.92 -16.78
CA GLN D 36 -24.33 14.98 -15.98
C GLN D 36 -23.31 16.07 -15.68
N ARG D 37 -22.04 15.70 -15.45
CA ARG D 37 -21.02 16.69 -15.08
C ARG D 37 -20.63 17.55 -16.27
N LEU D 38 -20.50 16.95 -17.45
CA LEU D 38 -20.12 17.69 -18.65
C LEU D 38 -21.32 17.94 -19.57
N GLU D 39 -22.54 17.91 -19.03
CA GLU D 39 -23.73 18.18 -19.82
C GLU D 39 -23.75 19.63 -20.30
N ASN D 40 -23.52 20.57 -19.38
CA ASN D 40 -23.58 22.02 -19.69
C ASN D 40 -22.21 22.52 -20.16
N THR D 41 -21.61 21.94 -21.21
CA THR D 41 -20.31 22.42 -21.69
C THR D 41 -20.42 23.12 -23.05
N GLY D 42 -21.55 23.05 -23.75
CA GLY D 42 -21.68 23.74 -25.02
C GLY D 42 -20.82 23.13 -26.11
N VAL D 43 -20.36 23.98 -27.02
CA VAL D 43 -19.57 23.57 -28.17
C VAL D 43 -18.22 24.27 -28.10
N PHE D 44 -17.18 23.55 -28.51
CA PHE D 44 -15.81 24.05 -28.46
C PHE D 44 -15.34 24.50 -29.83
N LYS D 45 -14.27 25.30 -29.84
CA LYS D 45 -13.65 25.74 -31.07
C LYS D 45 -12.80 24.62 -31.66
N PRO D 46 -12.54 24.65 -32.96
CA PRO D 46 -11.64 23.65 -33.55
C PRO D 46 -10.29 23.66 -32.87
N SER D 47 -9.67 22.49 -32.69
CA SER D 47 -8.41 22.43 -31.91
C SER D 47 -7.27 23.19 -32.61
N GLN D 48 -6.42 23.85 -31.80
CA GLN D 48 -5.21 24.57 -32.29
C GLN D 48 -4.16 23.51 -32.62
N LEU D 49 -3.59 23.53 -33.81
CA LEU D 49 -2.69 22.43 -34.26
C LEU D 49 -1.25 22.89 -34.17
N HIS D 50 -0.32 22.08 -34.67
CA HIS D 50 1.11 22.45 -34.52
C HIS D 50 1.40 23.00 -33.13
N ARG D 51 1.21 22.14 -32.11
CA ARG D 51 1.47 22.60 -30.75
C ARG D 51 1.23 21.43 -29.79
N ALA D 52 1.85 21.55 -28.61
CA ALA D 52 1.72 20.58 -27.53
C ALA D 52 0.81 21.16 -26.46
N HIS D 53 -0.25 20.44 -26.15
CA HIS D 53 -1.23 20.83 -25.17
C HIS D 53 -1.23 19.83 -24.01
N SER D 54 -1.64 20.30 -22.84
CA SER D 54 -1.98 19.41 -21.72
C SER D 54 -3.36 18.82 -21.95
N ALA D 55 -3.55 17.56 -21.55
CA ALA D 55 -4.81 16.91 -21.82
C ALA D 55 -5.06 15.79 -20.83
N LEU D 56 -6.32 15.38 -20.76
CA LEU D 56 -6.73 14.18 -20.06
C LEU D 56 -7.13 13.14 -21.10
N LEU D 57 -6.46 12.00 -21.09
CA LEU D 57 -6.84 10.85 -21.91
C LEU D 57 -7.97 10.12 -21.20
N LEU D 58 -9.08 9.94 -21.90
CA LEU D 58 -10.29 9.32 -21.37
C LEU D 58 -10.54 8.01 -22.10
N LYS D 59 -10.62 6.92 -21.35
CA LYS D 59 -10.93 5.62 -21.90
C LYS D 59 -12.17 5.08 -21.22
N TYR D 60 -12.89 4.21 -21.92
CA TYR D 60 -14.12 3.60 -21.44
C TYR D 60 -14.02 2.10 -21.55
N SER D 61 -14.36 1.40 -20.48
CA SER D 61 -14.41 -0.06 -20.47
C SER D 61 -15.86 -0.49 -20.29
N LYS D 62 -16.39 -1.23 -21.27
CA LYS D 62 -17.73 -1.79 -21.15
C LYS D 62 -17.75 -2.96 -20.18
N LYS D 63 -16.66 -3.73 -20.10
CA LYS D 63 -16.57 -4.84 -19.16
C LYS D 63 -16.72 -4.38 -17.73
N SER D 64 -16.44 -3.10 -17.45
CA SER D 64 -16.69 -2.51 -16.14
C SER D 64 -17.53 -1.25 -16.22
N GLU D 65 -17.95 -0.85 -17.42
CA GLU D 65 -18.79 0.34 -17.62
C GLU D 65 -18.23 1.54 -16.88
N LEU D 66 -16.94 1.78 -17.06
CA LEU D 66 -16.25 2.85 -16.34
C LEU D 66 -15.45 3.73 -17.29
N TRP D 67 -15.51 5.04 -17.03
CA TRP D 67 -14.70 6.03 -17.74
C TRP D 67 -13.55 6.43 -16.83
N THR D 68 -12.32 6.22 -17.30
CA THR D 68 -11.13 6.55 -16.51
C THR D 68 -10.24 7.51 -17.27
N ALA D 69 -9.69 8.48 -16.53
CA ALA D 69 -8.83 9.51 -17.08
C ALA D 69 -7.40 9.35 -16.60
N GLN D 70 -6.47 9.77 -17.47
CA GLN D 70 -5.06 9.86 -17.12
C GLN D 70 -4.51 11.19 -17.64
N GLU D 71 -3.66 11.84 -16.86
CA GLU D 71 -3.01 13.04 -17.34
C GLU D 71 -2.06 12.69 -18.48
N THR D 72 -1.91 13.61 -19.43
CA THR D 72 -0.95 13.38 -20.52
C THR D 72 -0.70 14.67 -21.26
N ILE D 73 0.27 14.62 -22.17
CA ILE D 73 0.58 15.72 -23.07
C ILE D 73 0.36 15.22 -24.49
N VAL D 74 -0.39 15.99 -25.28
CA VAL D 74 -0.64 15.64 -26.67
C VAL D 74 0.05 16.70 -27.53
N TYR D 75 0.46 16.30 -28.73
CA TYR D 75 0.87 17.25 -29.76
C TYR D 75 -0.02 17.01 -30.98
N LEU D 76 -0.54 18.09 -31.54
CA LEU D 76 -1.47 18.02 -32.65
C LEU D 76 -0.72 18.35 -33.94
N GLY D 77 -0.55 17.33 -34.79
CA GLY D 77 0.20 17.49 -36.04
C GLY D 77 -0.69 17.86 -37.21
N ASP D 78 -0.16 17.92 -38.43
CA ASP D 78 -0.88 18.45 -39.62
C ASP D 78 -2.19 17.74 -39.98
N TYR D 79 -3.10 18.43 -40.65
CA TYR D 79 -4.33 17.77 -41.16
C TYR D 79 -3.95 16.66 -42.13
N LEU D 80 -4.72 15.58 -42.15
CA LEU D 80 -4.43 14.43 -43.04
C LEU D 80 -4.79 14.82 -44.48
N ALA D 91 -9.52 15.60 -39.90
CA ALA D 91 -8.63 14.56 -39.37
C ALA D 91 -7.22 15.13 -39.33
N PHE D 92 -6.59 15.09 -38.14
CA PHE D 92 -5.27 15.68 -37.96
C PHE D 92 -4.41 14.74 -37.14
N TRP D 93 -3.12 14.65 -37.49
CA TRP D 93 -2.21 13.77 -36.78
C TRP D 93 -2.13 14.15 -35.30
N VAL D 94 -1.95 13.14 -34.46
CA VAL D 94 -1.84 13.35 -33.02
C VAL D 94 -0.73 12.45 -32.47
N HIS D 95 -0.07 12.93 -31.42
CA HIS D 95 0.95 12.12 -30.74
C HIS D 95 0.88 12.45 -29.26
N HIS D 96 0.50 11.49 -28.43
CA HIS D 96 0.45 11.72 -26.99
C HIS D 96 1.22 10.63 -26.26
N LEU D 97 1.61 10.95 -25.03
CA LEU D 97 2.55 10.12 -24.28
C LEU D 97 1.94 8.83 -23.75
N HIS D 98 0.64 8.60 -23.95
CA HIS D 98 0.01 7.37 -23.50
C HIS D 98 -0.48 6.50 -24.66
N GLN D 99 0.10 6.66 -25.84
CA GLN D 99 -0.25 5.78 -26.95
C GLN D 99 0.08 4.34 -26.59
N GLU D 100 -0.76 3.41 -27.05
CA GLU D 100 -0.45 2.00 -26.87
C GLU D 100 0.75 1.58 -27.72
N GLU D 101 1.03 2.31 -28.80
CA GLU D 101 2.08 1.95 -29.75
C GLU D 101 2.88 3.19 -30.08
N ILE D 102 4.14 3.24 -29.63
CA ILE D 102 4.95 4.44 -29.81
C ILE D 102 5.28 4.65 -31.28
N LEU D 103 5.50 3.57 -32.03
CA LEU D 103 5.86 3.67 -33.43
C LEU D 103 4.65 3.76 -34.36
N GLY D 104 3.45 3.44 -33.87
CA GLY D 104 2.27 3.60 -34.68
C GLY D 104 1.86 5.05 -34.77
N ARG D 105 1.17 5.39 -35.86
CA ARG D 105 0.64 6.73 -36.05
C ARG D 105 -0.79 6.79 -35.56
N TYR D 106 -1.22 7.98 -35.17
CA TYR D 106 -2.57 8.20 -34.65
C TYR D 106 -3.16 9.46 -35.23
N VAL D 107 -4.46 9.42 -35.51
CA VAL D 107 -5.18 10.56 -36.05
C VAL D 107 -6.33 10.89 -35.10
N GLY D 108 -6.58 12.17 -34.92
CA GLY D 108 -7.69 12.64 -34.11
C GLY D 108 -8.62 13.49 -34.95
N LYS D 109 -9.92 13.32 -34.72
CA LYS D 109 -10.95 14.11 -35.36
C LYS D 109 -11.84 14.71 -34.29
N GLN D 114 -21.44 21.93 -33.66
CA GLN D 114 -20.68 20.91 -34.36
C GLN D 114 -20.44 19.69 -33.48
N LYS D 115 -19.69 19.88 -32.39
CA LYS D 115 -19.29 18.81 -31.51
C LYS D 115 -19.75 19.08 -30.09
N GLY D 116 -20.41 18.09 -29.49
CA GLY D 116 -20.73 18.12 -28.08
C GLY D 116 -20.10 16.94 -27.39
N LEU D 117 -19.59 17.17 -26.18
CA LEU D 117 -18.94 16.09 -25.43
C LEU D 117 -19.82 14.84 -25.39
N TRP D 118 -21.14 15.03 -25.31
CA TRP D 118 -22.06 13.91 -25.43
C TRP D 118 -21.76 13.09 -26.67
N HIS D 119 -21.54 13.75 -27.80
CA HIS D 119 -21.35 13.04 -29.06
C HIS D 119 -20.07 12.20 -29.02
N HIS D 120 -18.95 12.80 -28.62
CA HIS D 120 -17.69 12.07 -28.53
C HIS D 120 -17.81 10.87 -27.61
N PHE D 121 -18.31 11.10 -26.39
CA PHE D 121 -18.43 10.01 -25.43
C PHE D 121 -19.34 8.91 -25.94
N THR D 122 -20.50 9.27 -26.51
CA THR D 122 -21.43 8.28 -27.03
C THR D 122 -20.79 7.45 -28.13
N ASP D 123 -20.11 8.11 -29.07
CA ASP D 123 -19.46 7.37 -30.15
C ASP D 123 -18.41 6.41 -29.62
N VAL D 124 -17.65 6.85 -28.61
CA VAL D 124 -16.64 5.95 -28.04
C VAL D 124 -17.33 4.76 -27.37
N GLU D 125 -18.40 5.01 -26.61
CA GLU D 125 -19.08 3.92 -25.93
C GLU D 125 -19.64 2.91 -26.92
N ARG D 126 -20.18 3.40 -28.05
CA ARG D 126 -20.63 2.50 -29.10
C ARG D 126 -19.48 1.66 -29.62
N GLN D 127 -18.37 2.32 -29.98
CA GLN D 127 -17.22 1.62 -30.54
C GLN D 127 -16.72 0.55 -29.58
N MET D 128 -16.70 0.85 -28.29
CA MET D 128 -16.17 -0.10 -27.32
C MET D 128 -17.13 -1.25 -27.05
N THR D 129 -18.44 -1.01 -27.08
CA THR D 129 -19.40 -2.12 -26.98
C THR D 129 -19.22 -3.08 -28.16
N ALA D 130 -19.15 -2.52 -29.37
CA ALA D 130 -18.95 -3.35 -30.55
C ALA D 130 -17.61 -4.07 -30.48
N GLN D 131 -16.58 -3.42 -29.94
CA GLN D 131 -15.27 -4.04 -29.84
C GLN D 131 -15.29 -5.18 -28.82
N HIS D 132 -15.98 -4.99 -27.71
CA HIS D 132 -16.14 -6.09 -26.75
C HIS D 132 -16.74 -7.31 -27.44
N TYR D 133 -17.82 -7.11 -28.19
CA TYR D 133 -18.44 -8.23 -28.89
C TYR D 133 -17.48 -8.85 -29.90
N VAL D 134 -16.77 -8.03 -30.66
CA VAL D 134 -15.84 -8.55 -31.65
C VAL D 134 -14.72 -9.32 -30.97
N THR D 135 -14.30 -8.89 -29.78
CA THR D 135 -13.26 -9.62 -29.04
C THR D 135 -13.75 -11.01 -28.69
N GLU D 136 -14.95 -11.11 -28.13
CA GLU D 136 -15.49 -12.43 -27.78
C GLU D 136 -15.69 -13.29 -29.03
N PHE D 137 -16.13 -12.68 -30.13
CA PHE D 137 -16.32 -13.41 -31.38
C PHE D 137 -15.00 -13.96 -31.89
N ASN D 138 -13.93 -13.16 -31.86
CA ASN D 138 -12.63 -13.64 -32.31
C ASN D 138 -12.08 -14.68 -31.36
N LYS D 139 -12.38 -14.59 -30.07
CA LYS D 139 -12.01 -15.67 -29.16
C LYS D 139 -12.62 -16.97 -29.63
N ARG D 140 -13.94 -16.98 -29.87
CA ARG D 140 -14.59 -18.21 -30.31
C ARG D 140 -14.03 -18.69 -31.65
N LEU D 141 -13.83 -17.77 -32.60
CA LEU D 141 -13.24 -18.12 -33.88
C LEU D 141 -11.91 -18.85 -33.69
N TYR D 142 -10.98 -18.24 -32.93
CA TYR D 142 -9.70 -18.89 -32.64
C TYR D 142 -9.92 -20.26 -32.02
N GLU D 143 -10.84 -20.36 -31.06
CA GLU D 143 -11.14 -21.65 -30.45
C GLU D 143 -11.50 -22.68 -31.50
N GLN D 144 -12.21 -22.26 -32.54
CA GLN D 144 -12.67 -23.19 -33.58
C GLN D 144 -11.73 -23.27 -34.78
N ASN D 145 -10.53 -22.71 -34.66
CA ASN D 145 -9.53 -22.78 -35.73
C ASN D 145 -9.98 -22.05 -37.00
N ILE D 146 -10.74 -20.97 -36.83
CA ILE D 146 -11.21 -20.13 -37.92
C ILE D 146 -10.41 -18.83 -37.88
N PRO D 147 -9.75 -18.43 -38.97
CA PRO D 147 -8.97 -17.19 -38.93
C PRO D 147 -9.86 -15.98 -38.66
N THR D 148 -9.48 -15.17 -37.68
CA THR D 148 -10.21 -13.96 -37.34
C THR D 148 -9.73 -12.84 -38.26
N GLN D 149 -10.55 -12.46 -39.23
CA GLN D 149 -10.20 -11.41 -40.17
C GLN D 149 -10.93 -10.10 -39.89
N ILE D 150 -11.75 -10.03 -38.85
CA ILE D 150 -12.53 -8.85 -38.54
C ILE D 150 -12.12 -8.34 -37.17
N PHE D 151 -11.95 -7.02 -37.07
CA PHE D 151 -11.53 -6.38 -35.84
C PHE D 151 -12.18 -5.00 -35.76
N TYR D 152 -11.94 -4.31 -34.65
CA TYR D 152 -12.51 -2.99 -34.43
C TYR D 152 -11.42 -1.99 -34.09
N ILE D 153 -11.71 -0.72 -34.34
CA ILE D 153 -10.77 0.37 -34.12
C ILE D 153 -10.98 0.89 -32.70
N PRO D 154 -10.04 0.69 -31.78
CA PRO D 154 -10.20 1.27 -30.43
C PRO D 154 -10.09 2.79 -30.49
N SER D 155 -11.12 3.45 -29.97
CA SER D 155 -11.17 4.91 -29.97
C SER D 155 -11.01 5.43 -28.54
N THR D 156 -10.41 6.61 -28.41
CA THR D 156 -10.19 7.21 -27.10
C THR D 156 -10.53 8.68 -27.19
N ILE D 157 -10.62 9.33 -26.03
CA ILE D 157 -10.91 10.76 -26.01
C ILE D 157 -9.73 11.51 -25.42
N LEU D 158 -9.52 12.73 -25.90
CA LEU D 158 -8.55 13.66 -25.32
C LEU D 158 -9.28 14.95 -24.98
N LEU D 159 -9.37 15.27 -23.69
CA LEU D 159 -9.88 16.56 -23.25
C LEU D 159 -8.70 17.52 -23.14
N ILE D 160 -8.65 18.51 -24.03
CA ILE D 160 -7.57 19.48 -24.04
C ILE D 160 -7.85 20.54 -22.98
N LEU D 161 -6.80 20.96 -22.27
CA LEU D 161 -6.99 21.84 -21.13
C LEU D 161 -6.11 23.07 -21.23
N GLU D 162 -6.59 24.16 -20.66
CA GLU D 162 -5.73 25.37 -20.51
C GLU D 162 -5.78 25.56 -19.00
N ASP D 163 -4.66 25.35 -18.31
CA ASP D 163 -4.69 25.34 -16.83
C ASP D 163 -5.61 24.19 -16.44
N LYS D 164 -6.64 24.47 -15.65
CA LYS D 164 -7.54 23.39 -15.20
C LYS D 164 -8.87 23.51 -15.93
N THR D 165 -8.90 24.16 -17.10
CA THR D 165 -10.19 24.38 -17.74
C THR D 165 -10.21 23.69 -19.10
N ILE D 166 -11.32 23.00 -19.39
CA ILE D 166 -11.45 22.31 -20.67
C ILE D 166 -11.58 23.31 -21.79
N LYS D 167 -10.94 23.02 -22.93
CA LYS D 167 -11.00 23.90 -24.08
C LYS D 167 -11.06 23.13 -25.40
N GLY D 168 -11.35 21.84 -25.35
CA GLY D 168 -11.43 21.04 -26.56
C GLY D 168 -11.60 19.56 -26.29
N CYS D 169 -12.18 18.84 -27.25
CA CYS D 169 -12.40 17.40 -27.13
C CYS D 169 -12.08 16.76 -28.47
N ILE D 170 -11.21 15.75 -28.46
CA ILE D 170 -10.74 15.11 -29.68
C ILE D 170 -10.94 13.61 -29.55
N SER D 171 -11.39 12.97 -30.63
CA SER D 171 -11.52 11.52 -30.70
C SER D 171 -10.30 10.98 -31.43
N VAL D 172 -9.57 10.08 -30.77
CA VAL D 172 -8.28 9.60 -31.26
C VAL D 172 -8.42 8.14 -31.66
N GLU D 173 -7.87 7.81 -32.82
CA GLU D 173 -7.87 6.46 -33.36
C GLU D 173 -6.55 6.21 -34.09
N PRO D 174 -6.03 4.99 -34.05
CA PRO D 174 -4.84 4.69 -34.87
C PRO D 174 -5.12 4.85 -36.35
N TYR D 175 -4.08 5.22 -37.10
CA TYR D 175 -4.20 5.36 -38.55
C TYR D 175 -4.13 3.98 -39.19
N ILE D 176 -5.21 3.57 -39.84
CA ILE D 176 -5.27 2.32 -40.58
C ILE D 176 -5.33 2.69 -42.05
N LEU D 177 -4.27 2.36 -42.79
CA LEU D 177 -4.24 2.61 -44.23
C LEU D 177 -5.08 1.54 -44.93
N GLY D 178 -6.13 1.98 -45.62
CA GLY D 178 -7.01 1.07 -46.32
C GLY D 178 -8.16 1.77 -46.99
N VAL D 181 -14.66 0.12 -47.84
CA VAL D 181 -15.23 -1.03 -48.53
C VAL D 181 -16.63 -1.31 -47.98
N LYS D 182 -17.31 -2.26 -48.62
CA LYS D 182 -18.67 -2.63 -48.23
C LYS D 182 -18.68 -4.01 -47.57
N TYR D 194 -14.05 -17.91 -45.69
CA TYR D 194 -15.42 -17.35 -45.70
C TYR D 194 -15.43 -15.95 -46.20
N LYS D 195 -16.52 -15.59 -46.85
CA LYS D 195 -16.68 -14.21 -47.29
C LYS D 195 -16.64 -13.26 -46.11
N ALA D 196 -16.37 -11.99 -46.39
CA ALA D 196 -16.42 -10.97 -45.35
C ALA D 196 -17.83 -10.81 -44.81
N THR D 197 -18.84 -10.87 -45.69
CA THR D 197 -20.22 -10.72 -45.26
C THR D 197 -20.63 -11.86 -44.33
N GLU D 198 -20.17 -13.08 -44.62
CA GLU D 198 -20.45 -14.19 -43.72
C GLU D 198 -19.88 -13.91 -42.33
N TYR D 199 -18.67 -13.37 -42.27
CA TYR D 199 -18.06 -13.02 -40.99
C TYR D 199 -18.90 -11.96 -40.27
N GLY D 200 -19.32 -10.92 -40.99
CA GLY D 200 -20.12 -9.88 -40.37
C GLY D 200 -21.46 -10.37 -39.84
N LEU D 201 -22.15 -11.20 -40.62
CA LEU D 201 -23.47 -11.68 -40.20
C LEU D 201 -23.34 -12.71 -39.08
N ALA D 202 -22.32 -13.57 -39.13
CA ALA D 202 -22.06 -14.46 -38.00
C ALA D 202 -21.73 -13.67 -36.76
N TYR D 203 -21.02 -12.55 -36.91
CA TYR D 203 -20.72 -11.70 -35.76
C TYR D 203 -22.00 -11.07 -35.21
N GLY D 204 -22.92 -10.69 -36.07
CA GLY D 204 -24.21 -10.19 -35.59
C GLY D 204 -24.97 -11.23 -34.79
N HIS D 205 -25.09 -12.44 -35.36
CA HIS D 205 -25.73 -13.54 -34.64
C HIS D 205 -25.02 -13.80 -33.31
N PHE D 206 -23.69 -13.77 -33.32
CA PHE D 206 -22.92 -13.95 -32.09
C PHE D 206 -23.29 -12.90 -31.07
N SER D 207 -23.12 -11.63 -31.41
CA SER D 207 -23.45 -10.56 -30.50
C SER D 207 -24.86 -10.75 -29.92
N TYR D 208 -25.77 -11.28 -30.74
CA TYR D 208 -27.12 -11.54 -30.24
C TYR D 208 -27.09 -12.61 -29.14
N GLU D 209 -26.40 -13.72 -29.41
CA GLU D 209 -26.39 -14.83 -28.46
C GLU D 209 -25.60 -14.49 -27.20
N PHE D 210 -24.34 -14.12 -27.37
CA PHE D 210 -23.48 -13.80 -26.22
C PHE D 210 -24.07 -12.71 -25.34
N SER D 211 -24.93 -11.86 -25.89
CA SER D 211 -25.51 -10.75 -25.14
C SER D 211 -26.77 -11.14 -24.37
N ASN D 212 -27.15 -12.42 -24.40
CA ASN D 212 -28.35 -12.90 -23.72
C ASN D 212 -29.62 -12.32 -24.35
N HIS D 213 -29.62 -12.23 -25.70
CA HIS D 213 -30.79 -11.77 -26.45
C HIS D 213 -31.17 -10.34 -26.06
N ARG D 214 -30.16 -9.51 -25.82
CA ARG D 214 -30.36 -8.10 -25.50
C ARG D 214 -29.84 -7.18 -26.59
N ASP D 215 -28.80 -7.60 -27.32
CA ASP D 215 -28.10 -6.72 -28.24
C ASP D 215 -27.90 -7.41 -29.58
N VAL D 216 -27.79 -6.58 -30.63
CA VAL D 216 -27.48 -7.05 -31.97
C VAL D 216 -26.61 -5.97 -32.60
N VAL D 217 -25.40 -6.35 -33.01
CA VAL D 217 -24.49 -5.44 -33.70
C VAL D 217 -24.51 -5.78 -35.18
N VAL D 218 -24.73 -4.77 -36.02
CA VAL D 218 -24.69 -4.94 -37.46
C VAL D 218 -23.75 -3.89 -38.03
N ASP D 219 -22.79 -4.33 -38.84
CA ASP D 219 -21.85 -3.43 -39.50
C ASP D 219 -21.36 -4.17 -40.73
N LEU D 220 -21.69 -3.65 -41.92
CA LEU D 220 -21.39 -4.33 -43.18
C LEU D 220 -20.53 -3.49 -44.10
N GLN D 221 -19.83 -2.49 -43.55
CA GLN D 221 -18.87 -1.69 -44.31
C GLN D 221 -17.58 -1.60 -43.50
N GLY D 222 -16.47 -1.44 -44.23
CA GLY D 222 -15.16 -1.37 -43.61
C GLY D 222 -14.29 -0.27 -44.16
N GLY D 228 -6.04 -5.87 -50.45
CA GLY D 228 -7.38 -6.32 -50.17
C GLY D 228 -7.43 -7.65 -49.44
N LYS D 229 -6.28 -8.22 -49.13
CA LYS D 229 -6.24 -9.47 -48.37
C LYS D 229 -5.93 -9.12 -46.95
N GLY D 230 -5.83 -7.82 -46.68
CA GLY D 230 -5.53 -7.37 -45.34
C GLY D 230 -6.67 -7.60 -44.37
N LEU D 231 -6.48 -7.17 -43.14
CA LEU D 231 -7.55 -7.32 -42.15
C LEU D 231 -8.66 -6.31 -42.42
N ILE D 232 -9.87 -6.67 -42.01
CA ILE D 232 -11.04 -5.83 -42.19
C ILE D 232 -11.39 -5.20 -40.85
N TYR D 233 -11.40 -3.87 -40.81
CA TYR D 233 -11.86 -3.13 -39.64
C TYR D 233 -13.27 -2.61 -39.88
N LEU D 234 -14.01 -2.42 -38.79
CA LEU D 234 -15.41 -2.03 -38.86
C LEU D 234 -15.57 -0.52 -38.67
N THR D 235 -16.73 -0.02 -39.08
CA THR D 235 -16.98 1.41 -39.08
C THR D 235 -18.49 1.64 -39.11
N ASP D 236 -18.95 2.58 -38.30
CA ASP D 236 -20.37 2.92 -38.21
C ASP D 236 -21.20 1.69 -37.84
N PRO D 237 -20.90 1.02 -36.73
CA PRO D 237 -21.77 -0.08 -36.30
C PRO D 237 -23.10 0.42 -35.78
N GLN D 238 -24.14 -0.37 -36.00
CA GLN D 238 -25.49 -0.09 -35.51
C GLN D 238 -25.79 -1.14 -34.46
N ILE D 239 -26.12 -0.70 -33.25
CA ILE D 239 -26.38 -1.60 -32.14
C ILE D 239 -27.85 -1.47 -31.77
N HIS D 240 -28.64 -2.49 -32.08
CA HIS D 240 -30.01 -2.58 -31.63
C HIS D 240 -30.02 -3.24 -30.26
N SER D 241 -30.86 -2.75 -29.36
CA SER D 241 -30.93 -3.33 -28.03
C SER D 241 -32.30 -3.08 -27.42
N VAL D 242 -32.75 -4.06 -26.62
CA VAL D 242 -33.94 -3.90 -25.81
C VAL D 242 -33.73 -2.93 -24.66
N ASP D 243 -32.48 -2.65 -24.29
CA ASP D 243 -32.14 -1.68 -23.26
C ASP D 243 -31.48 -0.48 -23.94
N GLN D 244 -32.24 0.60 -24.10
CA GLN D 244 -31.73 1.74 -24.86
C GLN D 244 -30.62 2.45 -24.10
N LYS D 245 -29.50 2.65 -24.78
CA LYS D 245 -28.41 3.48 -24.30
C LYS D 245 -28.30 4.71 -25.19
N VAL D 246 -27.40 5.62 -24.83
CA VAL D 246 -27.18 6.80 -25.66
C VAL D 246 -26.60 6.42 -27.01
N PHE D 247 -26.04 5.21 -27.14
CA PHE D 247 -25.39 4.79 -28.37
C PHE D 247 -26.18 3.75 -29.16
N THR D 248 -27.24 3.18 -28.58
CA THR D 248 -28.06 2.24 -29.32
C THR D 248 -28.89 2.98 -30.36
N THR D 249 -29.50 2.21 -31.26
CA THR D 249 -30.38 2.79 -32.25
C THR D 249 -31.77 3.00 -31.66
N ASN D 250 -32.63 3.67 -32.42
CA ASN D 250 -34.01 3.93 -32.04
C ASN D 250 -34.97 2.82 -32.46
N PHE D 251 -34.45 1.68 -32.92
CA PHE D 251 -35.29 0.60 -33.42
C PHE D 251 -35.44 -0.56 -32.44
N GLY D 252 -34.43 -0.81 -31.61
CA GLY D 252 -34.56 -1.83 -30.59
C GLY D 252 -34.95 -3.18 -31.17
N LYS D 253 -35.95 -3.81 -30.55
CA LYS D 253 -36.33 -5.16 -30.93
C LYS D 253 -36.71 -5.25 -32.41
N ARG D 254 -37.34 -4.20 -32.95
CA ARG D 254 -37.59 -4.15 -34.38
C ARG D 254 -36.31 -4.42 -35.14
N GLY D 255 -35.30 -3.58 -34.93
CA GLY D 255 -34.01 -3.85 -35.55
C GLY D 255 -33.56 -5.29 -35.38
N ILE D 256 -33.67 -5.81 -34.16
CA ILE D 256 -33.27 -7.19 -33.89
C ILE D 256 -34.00 -8.13 -34.85
N PHE D 257 -35.34 -8.04 -34.87
CA PHE D 257 -36.11 -8.88 -35.77
C PHE D 257 -35.64 -8.69 -37.20
N TYR D 258 -35.52 -7.44 -37.64
CA TYR D 258 -35.08 -7.18 -39.00
C TYR D 258 -33.81 -7.96 -39.31
N PHE D 259 -32.84 -7.93 -38.38
CA PHE D 259 -31.56 -8.57 -38.65
C PHE D 259 -31.74 -10.03 -39.00
N PHE D 260 -32.58 -10.74 -38.26
CA PHE D 260 -32.74 -12.16 -38.51
C PHE D 260 -33.76 -12.44 -39.60
N ASN D 261 -34.58 -11.46 -39.99
CA ASN D 261 -35.66 -11.68 -40.94
C ASN D 261 -35.26 -11.33 -42.36
N ASN D 262 -34.49 -10.27 -42.55
CA ASN D 262 -34.11 -9.81 -43.88
C ASN D 262 -32.61 -9.79 -44.12
N GLN D 263 -31.80 -9.50 -43.10
CA GLN D 263 -30.37 -9.31 -43.31
C GLN D 263 -29.59 -10.60 -43.12
N HIS D 264 -30.01 -11.45 -42.20
CA HIS D 264 -29.36 -12.74 -41.91
C HIS D 264 -30.45 -13.79 -41.96
N VAL D 265 -30.92 -14.09 -43.18
CA VAL D 265 -32.07 -14.98 -43.34
C VAL D 265 -31.73 -16.38 -42.83
N GLU D 266 -30.63 -16.94 -43.29
CA GLU D 266 -30.15 -18.24 -42.83
C GLU D 266 -28.67 -18.15 -42.50
N CYS D 267 -28.24 -19.03 -41.60
CA CYS D 267 -26.89 -18.98 -41.07
C CYS D 267 -25.87 -19.49 -42.08
N ASN D 268 -24.63 -19.03 -41.94
CA ASN D 268 -23.50 -19.52 -42.71
C ASN D 268 -22.75 -20.57 -41.89
N GLU D 269 -21.64 -21.05 -42.45
CA GLU D 269 -20.88 -22.10 -41.80
C GLU D 269 -20.26 -21.64 -40.48
N ILE D 270 -19.91 -20.35 -40.38
CA ILE D 270 -19.33 -19.86 -39.13
C ILE D 270 -20.34 -19.98 -37.99
N CYS D 271 -21.59 -19.60 -38.24
CA CYS D 271 -22.62 -19.70 -37.22
C CYS D 271 -22.73 -21.12 -36.69
N HIS D 272 -22.88 -22.10 -37.59
CA HIS D 272 -23.01 -23.48 -37.17
C HIS D 272 -21.76 -23.95 -36.45
N ARG D 273 -20.58 -23.48 -36.88
CA ARG D 273 -19.36 -23.87 -36.21
C ARG D 273 -19.24 -23.22 -34.83
N LEU D 274 -19.91 -22.10 -34.62
CA LEU D 274 -19.94 -21.47 -33.30
C LEU D 274 -21.15 -21.91 -32.48
N SER D 275 -21.88 -22.91 -32.95
CA SER D 275 -23.04 -23.43 -32.22
C SER D 275 -24.09 -22.36 -31.95
N LEU D 276 -24.19 -21.38 -32.83
CA LEU D 276 -25.20 -20.34 -32.70
C LEU D 276 -26.55 -20.85 -33.21
N THR D 277 -27.60 -20.60 -32.44
CA THR D 277 -28.93 -21.10 -32.75
C THR D 277 -29.83 -19.97 -33.23
N ARG D 278 -30.71 -20.28 -34.19
CA ARG D 278 -31.65 -19.28 -34.69
C ARG D 278 -32.78 -19.07 -33.70
N PRO D 279 -33.17 -17.83 -33.43
CA PRO D 279 -34.31 -17.58 -32.54
C PRO D 279 -35.63 -17.62 -33.28
N SER D 280 -36.69 -17.82 -32.50
CA SER D 280 -38.07 -17.77 -32.99
C SER D 280 -38.71 -16.49 -32.48
N MET D 281 -39.08 -15.60 -33.39
CA MET D 281 -39.62 -14.30 -33.02
C MET D 281 -40.57 -13.82 -34.10
N GLU D 282 -41.55 -13.00 -33.69
CA GLU D 282 -42.52 -12.41 -34.59
C GLU D 282 -42.25 -10.92 -34.74
N LYS D 283 -42.54 -10.41 -35.94
CA LYS D 283 -42.27 -9.01 -36.21
C LYS D 283 -43.06 -8.13 -35.24
N PRO D 284 -42.42 -7.18 -34.56
CA PRO D 284 -43.16 -6.30 -33.65
C PRO D 284 -44.04 -5.32 -34.42
N CYS D 285 -44.88 -4.62 -33.67
CA CYS D 285 -45.74 -3.58 -34.23
C CYS D 285 -45.35 -2.21 -33.65
O3B CDP E . 13.76 7.68 20.89
PB CDP E . 13.37 6.24 20.87
O1B CDP E . 13.30 5.73 19.47
O2B CDP E . 14.47 5.37 21.71
O3A CDP E . 11.86 6.05 21.56
PA CDP E . 11.44 6.61 23.05
O1A CDP E . 12.65 6.78 23.90
O2A CDP E . 10.73 7.91 22.91
O5' CDP E . 10.45 5.47 23.75
C5' CDP E . 9.17 5.28 23.20
C4' CDP E . 8.27 4.98 24.36
O4' CDP E . 8.70 3.98 25.00
C3' CDP E . 8.28 6.28 25.40
O3' CDP E . 6.94 6.84 25.47
C2' CDP E . 8.63 5.85 26.55
O2' CDP E . 7.75 6.46 27.60
C1' CDP E . 8.40 4.30 26.48
N1 CDP E . 9.25 3.68 27.26
C2 CDP E . 8.77 2.85 28.17
O2 CDP E . 7.62 2.68 28.27
N3 CDP E . 9.57 2.19 28.98
C4 CDP E . 10.87 2.35 28.91
N4 CDP E . 11.74 1.60 29.83
C5 CDP E . 11.40 3.21 27.97
C6 CDP E . 10.53 3.89 27.13
O7 A1L1P F . 10.93 1.86 21.72
C7 A1L1P F . 11.31 2.01 23.04
C6 A1L1P F . 12.65 1.34 23.23
O6 A1L1P F . 13.07 1.58 24.55
C5 A1L1P F . 13.62 1.94 22.24
O5 A1L1P F . 13.54 3.38 22.34
C1 A1L1P F . 14.52 4.05 21.46
C2 A1L1P F . 15.95 3.55 21.69
O2 A1L1P F . 16.38 3.89 23.02
C3 A1L1P F . 16.01 2.11 21.56
O3 A1L1P F . 17.38 1.68 21.86
C4 A1L1P F . 15.05 1.46 22.50
O4 A1L1P F . 15.12 0.07 22.29
ZN ZN G . -23.45 -7.27 3.76
O3B CDP H . 14.52 -14.61 -31.05
PB CDP H . 15.17 -13.33 -30.63
O1B CDP H . 16.08 -12.81 -31.69
O2B CDP H . 16.06 -13.56 -29.28
O3A CDP H . 13.96 -12.22 -30.34
PA CDP H . 14.22 -10.62 -30.03
O1A CDP H . 15.56 -10.36 -29.46
O2A CDP H . 14.09 -9.84 -31.30
O5' CDP H . 13.05 -10.17 -28.93
C5' CDP H . 11.72 -10.07 -29.38
C4' CDP H . 11.09 -8.94 -28.63
O4' CDP H . 11.26 -9.10 -27.39
C3' CDP H . 11.88 -7.54 -29.08
O3' CDP H . 10.91 -6.60 -29.62
C2' CDP H . 12.44 -7.09 -28.04
O2' CDP H . 12.40 -5.59 -28.03
C1' CDP H . 11.60 -7.69 -26.86
N1 CDP H . 12.30 -7.77 -25.76
C2 CDP H . 11.81 -7.23 -24.66
O2 CDP H . 10.75 -6.70 -24.71
N3 CDP H . 12.44 -7.27 -23.51
C4 CDP H . 13.61 -7.85 -23.43
N4 CDP H . 14.31 -7.88 -22.14
C5 CDP H . 14.16 -8.43 -24.56
C6 CDP H . 13.46 -8.37 -25.75
O7 A1L1P I . 11.57 -13.83 -27.03
C7 A1L1P I . 12.29 -12.82 -26.42
C6 A1L1P I . 13.29 -13.49 -25.51
O6 A1L1P I . 14.08 -12.48 -24.93
C5 A1L1P I . 14.14 -14.38 -26.38
O5 A1L1P I . 14.66 -13.57 -27.47
C1 A1L1P I . 15.55 -14.37 -28.33
C2 A1L1P I . 16.70 -14.97 -27.54
O2 A1L1P I . 17.50 -13.92 -26.98
C3 A1L1P I . 16.17 -15.79 -26.46
O3 A1L1P I . 17.29 -16.36 -25.69
C4 A1L1P I . 15.29 -14.98 -25.58
O4 A1L1P I . 14.75 -15.84 -24.61
ZN ZN J . -26.42 -17.16 -37.91
#